data_1M2V
#
_entry.id   1M2V
#
_cell.length_a   90.309
_cell.length_b   126.371
_cell.length_c   180.200
_cell.angle_alpha   90.00
_cell.angle_beta   90.00
_cell.angle_gamma   90.00
#
_symmetry.space_group_name_H-M   'P 21 21 21'
#
loop_
_entity.id
_entity.type
_entity.pdbx_description
1 polymer 'protein transport protein SEC23'
2 polymer 'protein transport protein SEC24'
3 non-polymer 'ZINC ION'
4 water water
#
loop_
_entity_poly.entity_id
_entity_poly.type
_entity_poly.pdbx_seq_one_letter_code
_entity_poly.pdbx_strand_id
1 'polypeptide(L)'
;MDFETNEDINGVRFTWNVFPSTRSDANSNVVPVGCLYTPLKEYDELNVAPYNPVVCSGPHCKSILNPYCVIDPRNSSWSC
PICNSRNHLPPQYTNLSQENMPLELQSTTIEYITNKPVTVPPIFFFVVDLTSETENLDSLKESIITSLSLLPPNALIGLI
TYGNVVQLHDLSSETIDRCNVFRGDREYQLEALTEMLTGQKPTGPGGAASHLPNAMNKVTPFSLNRFFLPLEQVEFKLNQ
LLENLSPDQWSVPAGHRPLRATGSALNIASLLLQGCYKNIPARIILFASGPGTVAPGLIVNSELKDPLRSHHDIDSDHAQ
HYKKACKFYNQIAQRVAANGHTVDIFAGCYDQIGMSEMKQLTDSTGGVLLLTDAFSTAIFKQSYLRLFAKDEEGYLKMAF
NGNMAVKTSKDLKVQGLIGHASAVKKTDANNISESEIGIGATSTWKMASLSPYHSYAIFFEIANTAANSNPMMSAPGSAD
RPHLAYTQFITTYQHSSGTNRIRVTTVANQLLPFGTPAIAASFDQEAAAVLMARIAVHKAETDDGADVIRWLDRTLIKLC
QKYADYNKDDPQSFRLAPNFSLYPQFTYYLRRSQFLSVFNNSPDETAFYRHIFTREDTTNSLIMIQPTLTSFSMEDDPQP
VLLDSISVKPNTILLLDTFFFILIYHGEQIAQWRKAGYQDDPQYADFKALLEEPKLEAAELLVDRFPLPRFIDTEAGGSQ
ARFLLSKLNPSDNYQDMARGGSTIVLTDDVSLQNFMTHLQQVAVSGQA
;
A
2 'polypeptide(L)'
;MSHHKKRVYPQAQLQYGQNATPLQQPAQFMPPQDPAAAGMSYGQMGMPPQGAVPSMGQQQFLTPAQEQLHQQIDQATTSM
NDMHLHNVPLVDPNAYMQPQVPVQMGTPLQQQQQPMAAPAYGQPSAAMGQNMRPMNQLYPIDLLTELPPPITDLTLPPPP
LVIPPERMLVPSELSNASPDYIRSTLNAVPKNSSLLKKSKLPFGLVIRPYQHLYDDIDPPPLNEDGLIVRCRRCRSYMNP
FVTFIEQGRRWRCNFCRLANDVPMQMDQSDPNDPKSRYDRNEIKCAVMEYMAPKEYTLRQPPPATYCFLIDVSQSSIKSG
LLATTINTLLQNLDSIPNHDERTRISILCVDNAIHYFKIPLDSENNEESADQINMMDIADLEEPFLPRPNSMVVSLKACR
QNIETLLTKIPQIFQSNLITNFALGPALKSAYHLIGGVGGKIIVVSGTLPNLGIGKLQRRNESGVVNTSKETAQLLSCQD
SFYKNFTIDCSKVQITVDLFLASEDYMDVASLSNLSRFTAGQTHFYPGFSGKNPNDIVKFSTEFAKHISMDFCMETVMRA
RGSTGLRMSRFYGHFFNRSSDLCAFSTMPRDQSYLFEVNVDESIMADYCYVQVAVLLSLNNSQRRIRIITLAMPTTESLA
EVYASADQLAIASFYNSKAVEKALNSSLDDARVLINKSVQDILATYKKEIVVSNTAGGAPLRLCANLRMFPLLMHSLTKH
MAFRSGIVPSDHRASALNNLESLPLKYLIKNIYPDVYSLHDMADEAGLPVQTEDGEATGTIVLPQPINATSSLFERYGLY
LIDNGNELFLWMGGDAVPALVFDVFGTQDIFDIPIGKQEIPVVENSEFNQRVRNIINQLRNHDDVITYQSLYIVRGASLS
EPVNHASAREVATLRLWASSTLVEDKILNNESYREFLQIMKARISK
;
B
#
loop_
_chem_comp.id
_chem_comp.type
_chem_comp.name
_chem_comp.formula
ZN non-polymer 'ZINC ION' 'Zn 2'
#
# COMPACT_ATOMS: atom_id res chain seq x y z
N ASP A 2 -32.85 7.86 54.61
CA ASP A 2 -31.46 7.49 55.00
C ASP A 2 -30.46 7.66 53.86
N PHE A 3 -29.32 6.99 53.99
CA PHE A 3 -28.25 7.02 53.00
C PHE A 3 -28.63 6.16 51.81
N GLU A 4 -29.15 4.97 52.09
CA GLU A 4 -29.56 4.04 51.05
C GLU A 4 -30.80 4.52 50.32
N THR A 5 -31.72 5.12 51.07
CA THR A 5 -32.97 5.61 50.49
C THR A 5 -32.71 6.55 49.32
N ASN A 6 -32.10 7.69 49.61
CA ASN A 6 -31.81 8.69 48.60
C ASN A 6 -31.11 8.08 47.36
N GLU A 7 -30.26 7.09 47.58
CA GLU A 7 -29.56 6.44 46.46
C GLU A 7 -30.54 5.52 45.70
N ASP A 8 -31.38 4.80 46.44
CA ASP A 8 -32.36 3.91 45.82
C ASP A 8 -33.36 4.69 44.99
N ILE A 9 -33.62 5.91 45.41
CA ILE A 9 -34.58 6.77 44.76
C ILE A 9 -34.00 7.77 43.75
N ASN A 10 -32.76 8.20 43.97
CA ASN A 10 -32.16 9.16 43.06
C ASN A 10 -30.76 8.79 42.59
N GLY A 11 -30.24 7.66 43.08
CA GLY A 11 -28.90 7.28 42.69
C GLY A 11 -27.95 8.41 43.03
N VAL A 12 -28.12 8.97 44.22
CA VAL A 12 -27.28 10.07 44.67
C VAL A 12 -26.81 9.83 46.10
N ARG A 13 -25.52 10.03 46.33
CA ARG A 13 -24.98 9.87 47.66
C ARG A 13 -24.02 10.99 48.05
N PHE A 14 -24.48 11.84 48.97
CA PHE A 14 -23.67 12.96 49.43
C PHE A 14 -22.74 12.60 50.58
N THR A 15 -21.56 13.20 50.59
CA THR A 15 -20.62 12.97 51.67
C THR A 15 -21.29 13.52 52.95
N TRP A 16 -21.79 14.75 52.87
CA TRP A 16 -22.46 15.38 53.99
C TRP A 16 -23.91 15.61 53.59
N ASN A 17 -24.84 15.01 54.34
CA ASN A 17 -26.24 15.14 54.03
C ASN A 17 -26.93 16.38 54.58
N VAL A 18 -26.21 17.15 55.37
CA VAL A 18 -26.70 18.42 55.89
C VAL A 18 -25.49 19.31 55.66
N PHE A 19 -25.61 20.24 54.70
CA PHE A 19 -24.50 21.13 54.35
C PHE A 19 -24.20 22.17 55.41
N PRO A 20 -22.93 22.60 55.51
CA PRO A 20 -22.56 23.62 56.49
C PRO A 20 -23.21 24.89 55.94
N SER A 21 -23.47 25.88 56.78
CA SER A 21 -24.12 27.09 56.27
C SER A 21 -23.18 28.14 55.68
N THR A 22 -21.87 27.91 55.76
CA THR A 22 -20.91 28.87 55.22
C THR A 22 -19.67 28.15 54.72
N ARG A 23 -18.94 28.79 53.80
CA ARG A 23 -17.72 28.19 53.25
C ARG A 23 -16.64 27.87 54.30
N SER A 24 -16.58 28.66 55.37
CA SER A 24 -15.61 28.43 56.45
C SER A 24 -15.87 27.07 57.07
N ASP A 25 -17.15 26.82 57.34
CA ASP A 25 -17.61 25.57 57.95
C ASP A 25 -17.27 24.39 57.05
N ALA A 26 -17.60 24.51 55.76
CA ALA A 26 -17.34 23.44 54.82
C ALA A 26 -15.86 23.07 54.78
N ASN A 27 -14.98 24.05 55.01
CA ASN A 27 -13.54 23.79 55.00
C ASN A 27 -13.12 23.10 56.28
N SER A 28 -13.74 23.49 57.39
CA SER A 28 -13.41 22.90 58.68
C SER A 28 -13.90 21.44 58.69
N ASN A 29 -14.72 21.07 57.71
CA ASN A 29 -15.22 19.71 57.59
C ASN A 29 -14.26 18.82 56.81
N VAL A 30 -13.23 19.43 56.22
CA VAL A 30 -12.22 18.68 55.48
C VAL A 30 -12.77 17.98 54.24
N VAL A 31 -13.56 16.93 54.43
CA VAL A 31 -14.15 16.23 53.31
C VAL A 31 -15.11 17.21 52.63
N PRO A 32 -14.91 17.47 51.33
CA PRO A 32 -15.77 18.38 50.59
C PRO A 32 -17.26 17.96 50.57
N VAL A 33 -18.11 18.92 50.24
CA VAL A 33 -19.54 18.68 50.11
C VAL A 33 -19.62 18.24 48.66
N GLY A 34 -19.95 16.97 48.44
CA GLY A 34 -20.04 16.49 47.08
C GLY A 34 -20.84 15.23 47.05
N CYS A 35 -21.17 14.75 45.87
CA CYS A 35 -21.91 13.52 45.80
C CYS A 35 -21.48 12.67 44.64
N LEU A 36 -21.90 11.42 44.70
CA LEU A 36 -21.62 10.47 43.66
C LEU A 36 -22.99 10.23 43.04
N TYR A 37 -23.14 10.56 41.76
CA TYR A 37 -24.40 10.43 41.06
C TYR A 37 -24.33 9.41 39.92
N THR A 38 -25.44 8.72 39.71
CA THR A 38 -25.55 7.72 38.64
C THR A 38 -26.80 8.10 37.84
N PRO A 39 -26.65 9.04 36.89
CA PRO A 39 -27.76 9.52 36.06
C PRO A 39 -28.62 8.45 35.37
N LEU A 40 -27.99 7.43 34.80
CA LEU A 40 -28.75 6.40 34.11
C LEU A 40 -28.89 5.15 34.94
N LYS A 41 -29.04 5.36 36.24
CA LYS A 41 -29.22 4.26 37.16
C LYS A 41 -30.54 3.58 36.82
N GLU A 42 -30.60 2.27 36.95
CA GLU A 42 -31.84 1.59 36.67
C GLU A 42 -32.72 1.49 37.92
N TYR A 43 -33.99 1.81 37.75
CA TYR A 43 -34.95 1.72 38.84
C TYR A 43 -36.01 0.77 38.35
N ASP A 44 -36.53 -0.08 39.23
CA ASP A 44 -37.57 -1.02 38.84
C ASP A 44 -38.86 -0.29 38.50
N GLU A 45 -38.96 0.96 38.94
CA GLU A 45 -40.17 1.74 38.70
C GLU A 45 -39.93 3.18 38.23
N LEU A 46 -39.06 3.37 37.24
CA LEU A 46 -38.76 4.73 36.74
C LEU A 46 -39.89 5.36 35.95
N ASN A 47 -40.18 6.63 36.24
CA ASN A 47 -41.24 7.33 35.54
C ASN A 47 -40.69 8.03 34.31
N VAL A 48 -41.31 7.75 33.16
CA VAL A 48 -40.92 8.35 31.89
C VAL A 48 -42.05 9.22 31.36
N ALA A 49 -41.78 10.50 31.13
CA ALA A 49 -42.79 11.41 30.63
C ALA A 49 -42.71 11.46 29.12
N PRO A 50 -43.75 10.95 28.42
CA PRO A 50 -43.69 11.00 26.95
C PRO A 50 -43.93 12.43 26.49
N TYR A 51 -43.10 13.36 26.95
CA TYR A 51 -43.22 14.75 26.56
C TYR A 51 -42.08 15.56 27.10
N ASN A 52 -41.93 16.78 26.60
CA ASN A 52 -40.85 17.65 27.03
C ASN A 52 -41.05 18.27 28.38
N PRO A 53 -39.95 18.63 29.06
CA PRO A 53 -39.99 19.24 30.39
C PRO A 53 -40.50 20.67 30.35
N VAL A 54 -41.02 21.11 31.49
CA VAL A 54 -41.51 22.48 31.65
C VAL A 54 -40.31 23.23 32.22
N VAL A 55 -39.65 24.03 31.38
CA VAL A 55 -38.48 24.78 31.83
C VAL A 55 -38.79 26.13 32.47
N CYS A 56 -37.91 26.57 33.35
CA CYS A 56 -38.08 27.83 34.04
C CYS A 56 -37.86 29.03 33.12
N SER A 57 -38.76 30.00 33.23
CA SER A 57 -38.68 31.22 32.42
C SER A 57 -37.62 32.20 32.93
N GLY A 58 -37.24 32.06 34.19
CA GLY A 58 -36.24 32.95 34.77
C GLY A 58 -35.07 33.15 33.83
N PRO A 59 -34.56 34.39 33.71
CA PRO A 59 -33.43 34.65 32.82
C PRO A 59 -32.22 33.82 33.24
N HIS A 60 -31.55 33.21 32.28
CA HIS A 60 -30.37 32.42 32.60
C HIS A 60 -30.60 31.26 33.60
N CYS A 61 -31.75 30.61 33.55
CA CYS A 61 -32.00 29.50 34.47
C CYS A 61 -32.01 28.11 33.81
N LYS A 62 -33.05 27.82 33.04
CA LYS A 62 -33.15 26.54 32.35
C LYS A 62 -33.36 25.33 33.26
N SER A 63 -33.72 25.56 34.51
CA SER A 63 -33.97 24.46 35.41
C SER A 63 -35.37 23.93 35.14
N ILE A 64 -35.59 22.64 35.38
CA ILE A 64 -36.87 22.02 35.10
C ILE A 64 -37.80 21.82 36.31
N LEU A 65 -39.09 22.03 36.09
CA LEU A 65 -40.14 21.86 37.11
C LEU A 65 -39.89 20.57 37.85
N ASN A 66 -40.15 20.58 39.16
CA ASN A 66 -39.90 19.40 39.99
C ASN A 66 -40.69 19.47 41.29
N PRO A 67 -40.65 18.38 42.09
CA PRO A 67 -41.36 18.27 43.38
C PRO A 67 -41.03 19.34 44.43
N TYR A 68 -39.89 20.00 44.30
CA TYR A 68 -39.55 21.01 45.28
C TYR A 68 -39.98 22.42 44.87
N CYS A 69 -40.75 22.50 43.79
CA CYS A 69 -41.24 23.79 43.30
C CYS A 69 -42.46 24.21 44.11
N VAL A 70 -42.66 25.52 44.24
CA VAL A 70 -43.80 26.06 44.99
C VAL A 70 -45.00 26.17 44.05
N ILE A 71 -45.88 25.18 44.08
CA ILE A 71 -47.05 25.16 43.22
C ILE A 71 -48.22 25.98 43.73
N ASP A 72 -48.58 27.01 42.96
CA ASP A 72 -49.67 27.91 43.30
C ASP A 72 -50.87 27.64 42.40
N PRO A 73 -51.82 26.80 42.84
CA PRO A 73 -53.01 26.47 42.06
C PRO A 73 -53.91 27.66 41.72
N ARG A 74 -54.26 28.47 42.71
CA ARG A 74 -55.13 29.63 42.49
C ARG A 74 -54.58 30.52 41.38
N ASN A 75 -53.37 31.02 41.57
CA ASN A 75 -52.74 31.88 40.56
C ASN A 75 -52.16 30.99 39.45
N SER A 76 -52.36 29.67 39.59
CA SER A 76 -51.84 28.70 38.63
C SER A 76 -50.45 29.13 38.18
N SER A 77 -49.48 28.93 39.08
CA SER A 77 -48.09 29.30 38.82
C SER A 77 -47.17 28.54 39.77
N TRP A 78 -45.93 28.33 39.35
CA TRP A 78 -44.95 27.62 40.16
C TRP A 78 -43.69 28.45 40.38
N SER A 79 -43.12 28.31 41.58
CA SER A 79 -41.90 29.03 41.94
C SER A 79 -40.70 28.10 41.80
N CYS A 80 -39.63 28.62 41.23
CA CYS A 80 -38.42 27.83 41.01
C CYS A 80 -37.45 27.83 42.17
N PRO A 81 -37.12 26.64 42.69
CA PRO A 81 -36.20 26.46 43.82
C PRO A 81 -34.78 26.93 43.46
N ILE A 82 -34.32 26.52 42.29
CA ILE A 82 -33.00 26.88 41.83
C ILE A 82 -32.80 28.39 41.72
N CYS A 83 -33.40 29.02 40.72
CA CYS A 83 -33.26 30.47 40.51
C CYS A 83 -34.29 31.38 41.20
N ASN A 84 -35.36 30.79 41.73
CA ASN A 84 -36.39 31.52 42.47
C ASN A 84 -37.27 32.56 41.79
N SER A 85 -37.98 32.17 40.76
CA SER A 85 -38.87 33.11 40.09
C SER A 85 -40.21 32.43 39.91
N ARG A 86 -41.28 33.23 39.83
CA ARG A 86 -42.61 32.67 39.64
C ARG A 86 -42.79 32.51 38.15
N ASN A 87 -43.26 31.33 37.76
CA ASN A 87 -43.45 31.02 36.36
C ASN A 87 -44.90 30.66 36.09
N HIS A 88 -45.39 31.01 34.91
CA HIS A 88 -46.75 30.69 34.56
C HIS A 88 -46.87 29.20 34.39
N LEU A 89 -47.64 28.55 35.26
CA LEU A 89 -47.82 27.13 35.15
C LEU A 89 -48.46 27.02 33.76
N PRO A 90 -48.00 26.08 32.92
CA PRO A 90 -48.58 25.92 31.58
C PRO A 90 -50.06 25.55 31.54
N PRO A 91 -50.72 25.77 30.40
CA PRO A 91 -52.14 25.51 30.13
C PRO A 91 -52.67 24.16 30.60
N GLN A 92 -51.96 23.10 30.27
CA GLN A 92 -52.35 21.74 30.62
C GLN A 92 -52.28 21.43 32.11
N TYR A 93 -51.48 22.21 32.85
CA TYR A 93 -51.32 21.98 34.28
C TYR A 93 -52.17 22.88 35.17
N THR A 94 -53.00 23.72 34.56
CA THR A 94 -53.84 24.62 35.34
C THR A 94 -54.98 23.90 36.08
N ASN A 95 -54.78 22.63 36.42
CA ASN A 95 -55.78 21.85 37.14
C ASN A 95 -55.12 20.86 38.09
N LEU A 96 -54.13 21.33 38.84
CA LEU A 96 -53.39 20.48 39.76
C LEU A 96 -54.07 20.13 41.07
N SER A 97 -54.46 18.88 41.21
CA SER A 97 -55.09 18.39 42.42
C SER A 97 -54.10 17.45 43.09
N GLN A 98 -54.40 17.02 44.31
CA GLN A 98 -53.52 16.09 45.00
C GLN A 98 -53.57 14.79 44.20
N GLU A 99 -54.69 14.59 43.52
CA GLU A 99 -54.95 13.41 42.71
C GLU A 99 -54.52 13.61 41.26
N ASN A 100 -54.50 14.86 40.81
CA ASN A 100 -54.11 15.15 39.44
C ASN A 100 -52.79 15.92 39.35
N MET A 101 -51.74 15.30 39.86
CA MET A 101 -50.42 15.92 39.81
C MET A 101 -49.67 15.43 38.59
N PRO A 102 -48.93 16.33 37.95
CA PRO A 102 -48.15 15.96 36.76
C PRO A 102 -47.12 14.91 37.17
N LEU A 103 -46.73 14.05 36.24
CA LEU A 103 -45.75 13.03 36.54
C LEU A 103 -44.49 13.59 37.18
N GLU A 104 -44.05 14.74 36.69
CA GLU A 104 -42.84 15.37 37.22
C GLU A 104 -42.95 15.85 38.66
N LEU A 105 -44.15 15.81 39.22
CA LEU A 105 -44.33 16.25 40.59
C LEU A 105 -44.46 15.07 41.56
N GLN A 106 -44.44 13.85 41.04
CA GLN A 106 -44.59 12.68 41.87
C GLN A 106 -43.29 11.93 42.17
N SER A 107 -42.19 12.40 41.60
CA SER A 107 -40.89 11.78 41.82
C SER A 107 -39.77 12.80 41.67
N THR A 108 -38.74 12.67 42.49
CA THR A 108 -37.62 13.60 42.44
C THR A 108 -36.67 13.33 41.25
N THR A 109 -36.74 12.10 40.73
CA THR A 109 -35.97 11.70 39.55
C THR A 109 -36.98 11.16 38.53
N ILE A 110 -36.86 11.64 37.29
CA ILE A 110 -37.75 11.24 36.24
C ILE A 110 -37.05 11.33 34.88
N GLU A 111 -37.61 10.63 33.89
CA GLU A 111 -37.02 10.72 32.57
C GLU A 111 -38.03 11.18 31.55
N TYR A 112 -37.65 12.20 30.79
CA TYR A 112 -38.50 12.74 29.74
C TYR A 112 -38.03 12.27 28.38
N ILE A 113 -38.97 11.83 27.55
CA ILE A 113 -38.63 11.44 26.20
C ILE A 113 -38.73 12.77 25.46
N THR A 114 -37.64 13.51 25.42
CA THR A 114 -37.65 14.79 24.72
C THR A 114 -37.67 14.44 23.24
N ASN A 115 -37.37 15.41 22.38
CA ASN A 115 -37.35 15.19 20.92
C ASN A 115 -36.87 13.81 20.41
N LYS A 116 -36.69 13.73 19.09
CA LYS A 116 -36.21 12.51 18.45
C LYS A 116 -35.11 12.86 17.46
N PRO A 117 -33.92 12.27 17.63
CA PRO A 117 -32.84 12.60 16.69
C PRO A 117 -33.29 12.28 15.27
N VAL A 118 -32.98 13.19 14.35
CA VAL A 118 -33.30 12.98 12.95
C VAL A 118 -31.94 12.72 12.30
N THR A 119 -31.17 11.85 12.94
CA THR A 119 -29.84 11.54 12.46
C THR A 119 -29.32 10.13 12.73
N VAL A 120 -28.46 9.69 11.82
CA VAL A 120 -27.75 8.41 11.82
C VAL A 120 -27.85 7.52 13.06
N PRO A 121 -27.84 6.18 12.86
CA PRO A 121 -27.92 5.23 13.96
C PRO A 121 -26.55 5.14 14.65
N PRO A 122 -26.44 4.32 15.71
CA PRO A 122 -25.14 4.20 16.38
C PRO A 122 -24.10 3.54 15.45
N ILE A 123 -22.88 4.06 15.48
CA ILE A 123 -21.78 3.56 14.65
C ILE A 123 -20.76 2.75 15.45
N PHE A 124 -20.44 1.56 14.96
CA PHE A 124 -19.46 0.71 15.62
C PHE A 124 -18.25 0.53 14.71
N PHE A 125 -17.18 1.24 15.04
CA PHE A 125 -15.94 1.24 14.28
C PHE A 125 -14.96 0.25 14.89
N PHE A 126 -14.85 -0.95 14.30
CA PHE A 126 -13.93 -1.94 14.81
C PHE A 126 -12.54 -1.76 14.23
N VAL A 127 -11.56 -1.62 15.12
CA VAL A 127 -10.17 -1.46 14.72
C VAL A 127 -9.44 -2.65 15.30
N VAL A 128 -9.17 -3.63 14.44
CA VAL A 128 -8.49 -4.86 14.85
C VAL A 128 -6.99 -4.87 14.53
N ASP A 129 -6.22 -5.41 15.47
CA ASP A 129 -4.76 -5.54 15.34
C ASP A 129 -4.41 -6.94 14.87
N LEU A 130 -3.87 -7.01 13.65
CA LEU A 130 -3.52 -8.29 13.04
C LEU A 130 -2.20 -8.93 13.45
N THR A 131 -1.40 -8.26 14.28
CA THR A 131 -0.14 -8.85 14.68
C THR A 131 -0.23 -9.76 15.89
N SER A 132 -1.24 -10.63 15.94
CA SER A 132 -1.37 -11.56 17.07
C SER A 132 -1.37 -13.00 16.55
N GLU A 133 -1.19 -13.96 17.45
CA GLU A 133 -1.14 -15.37 17.07
C GLU A 133 -2.50 -15.89 16.64
N THR A 134 -2.47 -16.90 15.76
CA THR A 134 -3.67 -17.55 15.24
C THR A 134 -4.71 -17.80 16.34
N GLU A 135 -4.37 -18.63 17.32
CA GLU A 135 -5.30 -18.94 18.41
C GLU A 135 -5.96 -17.69 18.97
N ASN A 136 -5.14 -16.70 19.29
CA ASN A 136 -5.61 -15.43 19.85
C ASN A 136 -6.51 -14.69 18.85
N LEU A 137 -6.02 -14.48 17.63
CA LEU A 137 -6.79 -13.78 16.60
C LEU A 137 -8.03 -14.53 16.16
N ASP A 138 -8.03 -15.86 16.33
CA ASP A 138 -9.19 -16.65 15.96
C ASP A 138 -10.32 -16.48 16.94
N SER A 139 -10.02 -16.58 18.24
CA SER A 139 -11.04 -16.43 19.27
C SER A 139 -11.55 -15.00 19.38
N LEU A 140 -10.81 -14.06 18.80
CA LEU A 140 -11.24 -12.66 18.80
C LEU A 140 -12.25 -12.53 17.66
N LYS A 141 -11.93 -13.18 16.53
CA LYS A 141 -12.80 -13.18 15.36
C LYS A 141 -14.13 -13.79 15.76
N GLU A 142 -14.06 -14.77 16.65
CA GLU A 142 -15.26 -15.46 17.12
C GLU A 142 -16.13 -14.47 17.91
N SER A 143 -15.53 -13.75 18.85
CA SER A 143 -16.27 -12.78 19.65
C SER A 143 -16.89 -11.66 18.84
N ILE A 144 -16.08 -10.99 18.02
CA ILE A 144 -16.60 -9.88 17.21
C ILE A 144 -17.81 -10.31 16.40
N ILE A 145 -17.78 -11.51 15.85
CA ILE A 145 -18.91 -12.01 15.06
C ILE A 145 -20.11 -12.18 15.98
N THR A 146 -19.91 -12.87 17.10
CA THR A 146 -20.96 -13.11 18.07
C THR A 146 -21.59 -11.80 18.55
N SER A 147 -20.81 -10.74 18.63
CA SER A 147 -21.34 -9.46 19.08
C SER A 147 -22.27 -8.87 18.01
N LEU A 148 -21.86 -8.98 16.75
CA LEU A 148 -22.63 -8.46 15.62
C LEU A 148 -24.09 -8.86 15.67
N SER A 149 -24.38 -10.06 16.18
CA SER A 149 -25.76 -10.52 16.27
C SER A 149 -26.45 -10.00 17.52
N LEU A 150 -25.79 -9.08 18.22
CA LEU A 150 -26.34 -8.48 19.44
C LEU A 150 -26.59 -7.00 19.17
N LEU A 151 -26.23 -6.57 17.97
CA LEU A 151 -26.39 -5.17 17.59
C LEU A 151 -27.68 -4.86 16.83
N PRO A 152 -28.18 -3.62 16.98
CA PRO A 152 -29.40 -3.20 16.28
C PRO A 152 -29.11 -3.39 14.80
N PRO A 153 -29.97 -4.12 14.07
CA PRO A 153 -29.77 -4.36 12.64
C PRO A 153 -29.51 -3.12 11.77
N ASN A 154 -29.86 -1.95 12.27
CA ASN A 154 -29.68 -0.71 11.52
C ASN A 154 -28.43 0.06 11.95
N ALA A 155 -27.53 -0.62 12.65
CA ALA A 155 -26.30 0.00 13.13
C ALA A 155 -25.20 0.05 12.07
N LEU A 156 -24.57 1.21 11.93
CA LEU A 156 -23.49 1.38 10.98
C LEU A 156 -22.21 0.67 11.46
N ILE A 157 -21.67 -0.23 10.64
CA ILE A 157 -20.45 -0.94 11.00
C ILE A 157 -19.26 -0.34 10.24
N GLY A 158 -18.08 -0.45 10.84
CA GLY A 158 -16.88 0.09 10.21
C GLY A 158 -15.78 -0.90 10.51
N LEU A 159 -14.84 -1.06 9.57
CA LEU A 159 -13.75 -2.00 9.79
C LEU A 159 -12.37 -1.54 9.32
N ILE A 160 -11.40 -1.67 10.22
CA ILE A 160 -10.01 -1.34 9.95
C ILE A 160 -9.19 -2.48 10.53
N THR A 161 -8.23 -2.97 9.77
CA THR A 161 -7.34 -4.02 10.21
C THR A 161 -6.00 -3.35 10.10
N TYR A 162 -5.06 -3.69 10.98
CA TYR A 162 -3.77 -3.06 10.93
C TYR A 162 -2.65 -3.89 11.53
N GLY A 163 -1.42 -3.46 11.22
CA GLY A 163 -0.20 -4.08 11.68
C GLY A 163 0.91 -3.20 11.13
N ASN A 164 1.53 -3.65 10.04
CA ASN A 164 2.58 -2.87 9.40
C ASN A 164 1.90 -1.62 8.83
N VAL A 165 0.76 -1.82 8.16
CA VAL A 165 0.01 -0.72 7.58
C VAL A 165 -1.45 -0.78 8.05
N VAL A 166 -2.20 0.31 7.88
CA VAL A 166 -3.60 0.32 8.31
C VAL A 166 -4.51 0.16 7.10
N GLN A 167 -5.46 -0.76 7.19
CA GLN A 167 -6.38 -1.01 6.09
C GLN A 167 -7.83 -0.72 6.45
N LEU A 168 -8.38 0.30 5.81
CA LEU A 168 -9.76 0.72 5.99
C LEU A 168 -10.57 -0.06 4.98
N HIS A 169 -11.45 -0.93 5.44
CA HIS A 169 -12.27 -1.74 4.53
C HIS A 169 -13.44 -1.00 3.92
N ASP A 170 -13.78 -1.39 2.70
CA ASP A 170 -14.88 -0.78 1.95
C ASP A 170 -15.92 -1.85 1.65
N LEU A 171 -17.02 -1.83 2.40
CA LEU A 171 -18.08 -2.83 2.22
C LEU A 171 -19.11 -2.48 1.16
N SER A 172 -19.03 -1.26 0.63
CA SER A 172 -19.98 -0.83 -0.39
C SER A 172 -19.69 -1.43 -1.74
N SER A 173 -18.54 -2.09 -1.88
CA SER A 173 -18.19 -2.69 -3.15
C SER A 173 -18.61 -4.16 -3.15
N GLU A 174 -19.34 -4.57 -4.19
CA GLU A 174 -19.79 -5.95 -4.28
C GLU A 174 -18.97 -6.73 -5.31
N THR A 175 -18.49 -6.02 -6.33
CA THR A 175 -17.69 -6.62 -7.39
C THR A 175 -16.54 -7.43 -6.79
N ILE A 176 -15.73 -6.77 -5.97
CA ILE A 176 -14.59 -7.39 -5.29
C ILE A 176 -14.47 -6.69 -3.95
N ASP A 177 -14.18 -7.44 -2.88
CA ASP A 177 -14.04 -6.78 -1.59
C ASP A 177 -12.67 -6.12 -1.50
N ARG A 178 -12.69 -4.79 -1.43
CA ARG A 178 -11.48 -3.97 -1.38
C ARG A 178 -11.30 -3.25 -0.05
N CYS A 179 -10.27 -2.40 0.01
CA CYS A 179 -9.92 -1.61 1.19
C CYS A 179 -8.77 -0.64 0.93
N ASN A 180 -8.92 0.61 1.36
CA ASN A 180 -7.87 1.61 1.19
C ASN A 180 -6.79 1.44 2.24
N VAL A 181 -5.53 1.42 1.79
CA VAL A 181 -4.39 1.25 2.68
C VAL A 181 -3.61 2.54 2.93
N PHE A 182 -3.16 2.71 4.17
CA PHE A 182 -2.38 3.88 4.56
C PHE A 182 -1.13 3.43 5.29
N ARG A 183 -0.16 4.33 5.33
CA ARG A 183 1.09 4.07 6.01
C ARG A 183 0.99 4.07 7.53
N GLY A 184 1.41 2.98 8.16
CA GLY A 184 1.35 2.94 9.60
C GLY A 184 2.44 3.81 10.21
N ASP A 185 3.28 4.39 9.37
CA ASP A 185 4.38 5.24 9.83
C ASP A 185 4.21 6.72 9.55
N ARG A 186 2.98 7.16 9.31
CA ARG A 186 2.74 8.56 9.02
C ARG A 186 1.56 9.10 9.81
N GLU A 187 1.60 10.37 10.18
CA GLU A 187 0.48 10.94 10.91
C GLU A 187 -0.36 11.73 9.94
N TYR A 188 -1.23 11.04 9.24
CA TYR A 188 -2.10 11.69 8.27
C TYR A 188 -2.94 12.79 8.91
N GLN A 189 -3.30 13.78 8.11
CA GLN A 189 -4.10 14.89 8.58
C GLN A 189 -5.43 14.92 7.85
N LEU A 190 -6.50 15.24 8.57
CA LEU A 190 -7.85 15.25 8.00
C LEU A 190 -7.92 15.67 6.54
N GLU A 191 -7.43 16.85 6.23
CA GLU A 191 -7.46 17.36 4.85
C GLU A 191 -6.86 16.34 3.88
N ALA A 192 -5.65 15.89 4.18
CA ALA A 192 -4.94 14.92 3.37
C ALA A 192 -5.71 13.61 3.25
N LEU A 193 -6.22 13.14 4.39
CA LEU A 193 -6.96 11.88 4.44
C LEU A 193 -8.28 12.01 3.70
N THR A 194 -8.89 13.19 3.76
CA THR A 194 -10.16 13.43 3.09
C THR A 194 -10.00 13.34 1.59
N GLU A 195 -8.99 14.03 1.08
CA GLU A 195 -8.73 14.01 -0.34
C GLU A 195 -8.48 12.59 -0.84
N MET A 196 -7.50 11.93 -0.24
CA MET A 196 -7.18 10.55 -0.62
C MET A 196 -8.37 9.60 -0.68
N LEU A 197 -9.26 9.68 0.33
CA LEU A 197 -10.44 8.80 0.38
C LEU A 197 -11.63 9.27 -0.42
N THR A 198 -11.54 10.47 -1.02
CA THR A 198 -12.62 11.00 -1.83
C THR A 198 -12.09 11.56 -3.15
N PRO A 221 -19.96 6.50 -3.04
CA PRO A 221 -19.10 6.11 -4.16
C PRO A 221 -17.78 6.89 -4.16
N PHE A 222 -17.82 8.08 -3.58
CA PHE A 222 -16.66 8.95 -3.46
C PHE A 222 -16.60 9.46 -2.02
N SER A 223 -17.78 9.52 -1.39
CA SER A 223 -17.97 10.00 -0.02
C SER A 223 -17.40 9.11 1.08
N LEU A 224 -16.94 9.73 2.17
CA LEU A 224 -16.38 9.01 3.32
C LEU A 224 -17.45 8.12 3.94
N ASN A 225 -18.70 8.47 3.72
CA ASN A 225 -19.82 7.73 4.28
C ASN A 225 -19.99 6.35 3.68
N ARG A 226 -19.01 5.86 2.93
CA ARG A 226 -19.14 4.54 2.33
C ARG A 226 -18.39 3.50 3.12
N PHE A 227 -17.63 3.94 4.11
CA PHE A 227 -16.88 3.01 4.94
C PHE A 227 -17.71 2.64 6.15
N PHE A 228 -18.89 3.22 6.23
CA PHE A 228 -19.81 2.98 7.32
C PHE A 228 -21.16 2.58 6.76
N LEU A 229 -21.49 1.29 6.88
CA LEU A 229 -22.74 0.79 6.33
C LEU A 229 -23.59 -0.04 7.30
N PRO A 230 -24.92 0.03 7.14
CA PRO A 230 -25.90 -0.69 7.96
C PRO A 230 -25.58 -2.19 8.04
N LEU A 231 -25.58 -2.73 9.25
CA LEU A 231 -25.27 -4.14 9.44
C LEU A 231 -26.20 -4.99 8.59
N GLU A 232 -27.44 -4.55 8.47
CA GLU A 232 -28.43 -5.30 7.68
C GLU A 232 -27.87 -5.61 6.32
N GLN A 233 -27.71 -4.55 5.51
CA GLN A 233 -27.22 -4.70 4.16
C GLN A 233 -25.71 -4.95 4.09
N VAL A 234 -25.20 -5.89 4.87
CA VAL A 234 -23.76 -6.14 4.85
C VAL A 234 -23.34 -7.31 5.75
N GLU A 235 -24.27 -7.84 6.53
CA GLU A 235 -23.94 -8.93 7.44
C GLU A 235 -23.30 -10.18 6.85
N PHE A 236 -23.57 -10.48 5.60
CA PHE A 236 -22.95 -11.67 5.02
C PHE A 236 -21.50 -11.37 4.60
N LYS A 237 -21.30 -10.22 3.95
CA LYS A 237 -19.97 -9.82 3.51
C LYS A 237 -19.07 -9.72 4.73
N LEU A 238 -19.43 -8.83 5.64
CA LEU A 238 -18.69 -8.59 6.87
C LEU A 238 -18.43 -9.84 7.69
N ASN A 239 -19.34 -10.80 7.64
CA ASN A 239 -19.17 -12.05 8.37
C ASN A 239 -18.06 -12.84 7.69
N GLN A 240 -18.19 -12.97 6.37
CA GLN A 240 -17.23 -13.69 5.56
C GLN A 240 -15.86 -13.06 5.76
N LEU A 241 -15.81 -11.74 5.72
CA LEU A 241 -14.57 -10.98 5.88
C LEU A 241 -13.91 -11.23 7.24
N LEU A 242 -14.72 -11.24 8.31
CA LEU A 242 -14.21 -11.49 9.65
C LEU A 242 -13.81 -12.96 9.82
N GLU A 243 -14.52 -13.85 9.14
CA GLU A 243 -14.20 -15.28 9.22
C GLU A 243 -12.90 -15.62 8.50
N ASN A 244 -12.45 -14.70 7.64
CA ASN A 244 -11.25 -14.92 6.84
C ASN A 244 -10.01 -14.16 7.28
N LEU A 245 -10.11 -13.43 8.38
CA LEU A 245 -8.95 -12.68 8.84
C LEU A 245 -7.84 -13.68 9.16
N SER A 246 -6.60 -13.25 8.98
CA SER A 246 -5.45 -14.07 9.26
C SER A 246 -4.33 -13.16 9.78
N PRO A 247 -3.49 -13.70 10.67
CA PRO A 247 -2.37 -12.93 11.24
C PRO A 247 -1.60 -12.15 10.18
N ASP A 248 -1.10 -10.98 10.58
CA ASP A 248 -0.33 -10.13 9.69
C ASP A 248 0.88 -10.96 9.25
N GLN A 249 1.22 -10.88 7.97
CA GLN A 249 2.30 -11.69 7.43
C GLN A 249 3.64 -11.07 7.03
N TRP A 250 4.04 -9.98 7.68
CA TRP A 250 5.34 -9.40 7.38
C TRP A 250 6.37 -10.16 8.20
N SER A 251 7.64 -10.01 7.85
CA SER A 251 8.70 -10.72 8.57
C SER A 251 9.18 -10.07 9.85
N VAL A 252 9.41 -10.92 10.85
CA VAL A 252 9.86 -10.50 12.17
C VAL A 252 11.32 -10.87 12.44
N PRO A 253 12.23 -9.92 12.22
CA PRO A 253 13.67 -10.01 12.39
C PRO A 253 14.12 -10.61 13.72
N ALA A 254 15.40 -10.99 13.74
CA ALA A 254 16.08 -11.60 14.87
C ALA A 254 15.33 -11.56 16.20
N GLY A 255 15.58 -10.50 16.97
CA GLY A 255 14.94 -10.33 18.27
C GLY A 255 14.12 -9.06 18.27
N HIS A 256 13.04 -9.08 17.50
CA HIS A 256 12.15 -7.92 17.37
C HIS A 256 10.68 -8.24 17.66
N ARG A 257 9.94 -7.19 17.98
CA ARG A 257 8.51 -7.27 18.22
C ARG A 257 7.95 -6.95 16.84
N PRO A 258 6.73 -7.41 16.53
CA PRO A 258 6.16 -7.11 15.22
C PRO A 258 5.96 -5.60 15.12
N LEU A 259 5.86 -5.07 13.90
CA LEU A 259 5.61 -3.65 13.76
C LEU A 259 4.10 -3.52 13.88
N ARG A 260 3.66 -2.73 14.84
CA ARG A 260 2.25 -2.54 15.09
C ARG A 260 1.97 -1.04 15.17
N ALA A 261 1.34 -0.49 14.14
CA ALA A 261 1.05 0.95 14.10
C ALA A 261 -0.31 1.38 14.67
N THR A 262 -0.59 0.95 15.89
CA THR A 262 -1.85 1.33 16.54
C THR A 262 -2.02 2.84 16.43
N GLY A 263 -1.00 3.57 16.84
CA GLY A 263 -1.06 5.02 16.80
C GLY A 263 -1.67 5.55 15.52
N SER A 264 -1.23 5.00 14.39
CA SER A 264 -1.74 5.43 13.11
C SER A 264 -3.19 5.00 12.93
N ALA A 265 -3.49 3.76 13.29
CA ALA A 265 -4.85 3.26 13.15
C ALA A 265 -5.87 4.16 13.89
N LEU A 266 -5.59 4.50 15.14
CA LEU A 266 -6.51 5.35 15.91
C LEU A 266 -6.59 6.75 15.30
N ASN A 267 -5.49 7.21 14.71
CA ASN A 267 -5.47 8.54 14.09
C ASN A 267 -6.40 8.57 12.84
N ILE A 268 -6.26 7.55 11.99
CA ILE A 268 -7.06 7.43 10.79
C ILE A 268 -8.53 7.26 11.18
N ALA A 269 -8.76 6.32 12.10
CA ALA A 269 -10.10 6.02 12.59
C ALA A 269 -10.87 7.26 13.08
N SER A 270 -10.25 8.04 13.95
CA SER A 270 -10.88 9.23 14.50
C SER A 270 -11.01 10.32 13.47
N LEU A 271 -10.15 10.30 12.45
CA LEU A 271 -10.21 11.32 11.40
C LEU A 271 -11.33 11.05 10.40
N LEU A 272 -11.47 9.80 10.01
CA LEU A 272 -12.53 9.42 9.08
C LEU A 272 -13.88 9.79 9.70
N LEU A 273 -14.05 9.43 10.98
CA LEU A 273 -15.29 9.70 11.71
C LEU A 273 -15.56 11.19 11.82
N GLN A 274 -14.50 11.94 12.03
CA GLN A 274 -14.64 13.38 12.11
C GLN A 274 -15.07 13.90 10.75
N GLY A 275 -14.52 13.26 9.71
CA GLY A 275 -14.81 13.64 8.34
C GLY A 275 -16.25 13.53 7.88
N CYS A 276 -17.03 12.64 8.49
CA CYS A 276 -18.40 12.48 8.07
C CYS A 276 -19.43 12.30 9.17
N TYR A 277 -18.98 12.14 10.41
CA TYR A 277 -19.93 11.94 11.48
C TYR A 277 -19.60 12.70 12.75
N LYS A 278 -19.16 13.94 12.59
CA LYS A 278 -18.81 14.76 13.73
C LYS A 278 -20.07 15.01 14.58
N ASN A 279 -19.90 14.86 15.90
CA ASN A 279 -20.97 15.05 16.86
C ASN A 279 -22.10 14.05 16.65
N ILE A 280 -21.76 12.90 16.07
CA ILE A 280 -22.73 11.83 15.85
C ILE A 280 -22.18 10.62 16.58
N PRO A 281 -23.00 10.00 17.43
CA PRO A 281 -22.58 8.83 18.20
C PRO A 281 -21.79 7.83 17.37
N ALA A 282 -20.57 7.54 17.83
CA ALA A 282 -19.69 6.60 17.18
C ALA A 282 -18.93 5.95 18.32
N ARG A 283 -18.52 4.71 18.10
CA ARG A 283 -17.81 3.99 19.13
C ARG A 283 -16.64 3.25 18.48
N ILE A 284 -15.43 3.80 18.64
CA ILE A 284 -14.23 3.16 18.09
C ILE A 284 -13.77 2.07 19.06
N ILE A 285 -13.83 0.83 18.58
CA ILE A 285 -13.46 -0.32 19.40
C ILE A 285 -12.16 -0.93 18.90
N LEU A 286 -11.09 -0.70 19.66
CA LEU A 286 -9.76 -1.19 19.33
C LEU A 286 -9.43 -2.54 19.98
N PHE A 287 -8.85 -3.45 19.18
CA PHE A 287 -8.42 -4.75 19.68
C PHE A 287 -6.92 -4.89 19.42
N ALA A 288 -6.12 -4.66 20.45
CA ALA A 288 -4.67 -4.74 20.32
C ALA A 288 -4.11 -5.97 21.03
N SER A 289 -3.04 -6.51 20.47
CA SER A 289 -2.38 -7.69 21.01
C SER A 289 -0.98 -7.37 21.50
N GLY A 290 -0.65 -6.08 21.53
CA GLY A 290 0.66 -5.68 21.99
C GLY A 290 0.81 -4.18 21.94
N PRO A 291 1.98 -3.65 22.31
CA PRO A 291 2.23 -2.20 22.29
C PRO A 291 2.48 -1.69 20.87
N GLY A 292 2.24 -0.39 20.66
CA GLY A 292 2.48 0.16 19.35
C GLY A 292 3.98 0.25 19.18
N THR A 293 4.49 -0.32 18.08
CA THR A 293 5.91 -0.33 17.80
C THR A 293 6.26 0.48 16.56
N VAL A 294 5.44 1.46 16.25
CA VAL A 294 5.66 2.32 15.09
C VAL A 294 5.11 3.69 15.41
N ALA A 295 5.85 4.74 15.05
CA ALA A 295 5.38 6.09 15.31
C ALA A 295 4.38 6.45 14.21
N PRO A 296 3.32 7.21 14.52
CA PRO A 296 2.85 7.85 15.76
C PRO A 296 2.40 6.90 16.85
N GLY A 297 2.34 7.41 18.08
CA GLY A 297 1.94 6.61 19.22
C GLY A 297 2.79 5.39 19.47
N LEU A 298 4.10 5.55 19.49
CA LEU A 298 4.98 4.41 19.72
C LEU A 298 5.22 4.22 21.21
N ILE A 299 4.90 3.03 21.71
CA ILE A 299 5.07 2.72 23.12
C ILE A 299 6.46 2.18 23.41
N VAL A 300 6.96 1.33 22.53
CA VAL A 300 8.28 0.73 22.68
C VAL A 300 8.82 0.41 21.29
N ASN A 301 10.14 0.40 21.15
CA ASN A 301 10.76 0.08 19.87
C ASN A 301 10.56 -1.41 19.58
N SER A 302 10.74 -1.82 18.33
CA SER A 302 10.58 -3.23 17.94
C SER A 302 11.61 -4.17 18.55
N GLU A 303 12.87 -3.75 18.58
CA GLU A 303 13.92 -4.60 19.15
C GLU A 303 13.59 -5.01 20.59
N LEU A 304 13.44 -6.31 20.80
CA LEU A 304 13.10 -6.86 22.11
C LEU A 304 14.04 -6.52 23.25
N LYS A 305 15.25 -6.06 22.95
CA LYS A 305 16.19 -5.71 24.01
C LYS A 305 15.72 -4.43 24.71
N ASP A 306 14.79 -3.73 24.07
CA ASP A 306 14.23 -2.50 24.64
C ASP A 306 13.01 -2.96 25.46
N PRO A 307 13.07 -2.84 26.80
CA PRO A 307 11.96 -3.26 27.66
C PRO A 307 10.83 -2.24 27.73
N LEU A 308 9.67 -2.68 28.20
CA LEU A 308 8.53 -1.78 28.33
C LEU A 308 8.72 -1.01 29.63
N ARG A 309 8.53 0.31 29.58
CA ARG A 309 8.73 1.12 30.76
C ARG A 309 8.00 0.54 31.97
N SER A 310 8.40 1.00 33.14
CA SER A 310 7.80 0.57 34.40
C SER A 310 7.43 1.86 35.12
N HIS A 311 6.71 1.75 36.22
CA HIS A 311 6.37 2.95 36.96
C HIS A 311 7.67 3.63 37.34
N HIS A 312 8.64 2.82 37.76
CA HIS A 312 9.93 3.37 38.15
C HIS A 312 10.51 4.20 37.03
N ASP A 313 10.56 3.64 35.83
CA ASP A 313 11.11 4.36 34.68
C ASP A 313 10.35 5.66 34.44
N ILE A 314 9.02 5.58 34.46
CA ILE A 314 8.19 6.75 34.22
C ILE A 314 8.45 7.82 35.28
N ASP A 315 8.52 7.39 36.53
CA ASP A 315 8.75 8.30 37.64
C ASP A 315 10.10 9.01 37.51
N SER A 316 11.12 8.26 37.11
CA SER A 316 12.46 8.79 36.96
C SER A 316 12.82 9.31 35.57
N ASP A 317 11.86 9.87 34.86
CA ASP A 317 12.09 10.41 33.51
C ASP A 317 13.03 9.58 32.63
N HIS A 318 13.01 8.27 32.81
CA HIS A 318 13.85 7.37 32.02
C HIS A 318 13.01 6.67 30.94
N ALA A 319 11.68 6.78 31.04
CA ALA A 319 10.79 6.18 30.04
C ALA A 319 10.84 7.11 28.82
N GLN A 320 11.70 6.75 27.88
CA GLN A 320 11.98 7.50 26.66
C GLN A 320 10.89 7.74 25.62
N HIS A 321 9.93 6.84 25.53
CA HIS A 321 8.89 6.99 24.52
C HIS A 321 7.61 7.57 25.10
N TYR A 322 7.42 7.34 26.40
CA TYR A 322 6.25 7.75 27.17
C TYR A 322 5.68 9.16 27.00
N LYS A 323 6.49 10.20 27.08
CA LYS A 323 5.96 11.55 26.94
C LYS A 323 5.44 11.93 25.57
N LYS A 324 6.10 11.50 24.49
CA LYS A 324 5.61 11.82 23.14
C LYS A 324 4.30 11.05 22.94
N ALA A 325 4.30 9.79 23.39
CA ALA A 325 3.15 8.90 23.29
C ALA A 325 1.94 9.53 23.93
N CYS A 326 2.06 9.85 25.22
CA CYS A 326 0.96 10.48 25.94
C CYS A 326 0.57 11.75 25.20
N LYS A 327 1.56 12.53 24.78
CA LYS A 327 1.26 13.74 24.07
C LYS A 327 0.55 13.48 22.74
N PHE A 328 0.76 12.29 22.17
CA PHE A 328 0.11 11.93 20.90
C PHE A 328 -1.33 11.50 21.17
N TYR A 329 -1.47 10.47 21.99
CA TYR A 329 -2.79 9.96 22.32
C TYR A 329 -3.72 11.01 22.93
N ASN A 330 -3.16 12.00 23.63
CA ASN A 330 -4.00 13.02 24.19
C ASN A 330 -4.55 13.90 23.07
N GLN A 331 -3.74 14.10 22.03
CA GLN A 331 -4.17 14.90 20.89
C GLN A 331 -5.43 14.24 20.35
N ILE A 332 -5.38 12.92 20.21
CA ILE A 332 -6.51 12.16 19.70
C ILE A 332 -7.70 12.15 20.65
N ALA A 333 -7.41 12.03 21.95
CA ALA A 333 -8.47 12.00 22.95
C ALA A 333 -9.25 13.32 22.90
N GLN A 334 -8.54 14.44 22.82
CA GLN A 334 -9.22 15.73 22.77
C GLN A 334 -10.10 15.79 21.53
N ARG A 335 -9.64 15.14 20.46
CA ARG A 335 -10.36 15.11 19.20
C ARG A 335 -11.68 14.36 19.28
N VAL A 336 -11.60 13.08 19.64
CA VAL A 336 -12.79 12.26 19.74
C VAL A 336 -13.76 12.82 20.79
N ALA A 337 -13.23 13.37 21.88
CA ALA A 337 -14.10 13.92 22.92
C ALA A 337 -14.79 15.18 22.43
N ALA A 338 -14.05 16.01 21.70
CA ALA A 338 -14.61 17.24 21.15
C ALA A 338 -15.62 16.91 20.04
N ASN A 339 -15.29 15.89 19.23
CA ASN A 339 -16.16 15.46 18.13
C ASN A 339 -17.27 14.56 18.68
N GLY A 340 -17.13 14.20 19.94
CA GLY A 340 -18.13 13.36 20.58
C GLY A 340 -18.16 11.92 20.15
N HIS A 341 -16.99 11.28 20.09
CA HIS A 341 -16.91 9.87 19.70
C HIS A 341 -16.29 9.09 20.84
N THR A 342 -16.63 7.81 20.95
CA THR A 342 -16.12 6.96 22.01
C THR A 342 -14.95 6.12 21.52
N VAL A 343 -14.06 5.76 22.44
CA VAL A 343 -12.93 4.91 22.10
C VAL A 343 -12.83 3.81 23.14
N ASP A 344 -13.00 2.57 22.70
CA ASP A 344 -12.91 1.42 23.58
C ASP A 344 -11.60 0.71 23.30
N ILE A 345 -10.91 0.28 24.35
CA ILE A 345 -9.64 -0.42 24.18
C ILE A 345 -9.66 -1.77 24.88
N PHE A 346 -9.50 -2.83 24.10
CA PHE A 346 -9.46 -4.17 24.65
C PHE A 346 -8.07 -4.70 24.38
N ALA A 347 -7.35 -5.07 25.44
CA ALA A 347 -6.00 -5.58 25.27
C ALA A 347 -5.99 -7.08 25.46
N GLY A 348 -5.47 -7.79 24.46
CA GLY A 348 -5.41 -9.23 24.56
C GLY A 348 -3.98 -9.73 24.50
N CYS A 349 -3.24 -9.62 25.61
CA CYS A 349 -1.86 -10.08 25.63
C CYS A 349 -1.26 -9.98 27.02
N TYR A 350 -0.19 -10.74 27.25
CA TYR A 350 0.48 -10.76 28.55
C TYR A 350 1.27 -9.50 28.83
N ASP A 351 1.80 -8.88 27.80
CA ASP A 351 2.56 -7.66 28.04
C ASP A 351 1.69 -6.42 27.88
N GLN A 352 2.25 -5.26 28.19
CA GLN A 352 1.50 -4.02 28.08
C GLN A 352 1.38 -3.53 26.64
N ILE A 353 0.30 -2.82 26.36
CA ILE A 353 0.04 -2.29 25.03
C ILE A 353 0.19 -0.78 25.07
N GLY A 354 0.17 -0.23 26.27
CA GLY A 354 0.31 1.21 26.42
C GLY A 354 -0.97 1.88 26.92
N MET A 355 -1.71 1.19 27.78
CA MET A 355 -2.93 1.76 28.30
C MET A 355 -2.62 2.98 29.14
N SER A 356 -1.43 3.01 29.71
CA SER A 356 -1.04 4.14 30.54
C SER A 356 -1.01 5.42 29.69
N GLU A 357 -0.49 5.30 28.48
CA GLU A 357 -0.39 6.41 27.57
C GLU A 357 -1.70 6.64 26.81
N MET A 358 -2.40 5.55 26.49
CA MET A 358 -3.66 5.65 25.74
C MET A 358 -4.92 5.90 26.59
N LYS A 359 -4.77 5.78 27.91
CA LYS A 359 -5.85 5.95 28.88
C LYS A 359 -6.84 7.09 28.65
N GLN A 360 -6.32 8.29 28.41
CA GLN A 360 -7.17 9.44 28.20
C GLN A 360 -8.21 9.22 27.11
N LEU A 361 -7.88 8.41 26.12
CA LEU A 361 -8.83 8.14 25.06
C LEU A 361 -10.11 7.64 25.68
N THR A 362 -9.96 6.72 26.63
CA THR A 362 -11.10 6.13 27.30
C THR A 362 -11.73 6.96 28.42
N ASP A 363 -10.92 7.76 29.11
CA ASP A 363 -11.46 8.54 30.20
C ASP A 363 -12.15 9.83 29.81
N SER A 364 -11.75 10.41 28.68
CA SER A 364 -12.32 11.67 28.17
C SER A 364 -13.70 11.39 27.60
N THR A 365 -13.84 10.18 27.08
CA THR A 365 -15.09 9.72 26.46
C THR A 365 -15.56 8.61 27.41
N GLY A 366 -16.77 8.13 27.28
CA GLY A 366 -17.19 7.09 28.22
C GLY A 366 -16.79 5.68 27.80
N GLY A 367 -15.58 5.55 27.26
CA GLY A 367 -15.12 4.26 26.77
C GLY A 367 -14.72 3.16 27.75
N VAL A 368 -14.67 1.94 27.22
CA VAL A 368 -14.28 0.76 27.97
C VAL A 368 -12.76 0.67 27.89
N LEU A 369 -12.14 0.12 28.93
CA LEU A 369 -10.70 -0.07 28.95
C LEU A 369 -10.51 -1.40 29.68
N LEU A 370 -10.20 -2.46 28.93
CA LEU A 370 -10.04 -3.80 29.52
C LEU A 370 -8.72 -4.49 29.23
N LEU A 371 -8.01 -4.82 30.31
CA LEU A 371 -6.72 -5.49 30.24
C LEU A 371 -6.90 -7.00 30.46
N THR A 372 -6.53 -7.80 29.47
CA THR A 372 -6.65 -9.26 29.56
C THR A 372 -5.40 -9.90 28.95
N ASP A 373 -5.10 -11.13 29.35
CA ASP A 373 -3.92 -11.82 28.84
C ASP A 373 -4.10 -12.27 27.39
N ALA A 374 -5.33 -12.60 27.02
CA ALA A 374 -5.61 -13.05 25.67
C ALA A 374 -7.08 -12.89 25.35
N PHE A 375 -7.41 -12.93 24.06
CA PHE A 375 -8.78 -12.81 23.61
C PHE A 375 -9.48 -14.16 23.76
N SER A 376 -8.84 -15.05 24.51
CA SER A 376 -9.40 -16.38 24.75
C SER A 376 -9.95 -16.39 26.16
N THR A 377 -9.43 -15.49 26.99
CA THR A 377 -9.84 -15.39 28.38
C THR A 377 -11.34 -15.20 28.54
N ALA A 378 -11.88 -15.70 29.65
CA ALA A 378 -13.31 -15.56 29.94
C ALA A 378 -13.52 -14.08 30.22
N ILE A 379 -12.49 -13.47 30.81
CA ILE A 379 -12.53 -12.06 31.15
C ILE A 379 -12.80 -11.24 29.91
N PHE A 380 -12.17 -11.60 28.79
CA PHE A 380 -12.41 -10.85 27.57
C PHE A 380 -13.76 -11.19 26.97
N LYS A 381 -13.94 -12.47 26.67
CA LYS A 381 -15.18 -12.93 26.06
C LYS A 381 -16.45 -12.44 26.76
N GLN A 382 -16.56 -12.73 28.05
CA GLN A 382 -17.74 -12.32 28.80
C GLN A 382 -17.89 -10.79 28.88
N SER A 383 -16.79 -10.10 29.16
CA SER A 383 -16.79 -8.64 29.25
C SER A 383 -17.17 -7.95 27.96
N TYR A 384 -16.58 -8.42 26.85
CA TYR A 384 -16.86 -7.85 25.55
C TYR A 384 -18.34 -7.97 25.21
N LEU A 385 -18.89 -9.19 25.30
CA LEU A 385 -20.31 -9.38 24.98
C LEU A 385 -21.21 -8.65 25.95
N ARG A 386 -20.75 -8.48 27.18
CA ARG A 386 -21.56 -7.81 28.17
C ARG A 386 -21.74 -6.34 27.82
N LEU A 387 -20.79 -5.80 27.07
CA LEU A 387 -20.86 -4.40 26.66
C LEU A 387 -22.09 -4.17 25.79
N PHE A 388 -22.64 -5.24 25.22
CA PHE A 388 -23.80 -5.10 24.38
C PHE A 388 -25.07 -5.56 25.08
N ALA A 389 -25.00 -5.65 26.41
CA ALA A 389 -26.13 -6.06 27.23
C ALA A 389 -27.34 -5.18 26.92
N LYS A 390 -28.54 -5.74 27.00
CA LYS A 390 -29.73 -4.96 26.69
C LYS A 390 -30.68 -4.80 27.88
N ASP A 391 -31.54 -3.79 27.79
CA ASP A 391 -32.50 -3.54 28.85
C ASP A 391 -33.74 -4.41 28.69
N GLU A 392 -34.75 -4.16 29.49
CA GLU A 392 -35.96 -4.95 29.43
C GLU A 392 -36.76 -4.72 28.17
N GLU A 393 -36.58 -3.57 27.54
CA GLU A 393 -37.28 -3.27 26.29
C GLU A 393 -36.53 -3.88 25.11
N GLY A 394 -35.41 -4.54 25.39
CA GLY A 394 -34.63 -5.17 24.33
C GLY A 394 -33.64 -4.24 23.63
N TYR A 395 -33.44 -3.05 24.19
CA TYR A 395 -32.50 -2.08 23.62
C TYR A 395 -31.19 -2.08 24.43
N LEU A 396 -30.10 -1.68 23.78
CA LEU A 396 -28.80 -1.64 24.44
C LEU A 396 -28.82 -0.71 25.65
N LYS A 397 -28.09 -1.11 26.69
CA LYS A 397 -28.01 -0.33 27.93
C LYS A 397 -27.10 0.87 27.74
N MET A 398 -26.11 0.74 26.88
CA MET A 398 -25.21 1.86 26.62
C MET A 398 -26.03 3.03 26.09
N ALA A 399 -25.58 4.23 26.41
CA ALA A 399 -26.24 5.44 25.96
C ALA A 399 -25.16 6.30 25.33
N PHE A 400 -25.53 7.26 24.48
CA PHE A 400 -24.52 8.09 23.85
C PHE A 400 -24.77 9.58 23.98
N ASN A 401 -23.77 10.37 23.59
CA ASN A 401 -23.85 11.82 23.60
C ASN A 401 -24.55 12.33 24.83
N GLY A 402 -23.95 12.06 25.99
CA GLY A 402 -24.52 12.49 27.25
C GLY A 402 -24.07 13.90 27.57
N ASN A 403 -24.97 14.66 28.19
CA ASN A 403 -24.67 16.03 28.54
C ASN A 403 -25.23 16.28 29.92
N MET A 404 -24.36 16.49 30.91
CA MET A 404 -24.82 16.70 32.28
C MET A 404 -24.64 18.10 32.80
N ALA A 405 -25.75 18.72 33.18
CA ALA A 405 -25.73 20.07 33.70
C ALA A 405 -26.22 20.07 35.12
N VAL A 406 -25.48 20.77 35.97
CA VAL A 406 -25.80 20.86 37.39
C VAL A 406 -26.24 22.25 37.80
N LYS A 407 -27.54 22.37 38.07
CA LYS A 407 -28.16 23.60 38.51
C LYS A 407 -28.17 23.63 40.04
N THR A 408 -27.92 24.80 40.63
CA THR A 408 -27.91 24.91 42.09
C THR A 408 -28.45 26.24 42.59
N SER A 409 -29.01 26.21 43.80
CA SER A 409 -29.52 27.40 44.48
C SER A 409 -28.39 28.42 44.46
N LYS A 410 -28.64 29.60 45.02
CA LYS A 410 -27.61 30.62 45.03
C LYS A 410 -26.60 30.46 46.14
N ASP A 411 -26.94 29.66 47.14
CA ASP A 411 -26.01 29.45 48.24
C ASP A 411 -25.30 28.12 48.04
N LEU A 412 -24.93 27.85 46.79
CA LEU A 412 -24.26 26.61 46.43
C LEU A 412 -23.61 26.67 45.04
N LYS A 413 -22.30 26.44 44.97
CA LYS A 413 -21.57 26.46 43.70
C LYS A 413 -20.96 25.10 43.37
N VAL A 414 -20.51 24.95 42.13
CA VAL A 414 -19.93 23.70 41.66
C VAL A 414 -18.42 23.80 41.48
N GLN A 415 -17.69 22.83 42.04
CA GLN A 415 -16.23 22.82 41.95
C GLN A 415 -15.67 21.94 40.83
N GLY A 416 -16.45 20.97 40.39
CA GLY A 416 -15.97 20.12 39.33
C GLY A 416 -16.47 18.70 39.38
N LEU A 417 -16.10 17.95 38.36
CA LEU A 417 -16.52 16.57 38.25
C LEU A 417 -15.32 15.66 38.12
N ILE A 418 -15.44 14.45 38.68
CA ILE A 418 -14.40 13.44 38.58
C ILE A 418 -15.07 12.17 38.07
N GLY A 419 -14.80 11.88 36.80
CA GLY A 419 -15.37 10.73 36.12
C GLY A 419 -14.99 10.78 34.64
N HIS A 420 -15.61 9.93 33.84
CA HIS A 420 -15.28 9.88 32.42
C HIS A 420 -16.09 10.87 31.59
N ALA A 421 -15.71 12.13 31.70
CA ALA A 421 -16.40 13.16 30.96
C ALA A 421 -15.40 14.21 30.50
N SER A 422 -15.91 15.26 29.87
CA SER A 422 -15.09 16.36 29.39
C SER A 422 -15.88 17.59 29.72
N ALA A 423 -15.19 18.67 30.03
CA ALA A 423 -15.86 19.92 30.35
C ALA A 423 -16.49 20.53 29.11
N VAL A 424 -17.64 21.16 29.33
CA VAL A 424 -18.35 21.85 28.27
C VAL A 424 -18.12 23.30 28.66
N LYS A 425 -17.42 24.05 27.81
CA LYS A 425 -17.13 25.45 28.09
C LYS A 425 -18.09 26.44 27.44
N LYS A 426 -17.81 27.72 27.63
CA LYS A 426 -18.63 28.80 27.09
C LYS A 426 -20.11 28.65 27.46
N THR A 427 -20.39 28.05 28.61
CA THR A 427 -21.79 27.91 29.03
C THR A 427 -22.21 29.22 29.69
N ASP A 428 -23.50 29.42 29.85
CA ASP A 428 -24.00 30.65 30.47
C ASP A 428 -24.18 30.48 31.98
N ALA A 429 -23.81 29.31 32.49
CA ALA A 429 -23.94 29.01 33.92
C ALA A 429 -23.27 30.05 34.81
N ASN A 430 -23.92 30.34 35.93
CA ASN A 430 -23.40 31.32 36.87
C ASN A 430 -23.10 30.70 38.22
N ASN A 431 -23.18 29.37 38.32
CA ASN A 431 -22.94 28.69 39.58
C ASN A 431 -21.56 28.03 39.66
N ILE A 432 -20.65 28.43 38.77
CA ILE A 432 -19.32 27.85 38.76
C ILE A 432 -18.38 28.43 39.82
N SER A 433 -17.83 27.55 40.66
CA SER A 433 -16.93 27.98 41.71
C SER A 433 -15.59 28.39 41.15
N GLU A 434 -14.90 29.27 41.89
CA GLU A 434 -13.57 29.74 41.48
C GLU A 434 -12.58 28.64 41.79
N SER A 435 -12.87 27.84 42.83
CA SER A 435 -12.01 26.73 43.23
C SER A 435 -12.41 25.47 42.47
N GLU A 436 -11.44 24.66 42.11
CA GLU A 436 -11.76 23.46 41.36
C GLU A 436 -11.28 22.15 41.94
N ILE A 437 -11.96 21.08 41.56
CA ILE A 437 -11.63 19.73 41.97
C ILE A 437 -11.95 18.88 40.75
N GLY A 438 -11.00 18.11 40.27
CA GLY A 438 -11.28 17.30 39.10
C GLY A 438 -11.53 18.23 37.92
N ILE A 439 -12.38 17.82 36.98
CA ILE A 439 -12.64 18.64 35.82
C ILE A 439 -13.55 19.79 36.23
N GLY A 440 -12.94 20.96 36.39
CA GLY A 440 -13.71 22.12 36.84
C GLY A 440 -13.93 23.26 35.86
N ALA A 441 -14.09 24.45 36.44
CA ALA A 441 -14.32 25.67 35.69
C ALA A 441 -15.56 25.51 34.84
N THR A 442 -16.55 24.77 35.36
CA THR A 442 -17.80 24.53 34.64
C THR A 442 -18.81 23.73 35.46
N SER A 443 -20.07 23.78 35.07
CA SER A 443 -21.09 23.02 35.76
C SER A 443 -21.81 22.11 34.75
N THR A 444 -21.24 22.03 33.53
CA THR A 444 -21.78 21.17 32.49
C THR A 444 -20.65 20.30 31.93
N TRP A 445 -20.91 19.02 31.76
CA TRP A 445 -19.90 18.11 31.24
C TRP A 445 -20.54 17.25 30.15
N LYS A 446 -19.70 16.53 29.42
CA LYS A 446 -20.20 15.66 28.37
C LYS A 446 -19.52 14.28 28.31
N MET A 447 -20.30 13.27 27.93
CA MET A 447 -19.83 11.90 27.84
C MET A 447 -20.23 11.29 26.50
N ALA A 448 -19.26 10.95 25.66
CA ALA A 448 -19.55 10.34 24.37
C ALA A 448 -20.41 9.09 24.65
N SER A 449 -20.01 8.35 25.69
CA SER A 449 -20.72 7.16 26.10
C SER A 449 -20.96 7.16 27.60
N LEU A 450 -22.07 6.55 28.01
CA LEU A 450 -22.40 6.38 29.42
C LEU A 450 -23.34 5.22 29.51
N SER A 451 -23.60 4.78 30.72
CA SER A 451 -24.47 3.64 30.91
C SER A 451 -24.93 3.57 32.35
N PRO A 452 -25.80 2.62 32.67
CA PRO A 452 -26.24 2.52 34.06
C PRO A 452 -25.07 2.31 34.99
N TYR A 453 -23.96 1.80 34.45
CA TYR A 453 -22.79 1.52 35.27
C TYR A 453 -21.81 2.70 35.44
N HIS A 454 -22.21 3.88 35.04
CA HIS A 454 -21.36 5.05 35.19
C HIS A 454 -21.85 5.94 36.31
N SER A 455 -20.93 6.36 37.16
CA SER A 455 -21.23 7.26 38.28
C SER A 455 -20.19 8.36 38.17
N TYR A 456 -20.52 9.56 38.59
CA TYR A 456 -19.61 10.70 38.52
C TYR A 456 -19.62 11.43 39.85
N ALA A 457 -18.47 11.97 40.24
CA ALA A 457 -18.37 12.70 41.50
C ALA A 457 -18.44 14.20 41.28
N ILE A 458 -19.53 14.82 41.73
CA ILE A 458 -19.70 16.26 41.61
C ILE A 458 -19.36 16.89 42.96
N PHE A 459 -18.48 17.89 42.96
CA PHE A 459 -18.07 18.54 44.20
C PHE A 459 -18.58 19.97 44.23
N PHE A 460 -19.20 20.35 45.35
CA PHE A 460 -19.76 21.68 45.53
C PHE A 460 -19.00 22.54 46.53
N GLU A 461 -19.36 23.81 46.55
CA GLU A 461 -18.76 24.79 47.44
C GLU A 461 -19.89 25.65 48.03
N ILE A 462 -19.94 25.74 49.36
CA ILE A 462 -20.96 26.55 50.01
C ILE A 462 -20.67 28.02 49.72
N ALA A 463 -21.53 28.64 48.92
CA ALA A 463 -21.32 30.01 48.53
C ALA A 463 -21.46 31.06 49.64
N ASN A 464 -22.21 30.77 50.70
CA ASN A 464 -22.38 31.73 51.76
C ASN A 464 -21.12 32.00 52.58
N THR A 465 -20.75 33.27 52.68
CA THR A 465 -19.56 33.68 53.42
C THR A 465 -19.91 34.40 54.72
N ARG A 481 -36.14 29.06 61.50
CA ARG A 481 -35.89 29.44 60.11
C ARG A 481 -35.12 28.32 59.40
N PRO A 482 -35.83 27.48 58.64
CA PRO A 482 -35.20 26.37 57.91
C PRO A 482 -34.57 26.82 56.59
N HIS A 483 -33.26 26.68 56.47
CA HIS A 483 -32.58 27.09 55.25
C HIS A 483 -32.25 25.88 54.36
N LEU A 484 -32.73 25.91 53.12
CA LEU A 484 -32.48 24.81 52.20
C LEU A 484 -31.70 25.17 50.95
N ALA A 485 -30.99 24.16 50.42
CA ALA A 485 -30.21 24.34 49.21
C ALA A 485 -30.70 23.29 48.21
N TYR A 486 -30.89 23.73 46.96
CA TYR A 486 -31.38 22.84 45.91
C TYR A 486 -30.40 22.57 44.79
N THR A 487 -30.35 21.32 44.37
CA THR A 487 -29.47 20.90 43.29
C THR A 487 -30.29 20.10 42.27
N GLN A 488 -30.04 20.33 40.99
CA GLN A 488 -30.78 19.58 39.99
C GLN A 488 -29.85 19.09 38.91
N PHE A 489 -29.85 17.78 38.69
CA PHE A 489 -29.02 17.17 37.68
C PHE A 489 -29.83 16.94 36.42
N ILE A 490 -29.43 17.60 35.34
CA ILE A 490 -30.15 17.41 34.09
C ILE A 490 -29.22 16.73 33.11
N THR A 491 -29.44 15.43 32.92
CA THR A 491 -28.62 14.65 32.01
C THR A 491 -29.37 14.35 30.72
N THR A 492 -29.11 15.15 29.70
CA THR A 492 -29.74 14.93 28.42
C THR A 492 -28.82 13.99 27.64
N TYR A 493 -29.39 13.03 26.93
CA TYR A 493 -28.59 12.06 26.19
C TYR A 493 -29.40 11.28 25.12
N GLN A 494 -28.70 10.48 24.32
CA GLN A 494 -29.34 9.71 23.26
C GLN A 494 -29.51 8.22 23.60
N HIS A 495 -30.76 7.83 23.79
CA HIS A 495 -31.13 6.46 24.15
C HIS A 495 -30.98 5.50 22.98
N SER A 496 -30.67 4.24 23.30
CA SER A 496 -30.50 3.20 22.29
C SER A 496 -31.77 2.92 21.49
N SER A 497 -32.91 3.32 22.03
CA SER A 497 -34.17 3.11 21.35
C SER A 497 -34.24 4.14 20.23
N GLY A 498 -33.28 5.05 20.21
CA GLY A 498 -33.25 6.05 19.17
C GLY A 498 -34.02 7.31 19.49
N THR A 499 -34.17 7.60 20.77
CA THR A 499 -34.87 8.82 21.16
C THR A 499 -33.96 9.66 22.06
N ASN A 500 -34.18 10.95 22.07
CA ASN A 500 -33.38 11.78 22.94
C ASN A 500 -34.18 11.87 24.21
N ARG A 501 -33.51 11.75 25.34
CA ARG A 501 -34.20 11.81 26.62
C ARG A 501 -33.52 12.77 27.58
N ILE A 502 -34.21 13.09 28.65
CA ILE A 502 -33.66 13.95 29.67
C ILE A 502 -33.97 13.34 31.02
N ARG A 503 -32.92 13.00 31.74
CA ARG A 503 -33.03 12.43 33.07
C ARG A 503 -32.89 13.58 34.02
N VAL A 504 -33.82 13.71 34.94
CA VAL A 504 -33.71 14.81 35.89
C VAL A 504 -33.72 14.29 37.30
N THR A 505 -32.88 14.86 38.14
CA THR A 505 -32.82 14.47 39.54
C THR A 505 -32.75 15.78 40.26
N THR A 506 -33.59 15.97 41.27
CA THR A 506 -33.54 17.20 42.03
C THR A 506 -33.45 16.77 43.47
N VAL A 507 -32.61 17.44 44.24
CA VAL A 507 -32.44 17.13 45.65
C VAL A 507 -32.45 18.40 46.48
N ALA A 508 -32.75 18.26 47.76
CA ALA A 508 -32.79 19.39 48.65
C ALA A 508 -31.96 19.02 49.88
N ASN A 509 -31.18 19.97 50.36
CA ASN A 509 -30.35 19.74 51.52
C ASN A 509 -30.40 20.96 52.42
N GLN A 510 -30.59 20.69 53.70
CA GLN A 510 -30.68 21.73 54.72
C GLN A 510 -29.29 22.25 55.11
N LEU A 511 -29.18 23.56 55.31
CA LEU A 511 -27.92 24.17 55.75
C LEU A 511 -28.04 24.60 57.21
N LEU A 512 -27.11 24.15 58.04
CA LEU A 512 -27.13 24.48 59.46
C LEU A 512 -25.85 25.17 59.91
N PRO A 513 -25.93 25.94 61.01
CA PRO A 513 -24.81 26.68 61.60
C PRO A 513 -23.68 25.79 62.10
N PHE A 514 -22.48 26.36 62.20
CA PHE A 514 -21.32 25.61 62.70
C PHE A 514 -21.66 24.98 64.04
N GLY A 515 -21.40 23.69 64.18
CA GLY A 515 -21.67 23.04 65.45
C GLY A 515 -22.97 22.26 65.61
N THR A 516 -23.97 22.52 64.77
CA THR A 516 -25.23 21.79 64.90
C THR A 516 -25.01 20.28 64.77
N PRO A 517 -25.51 19.51 65.75
CA PRO A 517 -25.38 18.04 65.79
C PRO A 517 -25.87 17.32 64.54
N ALA A 518 -26.92 17.86 63.91
CA ALA A 518 -27.47 17.26 62.69
C ALA A 518 -26.37 17.01 61.68
N ILE A 519 -25.54 18.04 61.48
CA ILE A 519 -24.44 17.96 60.52
C ILE A 519 -23.61 16.72 60.70
N ALA A 520 -22.98 16.58 61.88
CA ALA A 520 -22.14 15.41 62.17
C ALA A 520 -22.88 14.11 61.95
N ALA A 521 -24.20 14.14 62.11
CA ALA A 521 -25.03 12.97 61.92
C ALA A 521 -25.32 12.67 60.46
N SER A 522 -25.30 13.71 59.62
CA SER A 522 -25.57 13.56 58.19
C SER A 522 -24.35 13.06 57.42
N PHE A 523 -23.28 12.74 58.13
CA PHE A 523 -22.06 12.27 57.48
C PHE A 523 -22.23 10.84 56.98
N ASP A 524 -21.95 10.65 55.69
CA ASP A 524 -22.03 9.35 55.03
C ASP A 524 -20.55 8.95 54.84
N GLN A 525 -20.03 8.17 55.78
CA GLN A 525 -18.63 7.77 55.69
C GLN A 525 -18.28 6.89 54.51
N GLU A 526 -19.25 6.17 53.95
CA GLU A 526 -18.94 5.35 52.79
C GLU A 526 -18.81 6.30 51.61
N ALA A 527 -19.75 7.23 51.49
CA ALA A 527 -19.70 8.20 50.41
C ALA A 527 -18.41 9.03 50.51
N ALA A 528 -18.13 9.57 51.70
CA ALA A 528 -16.93 10.38 51.92
C ALA A 528 -15.66 9.65 51.49
N ALA A 529 -15.53 8.39 51.89
CA ALA A 529 -14.36 7.63 51.53
C ALA A 529 -14.22 7.46 50.01
N VAL A 530 -15.34 7.21 49.32
CA VAL A 530 -15.26 7.01 47.88
C VAL A 530 -14.89 8.28 47.15
N LEU A 531 -15.53 9.40 47.50
CA LEU A 531 -15.20 10.67 46.85
C LEU A 531 -13.77 11.11 47.16
N MET A 532 -13.32 10.82 48.38
CA MET A 532 -11.96 11.19 48.78
C MET A 532 -10.94 10.39 47.98
N ALA A 533 -11.29 9.15 47.67
CA ALA A 533 -10.40 8.28 46.90
C ALA A 533 -10.44 8.76 45.46
N ARG A 534 -11.61 9.19 45.03
CA ARG A 534 -11.81 9.70 43.69
C ARG A 534 -10.84 10.90 43.54
N ILE A 535 -10.89 11.85 44.49
CA ILE A 535 -9.99 13.00 44.49
C ILE A 535 -8.52 12.56 44.54
N ALA A 536 -8.26 11.47 45.25
CA ALA A 536 -6.90 10.98 45.36
C ALA A 536 -6.40 10.45 44.01
N VAL A 537 -7.25 9.71 43.30
CA VAL A 537 -6.87 9.17 42.00
C VAL A 537 -6.66 10.32 41.02
N HIS A 538 -7.52 11.33 41.10
CA HIS A 538 -7.40 12.49 40.23
C HIS A 538 -6.06 13.17 40.47
N LYS A 539 -5.75 13.43 41.74
CA LYS A 539 -4.48 14.04 42.09
C LYS A 539 -3.34 13.16 41.55
N ALA A 540 -3.35 11.89 41.93
CA ALA A 540 -2.32 10.96 41.49
C ALA A 540 -2.21 10.88 39.98
N GLU A 541 -3.28 11.20 39.27
CA GLU A 541 -3.25 11.15 37.81
C GLU A 541 -2.72 12.46 37.26
N THR A 542 -2.58 13.44 38.15
CA THR A 542 -2.12 14.76 37.76
C THR A 542 -0.79 15.09 38.46
N ASP A 547 2.65 11.58 49.10
CA ASP A 547 2.19 12.96 48.98
C ASP A 547 0.68 13.06 48.76
N VAL A 548 0.12 12.07 48.06
CA VAL A 548 -1.33 12.03 47.87
C VAL A 548 -1.78 11.36 49.17
N ILE A 549 -0.94 10.44 49.65
CA ILE A 549 -1.20 9.71 50.88
C ILE A 549 -0.98 10.65 52.06
N ARG A 550 -0.04 11.58 51.88
CA ARG A 550 0.26 12.57 52.92
C ARG A 550 -1.02 13.41 53.04
N TRP A 551 -1.64 13.67 51.90
CA TRP A 551 -2.88 14.44 51.88
C TRP A 551 -4.00 13.62 52.55
N LEU A 552 -4.03 12.33 52.25
CA LEU A 552 -5.05 11.44 52.81
C LEU A 552 -4.91 11.41 54.32
N ASP A 553 -3.66 11.27 54.78
CA ASP A 553 -3.39 11.23 56.21
C ASP A 553 -3.75 12.54 56.88
N ARG A 554 -3.41 13.68 56.28
CA ARG A 554 -3.75 14.95 56.90
C ARG A 554 -5.25 15.18 57.03
N THR A 555 -5.97 14.96 55.93
CA THR A 555 -7.41 15.13 55.98
C THR A 555 -8.02 14.26 57.07
N LEU A 556 -7.62 12.98 57.11
CA LEU A 556 -8.14 12.06 58.12
C LEU A 556 -7.89 12.67 59.51
N ILE A 557 -6.65 13.07 59.76
CA ILE A 557 -6.31 13.64 61.06
C ILE A 557 -7.12 14.90 61.33
N LYS A 558 -7.31 15.73 60.33
CA LYS A 558 -8.07 16.95 60.54
C LYS A 558 -9.55 16.62 60.77
N LEU A 559 -10.06 15.61 60.06
CA LEU A 559 -11.46 15.22 60.23
C LEU A 559 -11.72 14.68 61.64
N CYS A 560 -10.81 13.85 62.12
CA CYS A 560 -10.95 13.27 63.45
C CYS A 560 -10.81 14.29 64.55
N GLN A 561 -9.86 15.21 64.41
CA GLN A 561 -9.67 16.24 65.41
C GLN A 561 -10.98 16.97 65.65
N LYS A 562 -11.69 17.24 64.56
CA LYS A 562 -12.97 17.94 64.69
C LYS A 562 -14.09 17.06 65.20
N TYR A 563 -14.23 15.86 64.64
CA TYR A 563 -15.33 15.02 65.03
C TYR A 563 -15.14 13.99 66.13
N ALA A 564 -13.90 13.65 66.43
CA ALA A 564 -13.68 12.68 67.49
C ALA A 564 -13.83 13.36 68.86
N ASP A 565 -14.27 12.60 69.85
CA ASP A 565 -14.39 13.14 71.19
C ASP A 565 -13.18 12.58 71.90
N TYR A 566 -12.50 13.42 72.67
CA TYR A 566 -11.31 12.95 73.35
C TYR A 566 -10.79 14.00 74.30
N ASN A 567 -9.70 13.68 74.99
CA ASN A 567 -9.07 14.61 75.90
C ASN A 567 -7.69 14.89 75.33
N LYS A 568 -7.40 16.17 75.12
CA LYS A 568 -6.11 16.55 74.58
C LYS A 568 -5.03 15.69 75.24
N ASP A 569 -4.03 15.31 74.45
CA ASP A 569 -2.91 14.52 74.96
C ASP A 569 -3.28 13.23 75.71
N ASP A 570 -4.39 12.60 75.35
CA ASP A 570 -4.80 11.34 75.98
C ASP A 570 -5.31 10.43 74.88
N PRO A 571 -4.39 9.83 74.12
CA PRO A 571 -4.74 8.93 73.02
C PRO A 571 -5.86 7.94 73.29
N GLN A 572 -5.68 7.13 74.32
CA GLN A 572 -6.66 6.10 74.66
C GLN A 572 -8.07 6.57 74.97
N SER A 573 -8.34 7.87 74.89
CA SER A 573 -9.69 8.38 75.15
C SER A 573 -10.42 8.72 73.85
N PHE A 574 -9.73 8.50 72.74
CA PHE A 574 -10.23 8.76 71.38
C PHE A 574 -11.45 7.90 70.99
N ARG A 575 -12.57 8.55 70.68
CA ARG A 575 -13.78 7.83 70.27
C ARG A 575 -14.44 8.53 69.10
N LEU A 576 -14.88 7.73 68.13
CA LEU A 576 -15.54 8.23 66.93
C LEU A 576 -16.93 7.64 66.87
N ALA A 577 -17.94 8.49 66.70
CA ALA A 577 -19.32 8.01 66.61
C ALA A 577 -19.42 6.83 65.63
N PRO A 578 -20.39 5.94 65.84
CA PRO A 578 -20.52 4.81 64.91
C PRO A 578 -20.55 5.22 63.43
N ASN A 579 -21.01 6.44 63.17
CA ASN A 579 -21.11 6.89 61.79
C ASN A 579 -19.83 7.49 61.18
N PHE A 580 -18.76 7.56 61.98
CA PHE A 580 -17.45 8.06 61.53
C PHE A 580 -16.45 6.93 61.78
N SER A 581 -16.82 6.01 62.66
CA SER A 581 -15.94 4.91 63.04
C SER A 581 -15.34 4.08 61.92
N LEU A 582 -15.94 4.10 60.73
CA LEU A 582 -15.38 3.32 59.62
C LEU A 582 -14.42 4.08 58.71
N TYR A 583 -14.63 5.38 58.59
CA TYR A 583 -13.78 6.20 57.73
C TYR A 583 -12.27 5.92 57.82
N PRO A 584 -11.69 5.93 59.05
CA PRO A 584 -10.25 5.68 59.26
C PRO A 584 -9.79 4.36 58.66
N GLN A 585 -10.66 3.36 58.80
CA GLN A 585 -10.41 2.03 58.29
C GLN A 585 -10.33 2.12 56.77
N PHE A 586 -11.32 2.79 56.17
CA PHE A 586 -11.38 2.99 54.74
C PHE A 586 -10.13 3.71 54.25
N THR A 587 -9.70 4.73 54.99
CA THR A 587 -8.48 5.46 54.64
C THR A 587 -7.34 4.44 54.65
N TYR A 588 -7.21 3.74 55.78
CA TYR A 588 -6.15 2.74 55.95
C TYR A 588 -6.02 1.82 54.74
N TYR A 589 -7.15 1.28 54.28
CA TYR A 589 -7.13 0.39 53.13
C TYR A 589 -6.88 1.09 51.82
N LEU A 590 -7.49 2.25 51.64
CA LEU A 590 -7.33 3.03 50.43
C LEU A 590 -5.87 3.35 50.19
N ARG A 591 -5.20 3.92 51.19
CA ARG A 591 -3.80 4.28 51.02
C ARG A 591 -2.89 3.14 50.59
N ARG A 592 -3.32 1.90 50.76
CA ARG A 592 -2.49 0.77 50.32
C ARG A 592 -3.19 -0.12 49.28
N SER A 593 -4.12 0.48 48.55
CA SER A 593 -4.89 -0.24 47.53
C SER A 593 -4.16 -0.31 46.18
N GLN A 594 -4.76 -1.06 45.25
CA GLN A 594 -4.18 -1.26 43.92
C GLN A 594 -3.98 -0.01 43.08
N PHE A 595 -4.83 0.99 43.26
CA PHE A 595 -4.73 2.20 42.44
C PHE A 595 -4.02 3.42 43.05
N LEU A 596 -3.68 3.38 44.33
CA LEU A 596 -2.95 4.50 44.92
C LEU A 596 -1.50 4.12 45.13
N SER A 597 -1.26 2.98 45.76
CA SER A 597 0.09 2.48 46.01
C SER A 597 0.39 1.47 44.92
N VAL A 598 0.81 1.98 43.77
CA VAL A 598 1.10 1.16 42.61
C VAL A 598 2.47 0.48 42.67
N PHE A 599 2.77 -0.17 43.79
CA PHE A 599 4.04 -0.85 43.95
C PHE A 599 4.15 -2.03 42.97
N ASN A 600 3.50 -3.14 43.30
CA ASN A 600 3.52 -4.34 42.46
C ASN A 600 2.49 -4.27 41.32
N ASN A 601 2.58 -3.19 40.56
CA ASN A 601 1.69 -2.92 39.45
C ASN A 601 2.47 -2.50 38.20
N SER A 602 1.97 -2.85 37.02
CA SER A 602 2.61 -2.45 35.77
C SER A 602 1.85 -1.19 35.39
N PRO A 603 2.50 -0.24 34.71
CA PRO A 603 1.79 0.99 34.35
C PRO A 603 0.37 0.79 33.83
N ASP A 604 0.15 -0.30 33.10
CA ASP A 604 -1.15 -0.59 32.53
C ASP A 604 -2.16 -1.11 33.53
N GLU A 605 -1.70 -1.88 34.50
CA GLU A 605 -2.63 -2.39 35.51
C GLU A 605 -3.17 -1.18 36.22
N THR A 606 -2.29 -0.25 36.55
CA THR A 606 -2.68 0.97 37.24
C THR A 606 -3.75 1.74 36.47
N ALA A 607 -3.49 2.00 35.19
CA ALA A 607 -4.46 2.72 34.38
C ALA A 607 -5.78 1.94 34.39
N PHE A 608 -5.68 0.63 34.21
CA PHE A 608 -6.86 -0.22 34.19
C PHE A 608 -7.65 -0.01 35.47
N TYR A 609 -7.05 -0.36 36.59
CA TYR A 609 -7.71 -0.22 37.90
C TYR A 609 -8.34 1.17 38.11
N ARG A 610 -7.58 2.21 37.79
CA ARG A 610 -8.07 3.57 37.97
C ARG A 610 -9.24 3.91 37.05
N HIS A 611 -9.22 3.41 35.83
CA HIS A 611 -10.29 3.68 34.87
C HIS A 611 -11.60 3.21 35.45
N ILE A 612 -11.60 1.98 35.94
CA ILE A 612 -12.79 1.40 36.53
C ILE A 612 -13.22 2.18 37.76
N PHE A 613 -12.27 2.40 38.68
CA PHE A 613 -12.57 3.10 39.93
C PHE A 613 -13.26 4.45 39.79
N THR A 614 -12.88 5.22 38.77
CA THR A 614 -13.49 6.54 38.57
C THR A 614 -14.75 6.46 37.73
N ARG A 615 -15.34 5.27 37.68
CA ARG A 615 -16.54 5.03 36.91
C ARG A 615 -17.58 4.37 37.79
N GLU A 616 -17.14 3.41 38.59
CA GLU A 616 -18.04 2.65 39.45
C GLU A 616 -18.71 3.43 40.60
N ASP A 617 -19.75 2.82 41.19
CA ASP A 617 -20.53 3.42 42.29
C ASP A 617 -19.95 3.28 43.71
N THR A 618 -20.73 3.69 44.70
CA THR A 618 -20.30 3.66 46.11
C THR A 618 -20.05 2.25 46.61
N THR A 619 -21.03 1.39 46.39
CA THR A 619 -20.95 0.00 46.81
C THR A 619 -19.72 -0.70 46.27
N ASN A 620 -19.56 -0.67 44.95
CA ASN A 620 -18.42 -1.32 44.32
C ASN A 620 -17.10 -0.64 44.57
N SER A 621 -17.11 0.69 44.67
CA SER A 621 -15.89 1.42 44.92
C SER A 621 -15.30 0.99 46.26
N LEU A 622 -16.16 0.76 47.25
CA LEU A 622 -15.70 0.34 48.56
C LEU A 622 -15.00 -1.01 48.47
N ILE A 623 -15.56 -1.95 47.71
CA ILE A 623 -14.93 -3.25 47.57
C ILE A 623 -13.55 -3.02 46.95
N MET A 624 -13.42 -2.00 46.11
CA MET A 624 -12.11 -1.73 45.52
C MET A 624 -11.15 -1.23 46.60
N ILE A 625 -11.65 -0.39 47.51
CA ILE A 625 -10.82 0.14 48.59
C ILE A 625 -10.54 -0.96 49.62
N GLN A 626 -11.60 -1.39 50.29
CA GLN A 626 -11.49 -2.44 51.30
C GLN A 626 -12.13 -3.70 50.75
N PRO A 627 -11.32 -4.63 50.22
CA PRO A 627 -11.82 -5.90 49.68
C PRO A 627 -12.59 -6.69 50.73
N THR A 628 -13.52 -7.52 50.31
CA THR A 628 -14.26 -8.28 51.29
C THR A 628 -13.73 -9.70 51.41
N LEU A 629 -13.92 -10.28 52.60
CA LEU A 629 -13.48 -11.63 52.88
C LEU A 629 -14.59 -12.31 53.67
N THR A 630 -15.07 -13.43 53.13
CA THR A 630 -16.14 -14.17 53.77
C THR A 630 -15.63 -15.58 54.05
N SER A 631 -15.91 -16.07 55.24
CA SER A 631 -15.47 -17.39 55.66
C SER A 631 -16.62 -18.36 55.61
N PHE A 632 -16.39 -19.56 55.07
CA PHE A 632 -17.43 -20.59 54.99
C PHE A 632 -16.93 -21.84 55.72
N SER A 633 -17.84 -22.56 56.37
CA SER A 633 -17.49 -23.77 57.11
C SER A 633 -18.65 -24.76 57.16
N MET A 634 -18.39 -25.96 57.66
CA MET A 634 -19.40 -27.01 57.76
C MET A 634 -20.48 -26.68 58.78
N GLU A 635 -20.08 -26.05 59.89
CA GLU A 635 -21.03 -25.75 60.95
C GLU A 635 -21.30 -24.29 61.27
N ASP A 636 -21.42 -23.47 60.22
CA ASP A 636 -21.69 -22.05 60.39
C ASP A 636 -22.29 -21.52 59.12
N ASP A 637 -22.66 -20.24 59.16
CA ASP A 637 -23.21 -19.58 57.97
C ASP A 637 -22.12 -18.64 57.49
N PRO A 638 -22.15 -18.29 56.19
CA PRO A 638 -21.12 -17.38 55.68
C PRO A 638 -20.97 -16.23 56.68
N GLN A 639 -19.73 -15.87 56.98
CA GLN A 639 -19.50 -14.81 57.94
C GLN A 639 -18.27 -13.97 57.66
N PRO A 640 -18.42 -12.64 57.69
CA PRO A 640 -17.37 -11.63 57.45
C PRO A 640 -16.17 -11.79 58.37
N VAL A 641 -14.97 -11.75 57.82
CA VAL A 641 -13.76 -11.88 58.64
C VAL A 641 -12.73 -10.77 58.41
N LEU A 642 -11.89 -10.55 59.41
CA LEU A 642 -10.86 -9.52 59.31
C LEU A 642 -9.85 -9.88 58.23
N LEU A 643 -9.56 -8.93 57.35
CA LEU A 643 -8.61 -9.12 56.26
C LEU A 643 -7.18 -9.44 56.71
N ASP A 644 -7.04 -10.47 57.53
CA ASP A 644 -5.74 -10.84 58.06
C ASP A 644 -5.54 -12.36 58.13
N SER A 645 -4.29 -12.80 58.32
CA SER A 645 -3.94 -14.22 58.40
C SER A 645 -4.76 -14.98 59.43
N ILE A 646 -5.19 -14.28 60.48
CA ILE A 646 -5.98 -14.91 61.52
C ILE A 646 -6.99 -15.85 60.90
N SER A 647 -7.80 -15.29 60.01
CA SER A 647 -8.86 -16.02 59.33
C SER A 647 -8.47 -17.09 58.29
N VAL A 648 -7.17 -17.38 58.16
CA VAL A 648 -6.75 -18.42 57.22
C VAL A 648 -6.74 -19.72 58.02
N LYS A 649 -7.82 -20.47 57.94
CA LYS A 649 -7.95 -21.72 58.68
C LYS A 649 -8.18 -22.96 57.82
N PRO A 650 -7.63 -24.11 58.26
CA PRO A 650 -7.68 -25.44 57.64
C PRO A 650 -9.07 -25.93 57.23
N ASN A 651 -10.00 -25.85 58.17
CA ASN A 651 -11.36 -26.31 57.96
C ASN A 651 -12.35 -25.33 57.31
N THR A 652 -11.87 -24.19 56.82
CA THR A 652 -12.80 -23.23 56.20
C THR A 652 -12.43 -22.93 54.76
N ILE A 653 -13.34 -22.21 54.11
CA ILE A 653 -13.16 -21.76 52.73
C ILE A 653 -13.31 -20.25 52.77
N LEU A 654 -12.41 -19.54 52.09
CA LEU A 654 -12.47 -18.08 52.05
C LEU A 654 -12.84 -17.56 50.66
N LEU A 655 -13.57 -16.44 50.65
CA LEU A 655 -13.97 -15.76 49.42
C LEU A 655 -13.49 -14.31 49.55
N LEU A 656 -12.53 -13.94 48.72
CA LEU A 656 -11.97 -12.59 48.70
C LEU A 656 -12.48 -11.88 47.46
N ASP A 657 -13.01 -10.66 47.65
CA ASP A 657 -13.52 -9.86 46.56
C ASP A 657 -12.79 -8.52 46.42
N THR A 658 -11.95 -8.43 45.40
CA THR A 658 -11.18 -7.23 45.11
C THR A 658 -11.88 -6.43 44.00
N PHE A 659 -12.98 -7.00 43.52
CA PHE A 659 -13.80 -6.48 42.43
C PHE A 659 -13.12 -6.85 41.11
N PHE A 660 -11.80 -6.67 41.05
CA PHE A 660 -11.05 -7.01 39.86
C PHE A 660 -10.78 -8.49 39.94
N PHE A 661 -10.78 -9.03 41.16
CA PHE A 661 -10.55 -10.43 41.38
C PHE A 661 -11.53 -11.02 42.38
N ILE A 662 -11.89 -12.29 42.16
CA ILE A 662 -12.73 -13.05 43.07
C ILE A 662 -11.87 -14.30 43.29
N LEU A 663 -11.44 -14.53 44.53
CA LEU A 663 -10.61 -15.67 44.83
C LEU A 663 -11.24 -16.57 45.89
N ILE A 664 -11.17 -17.88 45.64
CA ILE A 664 -11.72 -18.86 46.57
C ILE A 664 -10.59 -19.79 47.04
N TYR A 665 -10.19 -19.56 48.29
CA TYR A 665 -9.12 -20.33 48.92
C TYR A 665 -9.71 -21.35 49.89
N HIS A 666 -9.36 -22.62 49.68
CA HIS A 666 -9.82 -23.72 50.53
C HIS A 666 -8.74 -24.04 51.54
N GLY A 667 -9.11 -24.21 52.81
CA GLY A 667 -8.09 -24.54 53.81
C GLY A 667 -7.52 -25.91 53.55
N GLU A 668 -6.39 -26.25 54.17
CA GLU A 668 -5.78 -27.56 53.94
C GLU A 668 -6.76 -28.72 54.03
N GLN A 669 -7.39 -28.85 55.19
CA GLN A 669 -8.36 -29.91 55.45
C GLN A 669 -9.37 -30.06 54.33
N ILE A 670 -10.18 -29.02 54.15
CA ILE A 670 -11.19 -29.02 53.14
C ILE A 670 -10.59 -29.23 51.77
N ALA A 671 -9.40 -28.68 51.55
CA ALA A 671 -8.74 -28.86 50.26
C ALA A 671 -8.56 -30.36 50.05
N GLN A 672 -8.04 -31.03 51.09
CA GLN A 672 -7.80 -32.46 51.08
C GLN A 672 -9.10 -33.26 50.84
N TRP A 673 -10.11 -32.97 51.65
CA TRP A 673 -11.40 -33.65 51.53
C TRP A 673 -11.95 -33.51 50.11
N ARG A 674 -11.89 -32.29 49.60
CA ARG A 674 -12.35 -31.99 48.26
C ARG A 674 -11.37 -32.62 47.30
N LYS A 675 -10.10 -32.48 47.63
CA LYS A 675 -9.00 -33.00 46.82
C LYS A 675 -9.25 -34.42 46.35
N ALA A 676 -10.27 -35.07 46.89
CA ALA A 676 -10.57 -36.43 46.48
C ALA A 676 -11.84 -37.07 47.05
N GLY A 677 -12.95 -36.93 46.34
CA GLY A 677 -14.17 -37.61 46.76
C GLY A 677 -15.44 -37.05 47.38
N TYR A 678 -15.49 -37.08 48.71
CA TYR A 678 -16.64 -36.66 49.51
C TYR A 678 -17.77 -35.89 48.79
N GLN A 679 -17.44 -34.72 48.27
CA GLN A 679 -18.38 -33.89 47.53
C GLN A 679 -19.31 -34.70 46.61
N ASP A 680 -18.74 -35.69 45.91
CA ASP A 680 -19.49 -36.54 44.98
C ASP A 680 -20.20 -37.65 45.72
N ASP A 681 -20.12 -37.65 47.03
CA ASP A 681 -20.78 -38.68 47.77
C ASP A 681 -22.11 -38.24 48.38
N PRO A 682 -23.24 -38.79 47.86
CA PRO A 682 -24.61 -38.51 48.30
C PRO A 682 -24.78 -38.08 49.73
N GLN A 683 -24.20 -38.89 50.60
CA GLN A 683 -24.26 -38.65 52.02
C GLN A 683 -23.45 -37.42 52.45
N TYR A 684 -22.37 -37.13 51.74
CA TYR A 684 -21.58 -35.95 52.09
C TYR A 684 -22.12 -34.74 51.30
N ALA A 685 -23.44 -34.64 51.24
CA ALA A 685 -24.12 -33.54 50.56
C ALA A 685 -23.85 -32.22 51.29
N ASP A 686 -23.60 -32.31 52.59
CA ASP A 686 -23.32 -31.10 53.35
C ASP A 686 -21.96 -30.55 52.97
N PHE A 687 -21.01 -31.43 52.74
CA PHE A 687 -19.68 -31.01 52.34
C PHE A 687 -19.83 -30.31 51.00
N LYS A 688 -20.57 -30.95 50.11
CA LYS A 688 -20.81 -30.43 48.77
C LYS A 688 -21.39 -29.01 48.78
N ALA A 689 -22.37 -28.80 49.65
CA ALA A 689 -23.00 -27.49 49.76
C ALA A 689 -21.95 -26.47 50.19
N LEU A 690 -21.03 -26.91 51.06
CA LEU A 690 -19.97 -26.05 51.56
C LEU A 690 -19.07 -25.55 50.45
N LEU A 691 -18.64 -26.48 49.59
CA LEU A 691 -17.79 -26.13 48.46
C LEU A 691 -18.55 -25.27 47.45
N GLU A 692 -19.88 -25.35 47.48
CA GLU A 692 -20.72 -24.62 46.56
C GLU A 692 -21.12 -23.22 47.02
N GLU A 693 -21.19 -22.99 48.32
CA GLU A 693 -21.62 -21.69 48.82
C GLU A 693 -20.76 -20.55 48.29
N PRO A 694 -19.42 -20.70 48.36
CA PRO A 694 -18.55 -19.64 47.84
C PRO A 694 -18.69 -19.43 46.34
N LYS A 695 -19.13 -20.45 45.61
CA LYS A 695 -19.32 -20.36 44.16
C LYS A 695 -20.67 -19.74 43.78
N LEU A 696 -21.63 -19.75 44.71
CA LEU A 696 -22.93 -19.16 44.45
C LEU A 696 -22.81 -17.67 44.78
N GLU A 697 -22.18 -17.36 45.90
CA GLU A 697 -22.00 -15.96 46.28
C GLU A 697 -21.17 -15.35 45.16
N ALA A 698 -20.17 -16.11 44.70
CA ALA A 698 -19.31 -15.67 43.61
C ALA A 698 -20.15 -15.33 42.40
N ALA A 699 -20.93 -16.31 41.95
CA ALA A 699 -21.81 -16.15 40.79
C ALA A 699 -22.80 -15.00 40.94
N GLU A 700 -23.21 -14.71 42.18
CA GLU A 700 -24.15 -13.63 42.42
C GLU A 700 -23.43 -12.28 42.29
N LEU A 701 -22.15 -12.25 42.61
CA LEU A 701 -21.37 -11.02 42.47
C LEU A 701 -21.13 -10.75 40.99
N LEU A 702 -20.71 -11.79 40.27
CA LEU A 702 -20.44 -11.72 38.84
C LEU A 702 -21.66 -11.26 38.03
N VAL A 703 -22.85 -11.42 38.61
CA VAL A 703 -24.09 -11.03 37.95
C VAL A 703 -24.29 -9.51 37.89
N ASP A 704 -24.06 -8.93 36.72
CA ASP A 704 -24.21 -7.49 36.52
C ASP A 704 -22.92 -6.73 36.66
N ARG A 705 -21.87 -7.37 37.15
CA ARG A 705 -20.60 -6.66 37.32
C ARG A 705 -19.94 -6.43 35.95
N PHE A 706 -19.26 -5.30 35.82
CA PHE A 706 -18.56 -5.01 34.57
C PHE A 706 -17.30 -4.19 34.77
N PRO A 707 -16.15 -4.66 34.24
CA PRO A 707 -16.00 -5.90 33.48
C PRO A 707 -16.10 -7.09 34.43
N LEU A 708 -15.85 -8.29 33.93
CA LEU A 708 -15.90 -9.45 34.83
C LEU A 708 -14.55 -9.59 35.49
N PRO A 709 -14.54 -9.87 36.79
CA PRO A 709 -13.28 -10.03 37.52
C PRO A 709 -12.58 -11.32 37.11
N ARG A 710 -11.31 -11.46 37.52
CA ARG A 710 -10.58 -12.67 37.23
C ARG A 710 -10.93 -13.57 38.40
N PHE A 711 -11.36 -14.79 38.08
CA PHE A 711 -11.74 -15.76 39.09
C PHE A 711 -10.53 -16.61 39.46
N ILE A 712 -10.38 -16.93 40.74
CA ILE A 712 -9.26 -17.75 41.18
C ILE A 712 -9.66 -18.80 42.20
N ASP A 713 -9.48 -20.07 41.84
CA ASP A 713 -9.77 -21.18 42.73
C ASP A 713 -8.43 -21.73 43.21
N THR A 714 -8.12 -21.48 44.47
CA THR A 714 -6.85 -21.92 45.04
C THR A 714 -7.03 -22.62 46.39
N GLU A 715 -5.93 -22.81 47.11
CA GLU A 715 -5.93 -23.48 48.40
C GLU A 715 -4.56 -23.36 49.05
N ALA A 716 -4.45 -23.85 50.29
CA ALA A 716 -3.18 -23.81 51.01
C ALA A 716 -2.21 -24.67 50.23
N GLY A 717 -1.18 -24.04 49.68
CA GLY A 717 -0.20 -24.77 48.91
C GLY A 717 -0.24 -24.33 47.46
N GLY A 718 -1.41 -23.92 46.99
CA GLY A 718 -1.53 -23.45 45.62
C GLY A 718 -0.59 -22.28 45.43
N SER A 719 -0.11 -22.10 44.21
CA SER A 719 0.81 -21.00 43.90
C SER A 719 0.11 -19.64 43.84
N GLN A 720 -1.21 -19.64 43.71
CA GLN A 720 -1.96 -18.40 43.64
C GLN A 720 -2.38 -17.91 45.02
N ALA A 721 -2.26 -18.77 46.02
CA ALA A 721 -2.62 -18.45 47.40
C ALA A 721 -1.96 -17.13 47.82
N ARG A 722 -0.92 -16.76 47.07
CA ARG A 722 -0.18 -15.53 47.34
C ARG A 722 -1.08 -14.32 47.22
N PHE A 723 -1.95 -14.31 46.22
CA PHE A 723 -2.86 -13.19 45.99
C PHE A 723 -3.65 -12.91 47.26
N LEU A 724 -4.15 -13.97 47.88
CA LEU A 724 -4.91 -13.85 49.11
C LEU A 724 -4.05 -13.33 50.25
N LEU A 725 -2.90 -13.96 50.43
CA LEU A 725 -1.97 -13.60 51.50
C LEU A 725 -1.31 -12.25 51.27
N SER A 726 -0.98 -11.94 50.02
CA SER A 726 -0.34 -10.68 49.69
C SER A 726 -1.29 -9.52 49.93
N LYS A 727 -2.42 -9.79 50.58
CA LYS A 727 -3.41 -8.77 50.87
C LYS A 727 -3.92 -8.88 52.30
N LEU A 728 -3.32 -9.78 53.06
CA LEU A 728 -3.70 -9.98 54.46
C LEU A 728 -2.70 -9.26 55.37
N VAL A 750 2.02 0.13 58.88
CA VAL A 750 1.85 -1.29 59.20
C VAL A 750 0.36 -1.58 59.41
N SER A 751 0.07 -2.66 60.14
CA SER A 751 -1.30 -3.09 60.43
C SER A 751 -2.30 -2.00 60.78
N LEU A 752 -3.57 -2.30 60.55
CA LEU A 752 -4.66 -1.38 60.86
C LEU A 752 -4.58 -1.00 62.34
N GLN A 753 -4.04 -1.90 63.15
CA GLN A 753 -3.88 -1.68 64.60
C GLN A 753 -2.93 -0.50 64.81
N ASN A 754 -1.73 -0.62 64.27
CA ASN A 754 -0.74 0.43 64.41
C ASN A 754 -1.27 1.72 63.84
N PHE A 755 -1.89 1.64 62.68
CA PHE A 755 -2.44 2.81 62.01
C PHE A 755 -3.35 3.54 62.97
N MET A 756 -4.33 2.79 63.45
CA MET A 756 -5.31 3.31 64.39
C MET A 756 -4.71 3.87 65.67
N THR A 757 -3.58 3.31 66.09
CA THR A 757 -2.94 3.79 67.32
C THR A 757 -2.20 5.10 67.05
N HIS A 758 -1.38 5.13 66.00
CA HIS A 758 -0.65 6.32 65.64
C HIS A 758 -1.66 7.42 65.36
N LEU A 759 -2.79 7.03 64.76
CA LEU A 759 -3.85 7.97 64.41
C LEU A 759 -4.43 8.66 65.62
N GLN A 760 -4.65 7.89 66.67
CA GLN A 760 -5.22 8.43 67.89
C GLN A 760 -4.27 9.40 68.59
N GLN A 761 -2.98 9.12 68.51
CA GLN A 761 -1.99 9.99 69.15
C GLN A 761 -1.93 11.37 68.51
N VAL A 762 -2.10 11.42 67.19
CA VAL A 762 -2.03 12.70 66.50
C VAL A 762 -3.33 13.50 66.65
N ALA A 763 -4.45 12.78 66.66
CA ALA A 763 -5.77 13.41 66.76
C ALA A 763 -5.98 14.16 68.08
N VAL A 764 -5.28 13.72 69.12
CA VAL A 764 -5.41 14.38 70.41
C VAL A 764 -4.32 15.43 70.64
N SER A 765 -3.42 15.58 69.65
CA SER A 765 -2.34 16.55 69.75
C SER A 765 -2.60 17.76 68.87
N GLY A 766 -1.97 18.89 69.21
CA GLY A 766 -2.15 20.11 68.45
C GLY A 766 -1.17 20.31 67.32
N GLN A 767 -1.66 20.88 66.23
CA GLN A 767 -0.84 21.17 65.03
C GLN A 767 -0.68 22.68 64.96
N ALA A 768 0.04 23.16 63.94
CA ALA A 768 0.24 24.59 63.74
C ALA A 768 -1.10 25.31 63.62
N PHE B 61 6.05 -54.06 -11.85
CA PHE B 61 7.24 -53.37 -11.25
C PHE B 61 8.54 -53.81 -11.92
N LEU B 62 9.12 -52.93 -12.73
CA LEU B 62 10.37 -53.26 -13.40
C LEU B 62 11.52 -52.33 -13.00
N THR B 63 12.64 -52.93 -12.61
CA THR B 63 13.81 -52.16 -12.22
C THR B 63 14.46 -51.62 -13.47
N PRO B 64 15.32 -50.59 -13.32
CA PRO B 64 16.01 -49.99 -14.47
C PRO B 64 16.69 -51.02 -15.38
N ALA B 65 17.14 -52.12 -14.79
CA ALA B 65 17.81 -53.19 -15.53
C ALA B 65 16.84 -54.00 -16.38
N GLN B 66 15.64 -54.22 -15.87
CA GLN B 66 14.63 -54.97 -16.60
C GLN B 66 14.09 -54.14 -17.76
N GLU B 67 14.25 -52.83 -17.66
CA GLU B 67 13.81 -51.91 -18.70
C GLU B 67 14.77 -51.96 -19.89
N GLN B 68 16.06 -51.75 -19.61
CA GLN B 68 17.05 -51.81 -20.67
C GLN B 68 16.95 -53.20 -21.31
N LEU B 69 16.76 -54.22 -20.48
CA LEU B 69 16.65 -55.60 -20.94
C LEU B 69 15.49 -55.83 -21.89
N HIS B 70 14.26 -55.65 -21.43
CA HIS B 70 13.09 -55.86 -22.27
C HIS B 70 13.20 -55.07 -23.57
N GLN B 71 13.86 -53.91 -23.50
CA GLN B 71 14.06 -53.07 -24.67
C GLN B 71 15.09 -53.71 -25.61
N GLN B 72 16.25 -54.06 -25.07
CA GLN B 72 17.31 -54.70 -25.86
C GLN B 72 16.78 -55.93 -26.58
N ILE B 73 15.87 -56.65 -25.93
CA ILE B 73 15.28 -57.86 -26.52
C ILE B 73 14.48 -57.51 -27.77
N ARG B 133 44.36 -13.45 -53.03
CA ARG B 133 43.02 -13.85 -52.60
C ARG B 133 41.95 -13.15 -53.44
N PRO B 134 40.75 -13.75 -53.51
CA PRO B 134 39.60 -13.23 -54.27
C PRO B 134 38.95 -11.95 -53.76
N MET B 135 39.75 -10.95 -53.38
CA MET B 135 39.19 -9.71 -52.87
C MET B 135 38.12 -9.10 -53.78
N ASN B 136 36.97 -8.78 -53.20
CA ASN B 136 35.86 -8.20 -53.93
C ASN B 136 36.34 -7.06 -54.82
N GLN B 137 35.80 -6.95 -56.03
CA GLN B 137 36.21 -5.87 -56.93
C GLN B 137 35.22 -4.71 -56.98
N LEU B 138 35.69 -3.56 -57.47
CA LEU B 138 34.88 -2.34 -57.60
C LEU B 138 34.15 -2.31 -58.94
N TYR B 139 32.82 -2.27 -58.91
CA TYR B 139 32.05 -2.21 -60.16
C TYR B 139 31.48 -0.79 -60.27
N PRO B 140 32.03 0.02 -61.18
CA PRO B 140 31.60 1.40 -61.40
C PRO B 140 30.17 1.59 -61.90
N ILE B 141 29.56 2.72 -61.50
CA ILE B 141 28.20 3.06 -61.89
C ILE B 141 28.06 4.57 -61.96
N ASP B 142 27.00 5.01 -62.63
CA ASP B 142 26.68 6.42 -62.74
C ASP B 142 25.29 6.56 -62.13
N LEU B 143 25.22 7.15 -60.95
CA LEU B 143 23.96 7.34 -60.24
C LEU B 143 22.92 8.04 -61.10
N LEU B 144 23.38 8.94 -61.95
CA LEU B 144 22.51 9.70 -62.85
C LEU B 144 21.92 8.86 -63.98
N THR B 145 22.60 7.77 -64.33
CA THR B 145 22.15 6.87 -65.38
C THR B 145 21.33 5.79 -64.69
N GLU B 146 21.71 5.51 -63.44
CA GLU B 146 21.06 4.49 -62.61
C GLU B 146 19.68 4.94 -62.15
N LEU B 147 19.06 5.86 -62.89
CA LEU B 147 17.73 6.38 -62.56
C LEU B 147 16.76 5.25 -62.24
N PRO B 148 15.43 5.52 -62.20
CA PRO B 148 14.60 4.36 -61.85
C PRO B 148 15.42 3.38 -61.01
N PRO B 149 16.03 3.89 -59.92
CA PRO B 149 16.87 3.09 -59.01
C PRO B 149 16.54 1.61 -59.00
N PRO B 150 17.52 0.76 -59.33
CA PRO B 150 17.30 -0.69 -59.34
C PRO B 150 16.24 -1.13 -58.32
N ILE B 151 16.45 -0.78 -57.04
CA ILE B 151 15.48 -1.11 -55.99
C ILE B 151 15.38 -2.58 -55.59
N THR B 152 15.84 -3.47 -56.47
CA THR B 152 15.81 -4.90 -56.16
C THR B 152 17.03 -5.09 -55.28
N ASP B 153 18.01 -4.23 -55.53
CA ASP B 153 19.26 -4.23 -54.79
C ASP B 153 19.03 -4.27 -53.29
N LEU B 154 17.99 -3.57 -52.85
CA LEU B 154 17.67 -3.51 -51.42
C LEU B 154 17.48 -4.89 -50.81
N THR B 155 17.42 -5.92 -51.66
CA THR B 155 17.25 -7.30 -51.19
C THR B 155 18.57 -8.06 -51.25
N LEU B 156 19.49 -7.53 -52.04
CA LEU B 156 20.80 -8.17 -52.22
C LEU B 156 21.60 -8.34 -50.93
N PRO B 157 22.35 -9.45 -50.84
CA PRO B 157 23.15 -9.63 -49.64
C PRO B 157 24.41 -8.80 -49.84
N PRO B 158 25.05 -8.38 -48.73
CA PRO B 158 26.26 -7.56 -48.78
C PRO B 158 27.48 -8.23 -49.44
N PRO B 159 28.52 -7.45 -49.79
CA PRO B 159 29.72 -8.02 -50.42
C PRO B 159 30.21 -9.20 -49.60
N PRO B 160 30.71 -10.26 -50.26
CA PRO B 160 31.19 -11.42 -49.50
C PRO B 160 32.35 -11.07 -48.58
N LEU B 161 32.53 -11.89 -47.55
CA LEU B 161 33.63 -11.71 -46.61
C LEU B 161 34.69 -12.68 -47.11
N VAL B 162 35.68 -12.17 -47.83
CA VAL B 162 36.73 -12.99 -48.41
C VAL B 162 37.63 -13.66 -47.37
N ILE B 163 37.30 -14.89 -47.01
CA ILE B 163 38.09 -15.64 -46.04
C ILE B 163 38.45 -17.02 -46.61
N PRO B 164 39.75 -17.31 -46.76
CA PRO B 164 40.28 -18.57 -47.30
C PRO B 164 39.98 -19.72 -46.35
N PRO B 165 39.60 -20.90 -46.89
CA PRO B 165 39.31 -22.04 -46.02
C PRO B 165 40.45 -22.30 -45.06
N GLU B 166 41.64 -21.84 -45.43
CA GLU B 166 42.81 -22.03 -44.59
C GLU B 166 42.64 -21.39 -43.21
N ARG B 167 41.98 -20.25 -43.15
CA ARG B 167 41.80 -19.56 -41.87
C ARG B 167 40.71 -20.14 -40.99
N MET B 168 40.02 -21.16 -41.46
CA MET B 168 38.95 -21.77 -40.68
C MET B 168 39.27 -23.21 -40.33
N LEU B 169 39.10 -23.56 -39.05
CA LEU B 169 39.38 -24.91 -38.60
C LEU B 169 38.56 -25.94 -39.38
N VAL B 170 37.28 -25.63 -39.62
CA VAL B 170 36.40 -26.53 -40.35
C VAL B 170 35.55 -25.76 -41.35
N PRO B 171 36.15 -25.34 -42.48
CA PRO B 171 35.45 -24.58 -43.51
C PRO B 171 34.05 -25.08 -43.85
N SER B 172 33.10 -24.15 -43.79
CA SER B 172 31.70 -24.43 -44.11
C SER B 172 31.04 -23.08 -44.29
N GLU B 173 29.72 -23.07 -44.44
CA GLU B 173 29.05 -21.79 -44.58
C GLU B 173 28.81 -21.20 -43.21
N LEU B 174 28.89 -22.06 -42.19
CA LEU B 174 28.65 -21.65 -40.82
C LEU B 174 29.91 -21.22 -40.06
N SER B 175 31.07 -21.33 -40.70
CA SER B 175 32.31 -20.98 -40.00
C SER B 175 32.55 -19.49 -39.82
N ASN B 176 31.75 -18.66 -40.47
CA ASN B 176 31.90 -17.21 -40.30
C ASN B 176 30.52 -16.64 -40.09
N ALA B 177 30.43 -15.60 -39.26
CA ALA B 177 29.17 -14.98 -38.92
C ALA B 177 28.27 -14.54 -40.07
N SER B 178 27.07 -15.10 -40.12
CA SER B 178 26.08 -14.78 -41.12
C SER B 178 25.65 -13.33 -40.98
N PRO B 179 25.18 -12.72 -42.08
CA PRO B 179 24.74 -11.33 -42.02
C PRO B 179 23.52 -11.24 -41.10
N ASP B 180 22.88 -12.38 -40.91
CA ASP B 180 21.70 -12.47 -40.06
C ASP B 180 21.98 -12.03 -38.63
N TYR B 181 23.15 -12.39 -38.10
CA TYR B 181 23.50 -12.02 -36.74
C TYR B 181 24.39 -10.78 -36.62
N ILE B 182 25.32 -10.60 -37.54
CA ILE B 182 26.19 -9.44 -37.46
C ILE B 182 26.55 -8.95 -38.83
N ARG B 183 26.65 -7.62 -38.97
CA ARG B 183 26.99 -7.03 -40.24
C ARG B 183 27.94 -5.85 -40.05
N SER B 184 29.17 -6.00 -40.51
CA SER B 184 30.11 -4.91 -40.41
C SER B 184 29.72 -4.00 -41.55
N THR B 185 29.95 -2.71 -41.38
CA THR B 185 29.65 -1.76 -42.42
C THR B 185 30.74 -1.95 -43.47
N LEU B 186 31.83 -2.59 -43.06
CA LEU B 186 32.96 -2.82 -43.94
C LEU B 186 33.34 -4.27 -43.96
N ASN B 187 33.27 -4.93 -45.12
CA ASN B 187 33.66 -6.33 -45.17
C ASN B 187 35.11 -6.54 -45.51
N ALA B 188 35.82 -5.44 -45.71
CA ALA B 188 37.26 -5.43 -45.98
C ALA B 188 37.68 -4.24 -45.13
N VAL B 189 38.32 -4.54 -44.01
CA VAL B 189 38.70 -3.49 -43.07
C VAL B 189 39.98 -2.74 -43.38
N PRO B 190 39.92 -1.39 -43.38
CA PRO B 190 41.11 -0.58 -43.65
C PRO B 190 42.18 -1.12 -42.72
N LYS B 191 43.40 -1.26 -43.21
CA LYS B 191 44.46 -1.82 -42.41
C LYS B 191 45.06 -0.83 -41.39
N ASN B 192 44.60 0.42 -41.42
CA ASN B 192 45.07 1.44 -40.50
C ASN B 192 44.08 2.61 -40.45
N SER B 193 44.16 3.43 -39.40
CA SER B 193 43.25 4.57 -39.22
C SER B 193 43.26 5.61 -40.34
N SER B 194 44.43 5.87 -40.90
CA SER B 194 44.54 6.84 -41.98
C SER B 194 43.66 6.42 -43.13
N LEU B 195 43.83 5.19 -43.60
CA LEU B 195 43.05 4.70 -44.71
C LEU B 195 41.56 4.74 -44.38
N LEU B 196 41.22 4.42 -43.14
CA LEU B 196 39.81 4.42 -42.73
C LEU B 196 39.26 5.84 -42.81
N LYS B 197 40.05 6.80 -42.32
CA LYS B 197 39.65 8.19 -42.33
C LYS B 197 39.45 8.75 -43.73
N LYS B 198 40.37 8.42 -44.63
CA LYS B 198 40.31 8.89 -46.01
C LYS B 198 39.06 8.36 -46.71
N SER B 199 38.71 7.11 -46.41
CA SER B 199 37.55 6.46 -47.01
C SER B 199 36.26 7.22 -46.78
N LYS B 200 36.21 7.99 -45.70
CA LYS B 200 34.99 8.73 -45.37
C LYS B 200 33.85 7.75 -45.13
N LEU B 201 34.20 6.49 -44.89
CA LEU B 201 33.21 5.45 -44.64
C LEU B 201 33.19 5.10 -43.15
N PRO B 202 32.00 4.80 -42.60
CA PRO B 202 31.86 4.44 -41.19
C PRO B 202 32.18 2.98 -40.93
N PHE B 203 32.69 2.70 -39.74
CA PHE B 203 32.99 1.33 -39.36
C PHE B 203 32.13 0.99 -38.13
N GLY B 204 31.13 0.14 -38.33
CA GLY B 204 30.27 -0.23 -37.24
C GLY B 204 29.72 -1.62 -37.47
N LEU B 205 29.20 -2.22 -36.41
CA LEU B 205 28.65 -3.55 -36.51
C LEU B 205 27.17 -3.48 -36.16
N VAL B 206 26.34 -4.00 -37.05
CA VAL B 206 24.89 -4.04 -36.85
C VAL B 206 24.69 -5.39 -36.20
N ILE B 207 24.36 -5.39 -34.91
CA ILE B 207 24.19 -6.64 -34.19
C ILE B 207 22.74 -7.05 -33.95
N ARG B 208 22.49 -8.35 -33.99
CA ARG B 208 21.15 -8.89 -33.79
C ARG B 208 21.24 -10.29 -33.20
N PRO B 209 21.48 -10.38 -31.87
CA PRO B 209 21.60 -11.63 -31.11
C PRO B 209 20.53 -12.68 -31.38
N TYR B 210 19.28 -12.22 -31.50
CA TYR B 210 18.18 -13.13 -31.74
C TYR B 210 17.45 -12.83 -33.05
N GLN B 211 17.00 -13.89 -33.72
CA GLN B 211 16.34 -13.77 -35.02
C GLN B 211 14.82 -13.81 -34.99
N HIS B 212 14.26 -14.42 -33.95
CA HIS B 212 12.81 -14.55 -33.87
C HIS B 212 12.25 -14.24 -32.49
N LEU B 213 10.95 -14.01 -32.45
CA LEU B 213 10.22 -13.71 -31.22
C LEU B 213 10.18 -14.94 -30.33
N TYR B 214 10.18 -16.11 -30.96
CA TYR B 214 10.11 -17.38 -30.22
C TYR B 214 11.37 -18.22 -30.44
N ASP B 215 12.00 -18.64 -29.36
CA ASP B 215 13.23 -19.42 -29.45
C ASP B 215 13.11 -20.84 -30.02
N ASP B 216 11.98 -21.14 -30.67
CA ASP B 216 11.80 -22.45 -31.30
C ASP B 216 12.38 -22.33 -32.69
N ILE B 217 12.00 -21.25 -33.35
CA ILE B 217 12.46 -20.97 -34.70
C ILE B 217 13.99 -20.74 -34.67
N ASP B 218 14.69 -21.36 -35.62
CA ASP B 218 16.14 -21.22 -35.80
C ASP B 218 17.11 -21.04 -34.63
N PRO B 219 16.99 -21.85 -33.58
CA PRO B 219 17.95 -21.63 -32.49
C PRO B 219 19.35 -21.98 -32.98
N PRO B 220 20.38 -21.26 -32.53
CA PRO B 220 21.75 -21.56 -32.94
C PRO B 220 22.18 -22.86 -32.27
N PRO B 221 23.30 -23.45 -32.73
CA PRO B 221 23.78 -24.68 -32.12
C PRO B 221 24.02 -24.46 -30.63
N LEU B 222 23.59 -25.40 -29.79
CA LEU B 222 23.79 -25.26 -28.35
C LEU B 222 24.67 -26.31 -27.69
N ASN B 223 25.74 -25.86 -27.04
CA ASN B 223 26.65 -26.74 -26.32
C ASN B 223 26.01 -26.97 -24.94
N GLU B 224 26.08 -28.19 -24.44
CA GLU B 224 25.49 -28.52 -23.13
C GLU B 224 26.62 -29.12 -22.32
N ASP B 225 27.68 -29.41 -23.04
CA ASP B 225 28.90 -29.96 -22.50
C ASP B 225 29.32 -29.27 -21.19
N GLY B 226 29.16 -27.95 -21.13
CA GLY B 226 29.52 -27.20 -19.94
C GLY B 226 30.95 -26.68 -19.95
N LEU B 227 31.67 -26.98 -21.03
CA LEU B 227 33.04 -26.54 -21.17
C LEU B 227 33.12 -25.30 -22.05
N ILE B 228 33.72 -24.24 -21.51
CA ILE B 228 33.88 -22.98 -22.21
C ILE B 228 35.37 -22.70 -22.24
N VAL B 229 36.00 -22.88 -23.39
CA VAL B 229 37.43 -22.64 -23.48
C VAL B 229 37.65 -21.17 -23.85
N ARG B 230 38.46 -20.48 -23.05
CA ARG B 230 38.74 -19.08 -23.30
C ARG B 230 40.21 -18.72 -23.14
N CYS B 231 40.59 -17.63 -23.79
CA CYS B 231 41.95 -17.13 -23.75
C CYS B 231 42.29 -16.64 -22.35
N ARG B 232 43.53 -16.86 -21.91
CA ARG B 232 43.98 -16.44 -20.59
C ARG B 232 44.21 -14.94 -20.51
N ARG B 233 44.53 -14.35 -21.65
CA ARG B 233 44.80 -12.93 -21.68
C ARG B 233 43.62 -12.09 -22.07
N CYS B 234 43.18 -12.18 -23.32
CA CYS B 234 42.06 -11.36 -23.77
C CYS B 234 40.69 -11.89 -23.36
N ARG B 235 40.66 -13.09 -22.79
CA ARG B 235 39.40 -13.70 -22.34
C ARG B 235 38.39 -13.97 -23.46
N SER B 236 38.85 -13.94 -24.71
CA SER B 236 37.98 -14.23 -25.83
C SER B 236 37.60 -15.70 -25.75
N TYR B 237 36.59 -16.09 -26.51
CA TYR B 237 36.19 -17.48 -26.51
C TYR B 237 36.72 -18.22 -27.74
N MET B 238 36.89 -19.52 -27.58
CA MET B 238 37.35 -20.42 -28.62
C MET B 238 36.44 -20.17 -29.85
N ASN B 239 36.99 -20.29 -31.06
CA ASN B 239 36.19 -20.02 -32.26
C ASN B 239 36.84 -20.57 -33.55
N PRO B 240 36.06 -20.67 -34.65
CA PRO B 240 36.54 -21.17 -35.94
C PRO B 240 37.87 -20.65 -36.46
N PHE B 241 38.28 -19.47 -36.04
CA PHE B 241 39.52 -18.89 -36.54
C PHE B 241 40.74 -18.99 -35.64
N VAL B 242 40.67 -19.92 -34.70
CA VAL B 242 41.78 -20.16 -33.77
C VAL B 242 42.76 -21.09 -34.49
N THR B 243 44.00 -21.12 -34.02
CA THR B 243 45.02 -21.98 -34.62
C THR B 243 45.57 -22.97 -33.62
N PHE B 244 45.50 -24.26 -33.95
CA PHE B 244 46.00 -25.30 -33.08
C PHE B 244 47.47 -25.56 -33.36
N ILE B 245 48.29 -25.29 -32.36
CA ILE B 245 49.73 -25.42 -32.44
C ILE B 245 50.27 -26.50 -31.51
N GLU B 246 51.50 -26.92 -31.77
CA GLU B 246 52.19 -27.92 -30.96
C GLU B 246 51.46 -29.25 -30.83
N GLN B 247 51.41 -29.98 -31.95
CA GLN B 247 50.75 -31.29 -32.02
C GLN B 247 49.32 -31.25 -31.45
N GLY B 248 48.69 -30.09 -31.58
CA GLY B 248 47.33 -29.91 -31.10
C GLY B 248 47.23 -29.71 -29.60
N ARG B 249 48.35 -29.64 -28.92
CA ARG B 249 48.38 -29.44 -27.47
C ARG B 249 47.96 -28.04 -27.06
N ARG B 250 48.02 -27.10 -28.01
CA ARG B 250 47.67 -25.73 -27.70
C ARG B 250 46.94 -25.00 -28.84
N TRP B 251 46.45 -23.80 -28.54
CA TRP B 251 45.76 -22.98 -29.52
C TRP B 251 46.15 -21.50 -29.44
N ARG B 252 46.20 -20.83 -30.59
CA ARG B 252 46.54 -19.41 -30.69
C ARG B 252 45.27 -18.60 -30.65
N CYS B 253 45.26 -17.55 -29.85
CA CYS B 253 44.09 -16.69 -29.79
C CYS B 253 44.16 -15.80 -31.03
N ASN B 254 43.17 -15.91 -31.90
CA ASN B 254 43.18 -15.09 -33.09
C ASN B 254 42.97 -13.65 -32.67
N PHE B 255 42.51 -13.43 -31.45
CA PHE B 255 42.29 -12.08 -30.99
C PHE B 255 43.53 -11.40 -30.43
N CYS B 256 44.29 -12.08 -29.57
CA CYS B 256 45.49 -11.45 -29.01
C CYS B 256 46.75 -12.23 -29.29
N ARG B 257 46.61 -13.34 -30.01
CA ARG B 257 47.72 -14.22 -30.39
C ARG B 257 48.51 -14.91 -29.27
N LEU B 258 47.93 -15.05 -28.09
CA LEU B 258 48.59 -15.74 -27.00
C LEU B 258 48.33 -17.27 -27.07
N ALA B 259 49.39 -18.06 -26.90
CA ALA B 259 49.25 -19.50 -26.92
C ALA B 259 48.49 -19.92 -25.65
N ASN B 260 47.60 -20.89 -25.78
CA ASN B 260 46.82 -21.37 -24.64
C ASN B 260 46.88 -22.90 -24.63
N ASP B 261 46.47 -23.52 -23.53
CA ASP B 261 46.50 -24.97 -23.46
C ASP B 261 45.13 -25.52 -23.85
N VAL B 262 45.11 -26.48 -24.77
CA VAL B 262 43.84 -27.06 -25.17
C VAL B 262 43.43 -28.05 -24.10
N PRO B 263 42.25 -27.85 -23.50
CA PRO B 263 41.75 -28.75 -22.44
C PRO B 263 41.48 -30.18 -22.97
N MET B 264 41.70 -31.17 -22.12
CA MET B 264 41.47 -32.56 -22.52
C MET B 264 40.02 -32.85 -22.87
N GLN B 265 39.08 -32.21 -22.16
CA GLN B 265 37.66 -32.41 -22.42
C GLN B 265 37.28 -32.15 -23.87
N MET B 266 38.08 -31.33 -24.54
CA MET B 266 37.87 -30.99 -25.94
C MET B 266 37.98 -32.22 -26.81
N ASP B 267 38.84 -33.14 -26.38
CA ASP B 267 39.11 -34.37 -27.11
C ASP B 267 38.40 -35.58 -26.55
N GLN B 268 37.98 -35.51 -25.29
CA GLN B 268 37.31 -36.63 -24.65
C GLN B 268 35.98 -37.02 -25.30
N SER B 269 35.56 -36.25 -26.31
CA SER B 269 34.32 -36.53 -27.04
C SER B 269 34.42 -37.94 -27.66
N ASP B 270 35.38 -38.13 -28.56
CA ASP B 270 35.62 -39.43 -29.19
C ASP B 270 37.03 -39.74 -28.71
N PRO B 271 37.13 -40.34 -27.50
CA PRO B 271 38.36 -40.74 -26.81
C PRO B 271 39.60 -41.08 -27.63
N ASN B 272 39.43 -41.81 -28.73
CA ASN B 272 40.57 -42.21 -29.55
C ASN B 272 40.61 -41.54 -30.92
N ASP B 273 39.56 -40.82 -31.27
CA ASP B 273 39.48 -40.12 -32.54
C ASP B 273 39.95 -38.70 -32.32
N PRO B 274 41.19 -38.39 -32.72
CA PRO B 274 41.80 -37.06 -32.57
C PRO B 274 40.96 -35.97 -33.21
N LYS B 275 40.26 -36.31 -34.28
CA LYS B 275 39.42 -35.36 -34.97
C LYS B 275 38.06 -35.22 -34.27
N SER B 276 38.10 -35.29 -32.94
CA SER B 276 36.90 -35.16 -32.09
C SER B 276 36.55 -33.68 -31.89
N ARG B 277 37.57 -32.86 -31.68
CA ARG B 277 37.42 -31.42 -31.49
C ARG B 277 36.56 -30.86 -32.59
N TYR B 278 37.10 -30.94 -33.79
CA TYR B 278 36.46 -30.40 -34.99
C TYR B 278 34.99 -30.74 -35.14
N ASP B 279 34.45 -31.51 -34.21
CA ASP B 279 33.04 -31.83 -34.29
C ASP B 279 32.24 -30.96 -33.29
N ARG B 280 32.95 -30.22 -32.44
CA ARG B 280 32.30 -29.35 -31.45
C ARG B 280 31.76 -28.06 -32.11
N ASN B 281 30.59 -27.61 -31.65
CA ASN B 281 29.98 -26.41 -32.22
C ASN B 281 30.83 -25.15 -32.17
N GLU B 282 31.56 -24.96 -31.08
CA GLU B 282 32.39 -23.76 -30.95
C GLU B 282 33.55 -23.74 -31.92
N ILE B 283 33.68 -24.81 -32.70
CA ILE B 283 34.74 -24.92 -33.68
C ILE B 283 34.21 -24.93 -35.13
N LYS B 284 32.96 -25.38 -35.28
CA LYS B 284 32.32 -25.45 -36.59
C LYS B 284 31.58 -24.17 -36.95
N CYS B 285 30.96 -23.55 -35.93
CA CYS B 285 30.15 -22.35 -36.15
C CYS B 285 30.64 -21.05 -35.51
N ALA B 286 30.50 -19.97 -36.27
CA ALA B 286 30.90 -18.63 -35.83
C ALA B 286 29.85 -18.10 -34.90
N VAL B 287 28.67 -18.70 -34.99
CA VAL B 287 27.54 -18.31 -34.17
C VAL B 287 27.00 -19.56 -33.49
N MET B 288 27.07 -19.59 -32.17
CA MET B 288 26.56 -20.71 -31.41
C MET B 288 26.35 -20.32 -29.95
N GLU B 289 25.83 -21.26 -29.17
CA GLU B 289 25.57 -21.01 -27.77
C GLU B 289 26.13 -22.08 -26.85
N TYR B 290 26.27 -21.74 -25.57
CA TYR B 290 26.75 -22.69 -24.58
C TYR B 290 25.81 -22.69 -23.39
N MET B 291 25.84 -23.79 -22.65
CA MET B 291 25.09 -23.96 -21.42
C MET B 291 26.21 -23.57 -20.45
N ALA B 292 26.07 -22.41 -19.81
CA ALA B 292 27.13 -21.93 -18.94
C ALA B 292 27.39 -22.75 -17.68
N PRO B 293 28.67 -22.99 -17.38
CA PRO B 293 29.12 -23.75 -16.21
C PRO B 293 28.61 -23.06 -14.95
N LYS B 294 28.76 -23.70 -13.79
CA LYS B 294 28.26 -23.11 -12.54
C LYS B 294 28.80 -21.71 -12.19
N GLU B 295 30.09 -21.49 -12.38
CA GLU B 295 30.69 -20.20 -12.03
C GLU B 295 30.14 -18.98 -12.77
N TYR B 296 29.32 -19.20 -13.78
CA TYR B 296 28.77 -18.06 -14.50
C TYR B 296 27.49 -17.58 -13.87
N THR B 297 27.18 -18.06 -12.68
CA THR B 297 25.97 -17.65 -11.97
C THR B 297 26.27 -17.30 -10.52
N LEU B 298 25.73 -16.18 -10.06
CA LEU B 298 25.92 -15.79 -8.68
C LEU B 298 24.59 -16.18 -8.04
N ARG B 299 23.52 -15.58 -8.54
CA ARG B 299 22.19 -15.90 -8.06
C ARG B 299 21.68 -17.00 -8.99
N GLN B 300 20.61 -17.69 -8.61
CA GLN B 300 20.06 -18.73 -9.46
C GLN B 300 19.21 -18.07 -10.51
N PRO B 301 19.45 -18.38 -11.80
CA PRO B 301 18.66 -17.77 -12.87
C PRO B 301 17.22 -17.49 -12.47
N PRO B 302 16.74 -16.27 -12.74
CA PRO B 302 15.39 -15.79 -12.43
C PRO B 302 14.24 -16.43 -13.19
N PRO B 303 13.03 -16.25 -12.67
CA PRO B 303 11.81 -16.77 -13.25
C PRO B 303 11.24 -15.57 -14.00
N ALA B 304 10.71 -15.78 -15.20
CA ALA B 304 10.15 -14.64 -15.91
C ALA B 304 9.12 -14.00 -14.98
N THR B 305 9.28 -12.70 -14.74
CA THR B 305 8.40 -11.95 -13.84
C THR B 305 7.80 -10.77 -14.59
N TYR B 306 6.48 -10.69 -14.61
CA TYR B 306 5.82 -9.59 -15.29
C TYR B 306 5.07 -8.73 -14.29
N CYS B 307 4.81 -7.49 -14.68
CA CYS B 307 4.07 -6.55 -13.86
C CYS B 307 3.34 -5.65 -14.83
N PHE B 308 2.03 -5.86 -14.94
CA PHE B 308 1.20 -5.08 -15.84
C PHE B 308 0.59 -3.87 -15.13
N LEU B 309 1.15 -2.71 -15.40
CA LEU B 309 0.68 -1.46 -14.82
C LEU B 309 -0.23 -0.86 -15.88
N ILE B 310 -1.54 -0.96 -15.62
CA ILE B 310 -2.56 -0.48 -16.54
C ILE B 310 -3.27 0.81 -16.12
N ASP B 311 -3.45 1.72 -17.09
CA ASP B 311 -4.15 2.98 -16.83
C ASP B 311 -5.63 2.67 -16.83
N VAL B 312 -6.31 3.15 -15.79
CA VAL B 312 -7.73 2.94 -15.61
C VAL B 312 -8.51 4.27 -15.52
N SER B 313 -7.80 5.38 -15.72
CA SER B 313 -8.41 6.70 -15.67
C SER B 313 -9.63 6.77 -16.60
N GLN B 314 -10.28 7.92 -16.67
CA GLN B 314 -11.47 8.10 -17.51
C GLN B 314 -11.20 7.84 -18.99
N SER B 315 -10.22 8.55 -19.52
CA SER B 315 -9.84 8.42 -20.93
C SER B 315 -9.67 6.95 -21.34
N SER B 316 -8.93 6.20 -20.54
CA SER B 316 -8.68 4.80 -20.82
C SER B 316 -9.94 3.96 -20.84
N ILE B 317 -11.00 4.45 -20.22
CA ILE B 317 -12.25 3.71 -20.20
C ILE B 317 -13.08 4.05 -21.43
N LYS B 318 -13.11 5.34 -21.77
CA LYS B 318 -13.84 5.85 -22.93
C LYS B 318 -13.31 5.29 -24.24
N SER B 319 -11.99 5.19 -24.34
CA SER B 319 -11.34 4.68 -25.55
C SER B 319 -11.56 3.19 -25.68
N GLY B 320 -11.75 2.51 -24.56
CA GLY B 320 -11.96 1.08 -24.59
C GLY B 320 -10.61 0.40 -24.44
N LEU B 321 -9.58 1.23 -24.37
CA LEU B 321 -8.21 0.74 -24.21
C LEU B 321 -8.11 -0.32 -23.11
N LEU B 322 -8.87 -0.13 -22.04
CA LEU B 322 -8.85 -1.07 -20.93
C LEU B 322 -9.44 -2.44 -21.24
N ALA B 323 -10.69 -2.46 -21.67
CA ALA B 323 -11.36 -3.71 -21.99
C ALA B 323 -10.49 -4.52 -22.95
N THR B 324 -9.88 -3.83 -23.91
CA THR B 324 -9.00 -4.50 -24.86
C THR B 324 -7.82 -5.15 -24.13
N THR B 325 -7.07 -4.33 -23.38
CA THR B 325 -5.91 -4.81 -22.63
C THR B 325 -6.24 -6.00 -21.74
N ILE B 326 -7.39 -5.93 -21.05
CA ILE B 326 -7.77 -7.01 -20.15
C ILE B 326 -8.19 -8.25 -20.93
N ASN B 327 -8.82 -8.03 -22.08
CA ASN B 327 -9.25 -9.14 -22.93
C ASN B 327 -8.08 -9.85 -23.57
N THR B 328 -7.21 -9.08 -24.19
CA THR B 328 -6.04 -9.63 -24.84
C THR B 328 -5.28 -10.54 -23.86
N LEU B 329 -4.90 -9.94 -22.74
CA LEU B 329 -4.15 -10.63 -21.68
C LEU B 329 -4.89 -11.89 -21.23
N LEU B 330 -6.21 -11.74 -21.10
CA LEU B 330 -7.07 -12.83 -20.66
C LEU B 330 -7.07 -14.00 -21.65
N GLN B 331 -7.15 -13.66 -22.93
CA GLN B 331 -7.16 -14.67 -23.97
C GLN B 331 -5.77 -15.16 -24.31
N ASN B 332 -4.74 -14.45 -23.86
CA ASN B 332 -3.37 -14.84 -24.15
C ASN B 332 -2.52 -15.30 -22.99
N LEU B 333 -3.14 -15.70 -21.89
CA LEU B 333 -2.37 -16.15 -20.74
C LEU B 333 -1.55 -17.38 -21.16
N ASP B 334 -2.05 -18.09 -22.16
CA ASP B 334 -1.39 -19.30 -22.65
C ASP B 334 -0.14 -18.95 -23.48
N SER B 335 -0.21 -17.80 -24.15
CA SER B 335 0.86 -17.28 -25.00
C SER B 335 2.07 -16.80 -24.20
N ILE B 336 1.84 -16.27 -23.00
CA ILE B 336 2.92 -15.79 -22.15
C ILE B 336 3.83 -16.95 -21.75
N PRO B 337 5.14 -16.82 -21.98
CA PRO B 337 6.17 -17.82 -21.68
C PRO B 337 6.11 -18.37 -20.25
N ASN B 338 6.42 -19.65 -20.11
CA ASN B 338 6.45 -20.29 -18.80
C ASN B 338 7.16 -21.64 -18.95
N HIS B 339 8.27 -21.64 -19.67
CA HIS B 339 9.03 -22.87 -19.89
C HIS B 339 9.37 -23.55 -18.57
N ASP B 340 9.99 -22.84 -17.64
CA ASP B 340 10.35 -23.46 -16.37
C ASP B 340 9.17 -23.59 -15.43
N GLU B 341 8.03 -23.03 -15.83
CA GLU B 341 6.79 -23.04 -15.06
C GLU B 341 6.83 -22.16 -13.81
N ARG B 342 7.88 -21.36 -13.71
CA ARG B 342 8.06 -20.46 -12.57
C ARG B 342 7.60 -19.03 -12.85
N THR B 343 7.03 -18.81 -14.04
CA THR B 343 6.60 -17.47 -14.40
C THR B 343 5.61 -16.81 -13.46
N ARG B 344 6.07 -15.75 -12.79
CA ARG B 344 5.24 -15.00 -11.87
C ARG B 344 4.63 -13.82 -12.62
N ILE B 345 3.53 -13.27 -12.09
CA ILE B 345 2.83 -12.16 -12.71
C ILE B 345 2.24 -11.22 -11.64
N SER B 346 2.04 -9.95 -12.00
CA SER B 346 1.49 -8.95 -11.09
C SER B 346 0.59 -8.01 -11.85
N ILE B 347 -0.30 -7.33 -11.14
CA ILE B 347 -1.19 -6.38 -11.80
C ILE B 347 -1.41 -5.11 -11.00
N LEU B 348 -1.24 -3.97 -11.65
CA LEU B 348 -1.45 -2.70 -10.99
C LEU B 348 -2.36 -1.83 -11.85
N CYS B 349 -3.54 -1.52 -11.34
CA CYS B 349 -4.47 -0.65 -12.03
C CYS B 349 -4.14 0.71 -11.43
N VAL B 350 -4.03 1.73 -12.28
CA VAL B 350 -3.65 3.05 -11.83
C VAL B 350 -4.47 4.22 -12.34
N ASP B 351 -4.75 5.14 -11.42
CA ASP B 351 -5.47 6.37 -11.68
C ASP B 351 -4.91 7.33 -10.63
N ASN B 352 -5.77 8.11 -9.96
CA ASN B 352 -5.28 9.02 -8.93
C ASN B 352 -4.65 8.18 -7.82
N ALA B 353 -4.89 6.87 -7.87
CA ALA B 353 -4.35 5.94 -6.89
C ALA B 353 -3.84 4.64 -7.53
N ILE B 354 -3.04 3.91 -6.77
CA ILE B 354 -2.45 2.65 -7.21
C ILE B 354 -3.29 1.56 -6.59
N HIS B 355 -3.75 0.62 -7.41
CA HIS B 355 -4.57 -0.48 -6.90
C HIS B 355 -3.81 -1.78 -7.04
N TYR B 356 -3.56 -2.44 -5.92
CA TYR B 356 -2.84 -3.73 -5.90
C TYR B 356 -3.89 -4.83 -5.86
N PHE B 357 -3.46 -6.08 -6.00
CA PHE B 357 -4.37 -7.21 -5.97
C PHE B 357 -3.75 -8.45 -5.35
N LYS B 358 -4.29 -8.88 -4.22
CA LYS B 358 -3.78 -10.09 -3.60
C LYS B 358 -4.44 -11.20 -4.40
N ILE B 359 -3.62 -12.09 -4.95
CA ILE B 359 -4.12 -13.22 -5.74
C ILE B 359 -3.68 -14.50 -5.07
N PRO B 360 -4.63 -15.28 -4.52
CA PRO B 360 -4.31 -16.55 -3.84
C PRO B 360 -4.06 -17.67 -4.84
N LEU B 361 -3.58 -18.80 -4.33
CA LEU B 361 -3.35 -19.97 -5.17
C LEU B 361 -4.72 -20.54 -5.51
N ASP B 362 -4.77 -21.51 -6.41
CA ASP B 362 -6.05 -22.10 -6.78
C ASP B 362 -6.42 -23.23 -5.80
N GLN B 372 -8.79 -15.24 -0.69
CA GLN B 372 -9.67 -14.73 -1.74
C GLN B 372 -9.11 -13.45 -2.40
N ILE B 373 -9.55 -13.16 -3.62
CA ILE B 373 -9.07 -11.97 -4.34
C ILE B 373 -9.52 -10.65 -3.69
N ASN B 374 -8.55 -9.79 -3.40
CA ASN B 374 -8.83 -8.50 -2.76
C ASN B 374 -8.15 -7.39 -3.55
N MET B 375 -8.67 -6.18 -3.44
CA MET B 375 -8.05 -5.06 -4.13
C MET B 375 -7.57 -4.09 -3.05
N MET B 376 -6.30 -3.69 -3.09
CA MET B 376 -5.78 -2.78 -2.09
C MET B 376 -5.51 -1.40 -2.64
N ASP B 377 -6.37 -0.46 -2.24
CA ASP B 377 -6.31 0.93 -2.68
C ASP B 377 -5.26 1.77 -1.96
N ILE B 378 -4.26 2.28 -2.68
CA ILE B 378 -3.26 3.13 -2.03
C ILE B 378 -3.18 4.49 -2.70
N ALA B 379 -3.70 5.52 -2.04
CA ALA B 379 -3.73 6.87 -2.56
C ALA B 379 -2.67 7.83 -2.00
N ASP B 380 -1.75 7.31 -1.21
CA ASP B 380 -0.67 8.13 -0.66
C ASP B 380 0.47 7.96 -1.66
N LEU B 381 0.57 8.89 -2.59
CA LEU B 381 1.57 8.81 -3.63
C LEU B 381 2.89 9.50 -3.28
N GLU B 382 3.16 9.63 -1.99
CA GLU B 382 4.39 10.30 -1.58
C GLU B 382 5.59 9.36 -1.54
N GLU B 383 5.48 8.25 -0.82
CA GLU B 383 6.55 7.27 -0.73
C GLU B 383 6.00 5.91 -1.13
N PRO B 384 6.74 5.16 -1.95
CA PRO B 384 6.24 3.85 -2.35
C PRO B 384 6.32 2.88 -1.21
N PHE B 385 5.17 2.36 -0.79
CA PHE B 385 5.14 1.38 0.29
C PHE B 385 4.19 0.32 -0.22
N LEU B 386 4.47 -0.94 0.11
CA LEU B 386 3.59 -2.01 -0.35
C LEU B 386 2.53 -2.35 0.68
N PRO B 387 1.33 -2.73 0.22
CA PRO B 387 0.17 -3.10 1.03
C PRO B 387 0.39 -4.34 1.88
N ARG B 388 0.92 -5.38 1.27
CA ARG B 388 1.18 -6.63 1.98
C ARG B 388 2.51 -7.23 1.56
N PRO B 389 2.95 -8.30 2.23
CA PRO B 389 4.23 -8.89 1.87
C PRO B 389 4.19 -10.04 0.86
N ASN B 390 3.04 -10.34 0.29
CA ASN B 390 2.98 -11.45 -0.66
C ASN B 390 1.65 -11.60 -1.38
N SER B 391 1.60 -12.56 -2.29
CA SER B 391 0.41 -12.86 -3.08
C SER B 391 0.04 -11.73 -4.01
N MET B 392 1.04 -11.08 -4.57
CA MET B 392 0.85 -10.00 -5.52
C MET B 392 1.65 -10.36 -6.76
N VAL B 393 2.85 -10.88 -6.57
CA VAL B 393 3.67 -11.33 -7.70
C VAL B 393 3.53 -12.84 -7.61
N VAL B 394 2.49 -13.36 -8.27
CA VAL B 394 2.14 -14.78 -8.23
C VAL B 394 2.47 -15.70 -9.41
N SER B 395 2.56 -16.99 -9.09
CA SER B 395 2.84 -18.03 -10.08
C SER B 395 1.73 -18.11 -11.13
N LEU B 396 2.08 -17.85 -12.39
CA LEU B 396 1.12 -17.87 -13.50
C LEU B 396 0.40 -19.22 -13.61
N LYS B 397 1.07 -20.25 -13.10
CA LYS B 397 0.52 -21.60 -13.10
C LYS B 397 -0.48 -21.70 -11.96
N ALA B 398 0.07 -21.90 -10.76
CA ALA B 398 -0.68 -22.07 -9.52
C ALA B 398 -1.79 -21.07 -9.19
N CYS B 399 -1.87 -19.95 -9.90
CA CYS B 399 -2.91 -18.96 -9.61
C CYS B 399 -3.72 -18.56 -10.83
N ARG B 400 -3.52 -19.27 -11.94
CA ARG B 400 -4.24 -18.92 -13.16
C ARG B 400 -5.73 -18.76 -12.95
N GLN B 401 -6.34 -19.77 -12.34
CA GLN B 401 -7.76 -19.76 -12.07
C GLN B 401 -8.17 -18.41 -11.51
N ASN B 402 -7.52 -18.02 -10.42
CA ASN B 402 -7.83 -16.75 -9.77
C ASN B 402 -7.44 -15.55 -10.62
N ILE B 403 -6.29 -15.63 -11.30
CA ILE B 403 -5.87 -14.52 -12.13
C ILE B 403 -6.92 -14.25 -13.21
N GLU B 404 -7.47 -15.32 -13.78
CA GLU B 404 -8.48 -15.16 -14.82
C GLU B 404 -9.69 -14.48 -14.20
N THR B 405 -10.04 -14.90 -12.99
CA THR B 405 -11.17 -14.31 -12.30
C THR B 405 -10.96 -12.81 -12.14
N LEU B 406 -9.81 -12.44 -11.57
CA LEU B 406 -9.48 -11.04 -11.34
C LEU B 406 -9.56 -10.23 -12.64
N LEU B 407 -9.03 -10.81 -13.70
CA LEU B 407 -9.05 -10.15 -15.00
C LEU B 407 -10.49 -9.89 -15.42
N THR B 408 -11.33 -10.90 -15.20
CA THR B 408 -12.74 -10.81 -15.51
C THR B 408 -13.42 -9.61 -14.86
N LYS B 409 -13.06 -9.35 -13.61
CA LYS B 409 -13.63 -8.25 -12.83
C LYS B 409 -13.17 -6.83 -13.14
N ILE B 410 -11.86 -6.64 -13.22
CA ILE B 410 -11.26 -5.33 -13.47
C ILE B 410 -12.09 -4.36 -14.33
N PRO B 411 -12.58 -4.82 -15.49
CA PRO B 411 -13.37 -3.91 -16.33
C PRO B 411 -14.64 -3.43 -15.63
N GLN B 412 -15.12 -4.23 -14.69
CA GLN B 412 -16.32 -3.92 -13.91
C GLN B 412 -15.97 -2.99 -12.76
N ILE B 413 -14.97 -3.38 -11.99
CA ILE B 413 -14.52 -2.57 -10.87
C ILE B 413 -14.36 -1.11 -11.28
N PHE B 414 -13.99 -0.87 -12.53
CA PHE B 414 -13.81 0.50 -12.99
C PHE B 414 -14.75 0.93 -14.10
N GLN B 415 -15.73 0.08 -14.38
CA GLN B 415 -16.74 0.30 -15.40
C GLN B 415 -17.07 1.76 -15.66
N SER B 416 -17.08 2.56 -14.61
CA SER B 416 -17.38 3.99 -14.78
C SER B 416 -16.57 4.82 -13.80
N ASN B 417 -15.44 5.33 -14.28
CA ASN B 417 -14.58 6.12 -13.42
C ASN B 417 -14.55 7.56 -13.90
N LEU B 418 -14.82 8.50 -13.01
CA LEU B 418 -14.80 9.91 -13.39
C LEU B 418 -13.41 10.54 -13.22
N ILE B 419 -12.52 9.80 -12.56
CA ILE B 419 -11.16 10.28 -12.32
C ILE B 419 -10.39 10.55 -13.59
N THR B 420 -9.58 11.61 -13.58
CA THR B 420 -8.82 11.99 -14.77
C THR B 420 -7.32 12.10 -14.50
N ASN B 421 -6.85 11.47 -13.43
CA ASN B 421 -5.44 11.50 -13.10
C ASN B 421 -4.88 10.12 -13.33
N PHE B 422 -3.59 10.08 -13.68
CA PHE B 422 -2.91 8.82 -13.90
C PHE B 422 -1.54 8.96 -13.26
N ALA B 423 -1.38 8.39 -12.07
CA ALA B 423 -0.13 8.45 -11.33
C ALA B 423 0.87 7.41 -11.80
N LEU B 424 1.49 7.66 -12.95
CA LEU B 424 2.46 6.75 -13.49
C LEU B 424 3.73 6.74 -12.65
N GLY B 425 4.21 7.93 -12.32
CA GLY B 425 5.42 8.04 -11.52
C GLY B 425 5.33 7.18 -10.27
N PRO B 426 4.33 7.43 -9.42
CA PRO B 426 4.15 6.65 -8.18
C PRO B 426 4.01 5.16 -8.45
N ALA B 427 3.14 4.82 -9.39
CA ALA B 427 2.90 3.43 -9.75
C ALA B 427 4.19 2.74 -10.21
N LEU B 428 4.98 3.47 -10.98
CA LEU B 428 6.24 2.97 -11.49
C LEU B 428 7.19 2.63 -10.35
N LYS B 429 7.19 3.47 -9.31
CA LYS B 429 8.05 3.27 -8.15
C LYS B 429 7.59 2.08 -7.35
N SER B 430 6.28 1.99 -7.17
CA SER B 430 5.69 0.88 -6.43
C SER B 430 6.08 -0.41 -7.14
N ALA B 431 5.88 -0.42 -8.46
CA ALA B 431 6.21 -1.57 -9.28
C ALA B 431 7.69 -1.94 -9.11
N TYR B 432 8.55 -0.94 -9.00
CA TYR B 432 9.98 -1.19 -8.81
C TYR B 432 10.18 -1.96 -7.52
N HIS B 433 9.45 -1.56 -6.48
CA HIS B 433 9.51 -2.21 -5.18
C HIS B 433 8.76 -3.52 -5.19
N LEU B 434 7.80 -3.63 -6.09
CA LEU B 434 6.98 -4.81 -6.20
C LEU B 434 7.68 -5.98 -6.90
N ILE B 435 8.50 -5.69 -7.92
CA ILE B 435 9.21 -6.77 -8.62
C ILE B 435 10.73 -6.58 -8.61
N GLY B 436 11.19 -5.50 -8.00
CA GLY B 436 12.62 -5.21 -7.95
C GLY B 436 13.47 -6.24 -7.23
N GLY B 437 12.86 -7.03 -6.36
CA GLY B 437 13.61 -8.05 -5.64
C GLY B 437 14.23 -9.04 -6.59
N VAL B 438 13.39 -9.72 -7.36
CA VAL B 438 13.85 -10.71 -8.34
C VAL B 438 14.21 -10.02 -9.66
N GLY B 439 13.60 -8.86 -9.89
CA GLY B 439 13.85 -8.12 -11.13
C GLY B 439 12.88 -8.60 -12.19
N GLY B 440 12.69 -7.84 -13.24
CA GLY B 440 11.77 -8.31 -14.25
C GLY B 440 11.39 -7.37 -15.36
N LYS B 441 10.08 -7.29 -15.61
CA LYS B 441 9.57 -6.46 -16.68
C LYS B 441 8.29 -5.74 -16.28
N ILE B 442 8.32 -4.42 -16.31
CA ILE B 442 7.12 -3.66 -16.03
C ILE B 442 6.54 -3.31 -17.41
N ILE B 443 5.35 -3.81 -17.71
CA ILE B 443 4.71 -3.49 -18.98
C ILE B 443 3.64 -2.45 -18.67
N VAL B 444 3.75 -1.28 -19.28
CA VAL B 444 2.81 -0.19 -19.05
C VAL B 444 1.84 -0.04 -20.20
N VAL B 445 0.55 0.04 -19.89
CA VAL B 445 -0.49 0.24 -20.89
C VAL B 445 -1.19 1.51 -20.44
N SER B 446 -1.22 2.53 -21.31
CA SER B 446 -1.85 3.78 -20.90
C SER B 446 -2.45 4.61 -22.02
N GLY B 447 -3.50 5.35 -21.66
CA GLY B 447 -4.19 6.22 -22.59
C GLY B 447 -4.23 7.64 -22.02
N THR B 448 -3.45 7.85 -20.97
CA THR B 448 -3.38 9.14 -20.29
C THR B 448 -1.97 9.64 -20.05
N LEU B 449 -1.77 10.93 -20.28
CA LEU B 449 -0.48 11.54 -20.04
C LEU B 449 -0.28 11.49 -18.51
N PRO B 450 0.97 11.31 -18.04
CA PRO B 450 1.20 11.26 -16.58
C PRO B 450 0.56 12.52 -15.98
N ASN B 451 -0.39 12.30 -15.08
CA ASN B 451 -1.18 13.38 -14.52
C ASN B 451 -0.94 13.83 -13.08
N LEU B 452 -0.81 12.86 -12.21
CA LEU B 452 -0.65 13.10 -10.79
C LEU B 452 0.54 12.33 -10.21
N GLY B 453 1.42 13.01 -9.49
CA GLY B 453 2.54 12.31 -8.91
C GLY B 453 3.91 12.85 -9.26
N ILE B 454 4.93 12.05 -8.97
CA ILE B 454 6.33 12.38 -9.20
C ILE B 454 6.76 12.86 -10.58
N GLY B 455 6.32 12.17 -11.62
CA GLY B 455 6.74 12.59 -12.94
C GLY B 455 5.64 13.17 -13.81
N LYS B 456 4.66 13.84 -13.20
CA LYS B 456 3.58 14.42 -13.99
C LYS B 456 4.17 15.29 -15.07
N LEU B 457 3.50 15.29 -16.22
CA LEU B 457 3.93 16.06 -17.37
C LEU B 457 2.80 16.94 -17.86
N GLN B 458 3.11 17.88 -18.74
CA GLN B 458 2.11 18.79 -19.30
C GLN B 458 2.19 18.80 -20.82
N ARG B 459 1.14 19.30 -21.47
CA ARG B 459 1.13 19.40 -22.93
C ARG B 459 2.25 20.37 -23.22
N ARG B 460 2.90 20.26 -24.37
CA ARG B 460 3.98 21.19 -24.67
C ARG B 460 3.59 22.24 -25.70
N ASN B 461 4.40 23.29 -25.81
CA ASN B 461 4.14 24.35 -26.78
C ASN B 461 4.36 23.82 -28.20
N GLU B 462 3.30 23.76 -29.00
CA GLU B 462 3.42 23.28 -30.37
C GLU B 462 2.46 24.00 -31.31
N ASN B 467 6.39 22.49 -33.99
CA ASN B 467 7.27 23.63 -33.98
C ASN B 467 8.27 23.47 -35.14
N THR B 468 9.38 24.20 -35.10
CA THR B 468 10.39 24.11 -36.15
C THR B 468 11.79 24.57 -35.71
N SER B 469 11.88 25.80 -35.22
CA SER B 469 13.15 26.36 -34.75
C SER B 469 14.04 25.42 -33.94
N LYS B 470 13.76 25.32 -32.64
CA LYS B 470 14.52 24.47 -31.72
C LYS B 470 13.55 23.44 -31.13
N GLU B 471 12.78 22.79 -31.99
CA GLU B 471 11.82 21.81 -31.52
C GLU B 471 12.43 20.62 -30.79
N THR B 472 13.74 20.46 -30.87
CA THR B 472 14.39 19.35 -30.17
C THR B 472 14.57 19.76 -28.71
N ALA B 473 15.13 20.95 -28.52
CA ALA B 473 15.37 21.49 -27.19
C ALA B 473 14.10 21.47 -26.37
N GLN B 474 12.96 21.63 -27.03
CA GLN B 474 11.69 21.68 -26.34
C GLN B 474 10.71 20.55 -26.53
N LEU B 475 10.53 20.08 -27.76
CA LEU B 475 9.55 19.02 -27.97
C LEU B 475 10.07 17.58 -27.88
N LEU B 476 11.36 17.39 -28.10
CA LEU B 476 11.91 16.05 -28.05
C LEU B 476 12.67 15.73 -26.77
N SER B 477 13.31 16.73 -26.19
CA SER B 477 14.04 16.51 -24.94
C SER B 477 13.08 16.00 -23.85
N CYS B 478 13.64 15.35 -22.84
CA CYS B 478 12.84 14.80 -21.74
C CYS B 478 12.41 15.88 -20.75
N GLN B 479 11.11 16.01 -20.53
CA GLN B 479 10.56 17.01 -19.63
C GLN B 479 11.02 16.86 -18.19
N ASP B 480 10.34 16.00 -17.43
CA ASP B 480 10.71 15.77 -16.03
C ASP B 480 11.85 14.74 -15.98
N SER B 481 12.88 15.03 -15.18
CA SER B 481 14.03 14.14 -15.10
C SER B 481 13.86 12.88 -14.26
N PHE B 482 12.63 12.59 -13.85
CA PHE B 482 12.36 11.38 -13.07
C PHE B 482 12.51 10.19 -13.99
N TYR B 483 12.13 10.38 -15.25
CA TYR B 483 12.16 9.32 -16.24
C TYR B 483 13.54 8.83 -16.62
N LYS B 484 14.56 9.62 -16.31
CA LYS B 484 15.91 9.17 -16.61
C LYS B 484 16.53 8.54 -15.38
N ASN B 485 16.27 9.10 -14.21
CA ASN B 485 16.81 8.54 -12.98
C ASN B 485 16.20 7.19 -12.68
N PHE B 486 14.94 7.00 -13.08
CA PHE B 486 14.25 5.76 -12.83
C PHE B 486 14.89 4.61 -13.56
N THR B 487 15.41 4.88 -14.75
CA THR B 487 16.08 3.86 -15.54
C THR B 487 17.43 3.49 -14.92
N ILE B 488 18.02 4.44 -14.20
CA ILE B 488 19.29 4.20 -13.52
C ILE B 488 19.06 3.30 -12.31
N ASP B 489 17.90 3.45 -11.67
CA ASP B 489 17.59 2.60 -10.53
C ASP B 489 17.21 1.21 -11.02
N CYS B 490 16.55 1.14 -12.18
CA CYS B 490 16.14 -0.16 -12.74
C CYS B 490 17.35 -1.00 -13.12
N SER B 491 18.48 -0.35 -13.36
CA SER B 491 19.67 -1.10 -13.71
C SER B 491 20.19 -1.82 -12.46
N LYS B 492 19.94 -1.25 -11.29
CA LYS B 492 20.38 -1.83 -10.03
C LYS B 492 19.63 -3.11 -9.68
N VAL B 493 18.35 -3.17 -10.05
CA VAL B 493 17.53 -4.34 -9.73
C VAL B 493 17.08 -5.16 -10.94
N GLN B 494 17.69 -4.90 -12.08
CA GLN B 494 17.37 -5.61 -13.32
C GLN B 494 15.91 -5.56 -13.74
N ILE B 495 15.35 -4.36 -13.86
CA ILE B 495 13.98 -4.21 -14.32
C ILE B 495 14.01 -3.53 -15.67
N THR B 496 13.06 -3.90 -16.53
CA THR B 496 12.94 -3.30 -17.85
C THR B 496 11.53 -2.75 -17.91
N VAL B 497 11.33 -1.73 -18.73
CA VAL B 497 10.04 -1.10 -18.86
C VAL B 497 9.59 -1.04 -20.31
N ASP B 498 8.36 -1.48 -20.57
CA ASP B 498 7.81 -1.41 -21.91
C ASP B 498 6.56 -0.53 -21.79
N LEU B 499 6.25 0.21 -22.84
CA LEU B 499 5.10 1.09 -22.81
C LEU B 499 4.24 1.00 -24.04
N PHE B 500 2.94 1.00 -23.82
CA PHE B 500 1.98 0.98 -24.91
C PHE B 500 1.15 2.21 -24.65
N LEU B 501 1.49 3.29 -25.35
CA LEU B 501 0.79 4.55 -25.21
C LEU B 501 -0.24 4.63 -26.31
N ALA B 502 -1.48 4.30 -25.99
CA ALA B 502 -2.58 4.32 -26.95
C ALA B 502 -3.61 5.40 -26.61
N SER B 503 -3.61 6.47 -27.40
CA SER B 503 -4.53 7.57 -27.15
C SER B 503 -4.60 8.65 -28.21
N GLU B 504 -5.71 9.37 -28.20
CA GLU B 504 -5.99 10.47 -29.12
C GLU B 504 -5.36 11.77 -28.64
N ASP B 505 -4.82 11.77 -27.43
CA ASP B 505 -4.21 12.97 -26.87
C ASP B 505 -2.71 12.84 -26.66
N TYR B 506 -2.08 13.98 -26.38
CA TYR B 506 -0.64 14.05 -26.13
C TYR B 506 -0.27 13.03 -25.06
N MET B 507 0.84 12.35 -25.27
CA MET B 507 1.27 11.35 -24.31
C MET B 507 2.70 11.67 -23.92
N ASP B 508 3.31 12.57 -24.69
CA ASP B 508 4.69 12.96 -24.51
C ASP B 508 5.57 11.72 -24.67
N VAL B 509 5.44 11.10 -25.83
CA VAL B 509 6.22 9.91 -26.18
C VAL B 509 7.69 10.28 -26.08
N ALA B 510 8.01 11.51 -26.49
CA ALA B 510 9.37 11.98 -26.44
C ALA B 510 10.05 11.69 -25.10
N SER B 511 9.43 12.10 -24.00
CA SER B 511 10.06 11.89 -22.70
C SER B 511 9.80 10.58 -22.01
N LEU B 512 8.73 9.89 -22.37
CA LEU B 512 8.47 8.60 -21.74
C LEU B 512 9.37 7.51 -22.35
N SER B 513 9.73 7.69 -23.61
CA SER B 513 10.59 6.74 -24.31
C SER B 513 11.84 6.43 -23.50
N ASN B 514 12.33 7.44 -22.80
CA ASN B 514 13.51 7.26 -21.99
C ASN B 514 13.44 6.04 -21.08
N LEU B 515 12.23 5.66 -20.70
CA LEU B 515 12.04 4.51 -19.83
C LEU B 515 12.48 3.23 -20.48
N SER B 516 11.88 2.94 -21.63
CA SER B 516 12.17 1.72 -22.36
C SER B 516 13.54 1.80 -23.03
N ARG B 517 13.88 2.99 -23.49
CA ARG B 517 15.15 3.22 -24.17
C ARG B 517 16.39 2.87 -23.34
N PHE B 518 16.36 3.05 -22.03
CA PHE B 518 17.53 2.74 -21.24
C PHE B 518 17.41 1.50 -20.39
N THR B 519 16.33 0.75 -20.61
CA THR B 519 16.13 -0.47 -19.85
C THR B 519 15.98 -1.64 -20.79
N ALA B 520 16.20 -1.39 -22.08
CA ALA B 520 16.09 -2.43 -23.11
C ALA B 520 14.63 -2.75 -23.43
N GLY B 521 13.71 -1.89 -23.01
CA GLY B 521 12.32 -2.14 -23.31
C GLY B 521 12.00 -1.43 -24.62
N GLN B 522 10.71 -1.28 -24.91
CA GLN B 522 10.28 -0.61 -26.13
C GLN B 522 9.04 0.27 -25.88
N THR B 523 8.95 1.37 -26.59
CA THR B 523 7.81 2.27 -26.43
C THR B 523 6.97 2.13 -27.70
N HIS B 524 5.72 1.69 -27.54
CA HIS B 524 4.81 1.52 -28.69
C HIS B 524 3.77 2.62 -28.66
N PHE B 525 3.58 3.29 -29.80
CA PHE B 525 2.62 4.39 -29.88
C PHE B 525 1.46 4.15 -30.84
N TYR B 526 0.24 4.24 -30.29
CA TYR B 526 -0.97 4.03 -31.08
C TYR B 526 -1.79 5.32 -31.18
N PRO B 527 -1.47 6.17 -32.15
CA PRO B 527 -2.17 7.44 -32.34
C PRO B 527 -3.65 7.25 -32.65
N GLY B 528 -4.47 8.13 -32.08
CA GLY B 528 -5.90 8.06 -32.30
C GLY B 528 -6.55 6.74 -31.96
N PHE B 529 -6.35 6.28 -30.74
CA PHE B 529 -6.99 5.04 -30.34
C PHE B 529 -8.37 5.39 -29.82
N SER B 530 -9.33 4.49 -30.06
CA SER B 530 -10.72 4.63 -29.61
C SER B 530 -11.51 3.48 -30.21
N GLY B 531 -12.15 2.70 -29.35
CA GLY B 531 -12.94 1.56 -29.79
C GLY B 531 -13.95 1.89 -30.89
N LYS B 532 -14.13 3.17 -31.17
CA LYS B 532 -15.05 3.63 -32.20
C LYS B 532 -14.65 3.05 -33.55
N ASN B 533 -13.39 2.68 -33.67
CA ASN B 533 -12.85 2.08 -34.88
C ASN B 533 -12.43 0.65 -34.56
N PRO B 534 -13.14 -0.35 -35.13
CA PRO B 534 -12.89 -1.77 -34.93
C PRO B 534 -11.47 -2.23 -35.24
N ASN B 535 -10.70 -1.34 -35.85
CA ASN B 535 -9.35 -1.70 -36.21
C ASN B 535 -8.32 -1.30 -35.16
N ASP B 536 -8.48 -0.14 -34.53
CA ASP B 536 -7.55 0.25 -33.48
C ASP B 536 -7.39 -0.95 -32.56
N ILE B 537 -8.51 -1.57 -32.21
CA ILE B 537 -8.49 -2.73 -31.35
C ILE B 537 -7.68 -3.89 -31.91
N VAL B 538 -7.83 -4.17 -33.20
CA VAL B 538 -7.10 -5.29 -33.81
C VAL B 538 -5.59 -5.04 -33.82
N LYS B 539 -5.18 -3.84 -34.21
CA LYS B 539 -3.76 -3.55 -34.22
C LYS B 539 -3.21 -3.71 -32.80
N PHE B 540 -3.57 -2.77 -31.92
CA PHE B 540 -3.14 -2.78 -30.53
C PHE B 540 -3.19 -4.17 -29.90
N SER B 541 -4.38 -4.76 -29.87
CA SER B 541 -4.57 -6.08 -29.28
C SER B 541 -3.65 -7.14 -29.85
N THR B 542 -3.40 -7.06 -31.16
CA THR B 542 -2.52 -8.03 -31.82
C THR B 542 -1.08 -7.80 -31.43
N GLU B 543 -0.65 -6.54 -31.47
CA GLU B 543 0.71 -6.20 -31.11
C GLU B 543 0.97 -6.56 -29.65
N PHE B 544 0.11 -6.08 -28.77
CA PHE B 544 0.23 -6.35 -27.33
C PHE B 544 0.28 -7.86 -27.11
N ALA B 545 -0.52 -8.60 -27.87
CA ALA B 545 -0.53 -10.06 -27.73
C ALA B 545 0.87 -10.62 -28.07
N LYS B 546 1.38 -10.23 -29.22
CA LYS B 546 2.69 -10.69 -29.67
C LYS B 546 3.77 -10.32 -28.66
N HIS B 547 3.70 -9.09 -28.13
CA HIS B 547 4.70 -8.60 -27.18
C HIS B 547 4.82 -9.42 -25.90
N ILE B 548 3.69 -9.87 -25.36
CA ILE B 548 3.72 -10.66 -24.12
C ILE B 548 4.07 -12.11 -24.39
N SER B 549 3.90 -12.55 -25.63
CA SER B 549 4.21 -13.93 -25.99
C SER B 549 5.67 -14.08 -26.41
N MET B 550 6.33 -12.96 -26.66
CA MET B 550 7.73 -12.96 -27.06
C MET B 550 8.60 -13.45 -25.90
N ASP B 551 9.72 -14.09 -26.22
CA ASP B 551 10.65 -14.57 -25.20
C ASP B 551 11.62 -13.45 -24.90
N PHE B 552 12.41 -13.64 -23.85
CA PHE B 552 13.44 -12.69 -23.43
C PHE B 552 14.29 -13.31 -22.35
N CYS B 553 15.52 -12.81 -22.24
CA CYS B 553 16.47 -13.27 -21.23
C CYS B 553 16.42 -12.23 -20.11
N MET B 554 17.12 -12.53 -19.02
CA MET B 554 17.19 -11.66 -17.86
C MET B 554 18.64 -11.60 -17.40
N GLU B 555 19.02 -10.51 -16.74
CA GLU B 555 20.38 -10.34 -16.26
C GLU B 555 21.38 -10.55 -17.39
N THR B 556 21.03 -10.06 -18.57
CA THR B 556 21.92 -10.23 -19.71
C THR B 556 22.88 -9.08 -19.89
N VAL B 557 24.12 -9.42 -20.19
CA VAL B 557 25.13 -8.42 -20.43
C VAL B 557 25.69 -8.79 -21.80
N MET B 558 25.77 -7.83 -22.71
CA MET B 558 26.29 -8.08 -24.04
C MET B 558 27.59 -7.36 -24.19
N ARG B 559 28.55 -8.06 -24.76
CA ARG B 559 29.87 -7.50 -24.89
C ARG B 559 30.55 -7.92 -26.17
N ALA B 560 31.34 -7.00 -26.73
CA ALA B 560 32.07 -7.24 -27.98
C ALA B 560 33.57 -7.04 -27.81
N ARG B 561 34.33 -8.00 -28.31
CA ARG B 561 35.79 -8.00 -28.27
C ARG B 561 36.36 -7.88 -29.67
N GLY B 562 37.33 -6.99 -29.87
CA GLY B 562 37.93 -6.85 -31.18
C GLY B 562 39.35 -7.37 -31.23
N SER B 563 39.77 -7.87 -32.37
CA SER B 563 41.13 -8.37 -32.51
C SER B 563 42.08 -7.18 -32.29
N THR B 564 43.38 -7.44 -32.26
CA THR B 564 44.35 -6.37 -32.04
C THR B 564 44.20 -5.25 -33.04
N GLY B 565 43.99 -4.03 -32.53
CA GLY B 565 43.84 -2.88 -33.41
C GLY B 565 42.40 -2.41 -33.55
N LEU B 566 41.45 -3.30 -33.32
CA LEU B 566 40.04 -2.94 -33.41
C LEU B 566 39.56 -2.62 -32.01
N ARG B 567 38.79 -1.55 -31.89
CA ARG B 567 38.30 -1.10 -30.59
C ARG B 567 36.86 -0.63 -30.64
N MET B 568 36.06 -1.10 -29.69
CA MET B 568 34.65 -0.71 -29.64
C MET B 568 34.57 0.64 -28.93
N SER B 569 34.04 1.66 -29.60
CA SER B 569 33.95 2.99 -28.99
C SER B 569 32.55 3.42 -28.53
N ARG B 570 31.58 3.43 -29.45
CA ARG B 570 30.21 3.83 -29.11
C ARG B 570 29.21 2.68 -29.27
N PHE B 571 28.13 2.73 -28.49
CA PHE B 571 27.12 1.68 -28.53
C PHE B 571 25.71 2.25 -28.64
N TYR B 572 25.02 1.92 -29.72
CA TYR B 572 23.66 2.41 -29.95
C TYR B 572 22.62 1.31 -29.82
N GLY B 573 21.44 1.67 -29.32
CA GLY B 573 20.35 0.73 -29.15
C GLY B 573 19.65 0.94 -27.82
N HIS B 574 18.70 0.09 -27.51
CA HIS B 574 17.99 0.19 -26.26
C HIS B 574 18.59 -0.77 -25.26
N PHE B 575 19.26 -0.22 -24.26
CA PHE B 575 19.89 -0.98 -23.20
C PHE B 575 20.55 0.00 -22.27
N PHE B 576 21.34 -0.49 -21.33
CA PHE B 576 22.02 0.38 -20.38
C PHE B 576 23.53 0.27 -20.52
N ASN B 577 24.17 1.40 -20.81
CA ASN B 577 25.61 1.45 -20.97
C ASN B 577 26.20 2.81 -20.61
N ARG B 578 27.16 2.78 -19.70
CA ARG B 578 27.83 3.99 -19.26
C ARG B 578 29.31 3.64 -19.21
N SER B 579 29.55 2.33 -19.19
CA SER B 579 30.88 1.75 -19.14
C SER B 579 31.24 1.08 -20.48
N SER B 580 32.06 1.73 -21.27
CA SER B 580 32.47 1.18 -22.56
C SER B 580 32.63 -0.34 -22.55
N ASP B 581 32.46 -0.94 -23.73
CA ASP B 581 32.58 -2.38 -23.89
C ASP B 581 31.46 -3.19 -23.27
N LEU B 582 30.63 -2.58 -22.45
CA LEU B 582 29.57 -3.36 -21.83
C LEU B 582 28.18 -2.75 -21.81
N CYS B 583 27.24 -3.44 -22.43
CA CYS B 583 25.86 -3.00 -22.47
C CYS B 583 25.07 -3.94 -21.56
N ALA B 584 24.27 -3.37 -20.68
CA ALA B 584 23.48 -4.19 -19.75
C ALA B 584 22.02 -4.26 -20.13
N PHE B 585 21.49 -5.48 -20.19
CA PHE B 585 20.11 -5.68 -20.54
C PHE B 585 19.40 -6.34 -19.38
N SER B 586 18.66 -5.56 -18.60
CA SER B 586 17.92 -6.11 -17.45
C SER B 586 17.11 -7.31 -17.98
N THR B 587 16.71 -7.21 -19.25
CA THR B 587 16.03 -8.28 -19.99
C THR B 587 16.44 -8.05 -21.46
N MET B 588 16.42 -9.10 -22.28
CA MET B 588 16.74 -8.95 -23.69
C MET B 588 15.60 -9.41 -24.60
N PRO B 589 15.02 -8.48 -25.37
CA PRO B 589 13.91 -8.75 -26.30
C PRO B 589 14.38 -9.64 -27.43
N ARG B 590 13.56 -9.77 -28.48
CA ARG B 590 13.90 -10.60 -29.63
C ARG B 590 13.62 -9.81 -30.90
N ASP B 591 13.11 -8.60 -30.72
CA ASP B 591 12.75 -7.77 -31.87
C ASP B 591 13.50 -6.46 -32.04
N GLN B 592 14.76 -6.41 -31.62
CA GLN B 592 15.53 -5.18 -31.79
C GLN B 592 16.89 -5.42 -32.38
N SER B 593 17.54 -4.34 -32.82
CA SER B 593 18.86 -4.42 -33.39
C SER B 593 19.74 -3.41 -32.68
N TYR B 594 21.03 -3.69 -32.66
CA TYR B 594 21.97 -2.80 -32.00
C TYR B 594 23.10 -2.43 -32.94
N LEU B 595 23.86 -1.41 -32.56
CA LEU B 595 24.97 -1.00 -33.39
C LEU B 595 26.15 -0.56 -32.56
N PHE B 596 27.32 -1.09 -32.90
CA PHE B 596 28.55 -0.76 -32.21
C PHE B 596 29.48 -0.04 -33.18
N GLU B 597 29.94 1.15 -32.84
CA GLU B 597 30.87 1.85 -33.71
C GLU B 597 32.25 1.30 -33.37
N VAL B 598 33.06 1.04 -34.39
CA VAL B 598 34.39 0.51 -34.14
C VAL B 598 35.46 1.45 -34.65
N ASN B 599 36.57 1.52 -33.92
CA ASN B 599 37.69 2.35 -34.30
C ASN B 599 38.88 1.47 -34.63
N VAL B 600 39.53 1.75 -35.74
CA VAL B 600 40.67 0.97 -36.12
C VAL B 600 41.94 1.64 -35.65
N ASP B 601 42.17 1.50 -34.35
CA ASP B 601 43.37 1.99 -33.66
C ASP B 601 44.28 2.91 -34.48
N GLU B 602 45.43 2.33 -34.82
CA GLU B 602 46.48 3.00 -35.58
C GLU B 602 46.65 2.16 -36.84
N SER B 603 46.92 0.87 -36.64
CA SER B 603 47.10 -0.04 -37.76
C SER B 603 46.98 -1.50 -37.33
N ILE B 604 46.56 -2.33 -38.26
CA ILE B 604 46.39 -3.75 -38.01
C ILE B 604 47.50 -4.46 -38.80
N MET B 605 48.43 -5.06 -38.07
CA MET B 605 49.54 -5.76 -38.69
C MET B 605 49.17 -7.03 -39.44
N ALA B 606 48.00 -7.60 -39.17
CA ALA B 606 47.60 -8.83 -39.83
C ALA B 606 46.73 -8.67 -41.07
N ASP B 607 46.55 -9.74 -41.82
CA ASP B 607 45.73 -9.69 -43.03
C ASP B 607 44.25 -9.89 -42.71
N TYR B 608 43.95 -10.31 -41.50
CA TYR B 608 42.57 -10.51 -41.06
C TYR B 608 42.37 -9.91 -39.68
N CYS B 609 41.16 -9.47 -39.40
CA CYS B 609 40.84 -8.91 -38.09
C CYS B 609 39.56 -9.59 -37.65
N TYR B 610 39.31 -9.62 -36.35
CA TYR B 610 38.10 -10.28 -35.88
C TYR B 610 37.35 -9.48 -34.85
N VAL B 611 36.09 -9.83 -34.69
CA VAL B 611 35.22 -9.20 -33.75
C VAL B 611 34.37 -10.29 -33.11
N GLN B 612 34.31 -10.30 -31.79
CA GLN B 612 33.52 -11.31 -31.11
C GLN B 612 32.50 -10.68 -30.17
N VAL B 613 31.24 -11.06 -30.35
CA VAL B 613 30.18 -10.55 -29.51
C VAL B 613 29.83 -11.67 -28.55
N ALA B 614 29.76 -11.33 -27.26
CA ALA B 614 29.42 -12.29 -26.23
C ALA B 614 28.20 -11.81 -25.46
N VAL B 615 27.25 -12.70 -25.27
CA VAL B 615 26.06 -12.38 -24.51
C VAL B 615 25.93 -13.38 -23.39
N LEU B 616 26.07 -12.89 -22.17
CA LEU B 616 25.93 -13.73 -20.99
C LEU B 616 24.48 -13.54 -20.63
N LEU B 617 23.72 -14.63 -20.53
CA LEU B 617 22.31 -14.46 -20.23
C LEU B 617 21.65 -15.52 -19.36
N SER B 618 20.46 -15.17 -18.87
CA SER B 618 19.63 -16.07 -18.07
C SER B 618 18.34 -16.16 -18.85
N LEU B 619 18.21 -17.26 -19.59
CA LEU B 619 17.04 -17.52 -20.44
C LEU B 619 15.78 -17.76 -19.62
N ASN B 620 14.64 -17.41 -20.19
CA ASN B 620 13.35 -17.57 -19.51
C ASN B 620 12.92 -19.01 -19.24
N ASN B 621 13.88 -19.88 -18.95
CA ASN B 621 13.60 -21.27 -18.63
C ASN B 621 14.61 -21.71 -17.58
N SER B 622 15.01 -20.74 -16.76
CA SER B 622 15.97 -20.93 -15.66
C SER B 622 17.34 -21.46 -16.07
N GLN B 623 17.82 -21.02 -17.24
CA GLN B 623 19.11 -21.45 -17.73
C GLN B 623 20.09 -20.30 -17.98
N ARG B 624 21.35 -20.51 -17.58
CA ARG B 624 22.39 -19.51 -17.80
C ARG B 624 23.11 -19.94 -19.04
N ARG B 625 23.01 -19.14 -20.08
CA ARG B 625 23.67 -19.46 -21.32
C ARG B 625 24.65 -18.38 -21.74
N ILE B 626 25.44 -18.69 -22.75
CA ILE B 626 26.40 -17.75 -23.29
C ILE B 626 26.30 -17.90 -24.81
N ARG B 627 25.88 -16.83 -25.47
CA ARG B 627 25.75 -16.85 -26.92
C ARG B 627 26.92 -16.08 -27.50
N ILE B 628 27.65 -16.70 -28.41
CA ILE B 628 28.81 -16.05 -29.03
C ILE B 628 28.64 -15.83 -30.53
N ILE B 629 29.21 -14.74 -31.02
CA ILE B 629 29.17 -14.40 -32.44
C ILE B 629 30.56 -13.90 -32.82
N THR B 630 31.26 -14.67 -33.66
CA THR B 630 32.62 -14.31 -34.09
C THR B 630 32.65 -13.98 -35.59
N LEU B 631 33.22 -12.83 -35.91
CA LEU B 631 33.29 -12.40 -37.29
C LEU B 631 34.72 -12.13 -37.72
N ALA B 632 35.09 -12.72 -38.86
CA ALA B 632 36.42 -12.54 -39.44
C ALA B 632 36.27 -11.69 -40.70
N MET B 633 37.12 -10.67 -40.81
CA MET B 633 37.11 -9.77 -41.95
C MET B 633 38.52 -9.60 -42.46
N PRO B 634 38.67 -9.53 -43.79
CA PRO B 634 40.00 -9.36 -44.40
C PRO B 634 40.44 -7.89 -44.28
N THR B 635 41.72 -7.66 -44.00
CA THR B 635 42.23 -6.28 -43.92
C THR B 635 42.72 -5.87 -45.31
N THR B 636 42.99 -4.59 -45.49
CA THR B 636 43.43 -4.12 -46.79
C THR B 636 43.92 -2.68 -46.75
N GLU B 637 44.88 -2.36 -47.61
CA GLU B 637 45.41 -1.01 -47.72
C GLU B 637 44.89 -0.40 -49.03
N SER B 638 44.01 -1.12 -49.71
CA SER B 638 43.40 -0.68 -50.95
C SER B 638 42.05 0.00 -50.76
N LEU B 639 42.04 1.32 -50.88
CA LEU B 639 40.80 2.08 -50.74
C LEU B 639 39.76 1.51 -51.70
N ALA B 640 40.21 1.03 -52.85
CA ALA B 640 39.33 0.45 -53.85
C ALA B 640 38.60 -0.72 -53.21
N GLU B 641 39.37 -1.56 -52.51
CA GLU B 641 38.84 -2.71 -51.82
C GLU B 641 37.85 -2.31 -50.72
N VAL B 642 38.23 -1.32 -49.92
CA VAL B 642 37.37 -0.84 -48.86
C VAL B 642 35.98 -0.58 -49.44
N TYR B 643 35.92 0.32 -50.41
CA TYR B 643 34.64 0.65 -51.04
C TYR B 643 33.94 -0.56 -51.65
N ALA B 644 34.70 -1.40 -52.35
CA ALA B 644 34.16 -2.57 -53.01
C ALA B 644 33.47 -3.54 -52.05
N SER B 645 33.81 -3.43 -50.77
CA SER B 645 33.26 -4.30 -49.74
C SER B 645 32.48 -3.57 -48.66
N ALA B 646 31.79 -2.50 -49.04
CA ALA B 646 31.01 -1.74 -48.08
C ALA B 646 29.57 -2.27 -48.06
N ASP B 647 28.99 -2.35 -46.86
CA ASP B 647 27.63 -2.83 -46.71
C ASP B 647 26.72 -1.60 -46.64
N GLN B 648 26.26 -1.14 -47.80
CA GLN B 648 25.40 0.04 -47.89
C GLN B 648 24.23 0.05 -46.93
N LEU B 649 23.68 -1.13 -46.63
CA LEU B 649 22.56 -1.19 -45.70
C LEU B 649 23.06 -0.93 -44.29
N ALA B 650 24.14 -1.61 -43.91
CA ALA B 650 24.73 -1.43 -42.59
C ALA B 650 25.14 0.03 -42.42
N ILE B 651 25.68 0.62 -43.48
CA ILE B 651 26.11 2.00 -43.46
C ILE B 651 24.90 2.93 -43.33
N ALA B 652 23.83 2.60 -44.06
CA ALA B 652 22.62 3.42 -44.01
C ALA B 652 22.12 3.36 -42.57
N SER B 653 22.26 2.19 -41.95
CA SER B 653 21.84 2.01 -40.57
C SER B 653 22.75 2.80 -39.64
N PHE B 654 24.05 2.76 -39.92
CA PHE B 654 25.01 3.48 -39.09
C PHE B 654 24.67 4.96 -38.99
N TYR B 655 24.37 5.58 -40.14
CA TYR B 655 24.04 7.00 -40.15
C TYR B 655 22.64 7.25 -39.61
N ASN B 656 21.77 6.28 -39.77
CA ASN B 656 20.42 6.38 -39.25
C ASN B 656 20.54 6.54 -37.73
N SER B 657 21.28 5.63 -37.09
CA SER B 657 21.49 5.66 -35.66
C SER B 657 22.19 6.94 -35.20
N LYS B 658 23.12 7.43 -36.00
CA LYS B 658 23.86 8.65 -35.68
C LYS B 658 22.99 9.89 -35.80
N ALA B 659 21.97 9.79 -36.64
CA ALA B 659 21.08 10.91 -36.84
C ALA B 659 19.99 10.90 -35.77
N VAL B 660 19.53 9.70 -35.39
CA VAL B 660 18.52 9.57 -34.36
C VAL B 660 19.11 10.07 -33.05
N GLU B 661 20.43 9.95 -32.91
CA GLU B 661 21.11 10.40 -31.71
C GLU B 661 21.14 11.93 -31.70
N LYS B 662 21.30 12.51 -32.89
CA LYS B 662 21.37 13.97 -33.05
C LYS B 662 19.99 14.61 -32.86
N ALA B 663 18.99 14.05 -33.54
CA ALA B 663 17.64 14.58 -33.47
C ALA B 663 17.16 14.66 -32.03
N LEU B 664 17.55 13.67 -31.23
CA LEU B 664 17.13 13.62 -29.83
C LEU B 664 17.95 14.41 -28.83
N ASN B 665 19.22 14.68 -29.13
CA ASN B 665 20.04 15.39 -28.17
C ASN B 665 20.60 16.71 -28.61
N SER B 666 20.66 16.92 -29.92
CA SER B 666 21.22 18.16 -30.46
C SER B 666 20.16 18.95 -31.22
N SER B 667 20.35 19.14 -32.51
CA SER B 667 19.40 19.86 -33.32
C SER B 667 18.74 18.83 -34.22
N LEU B 668 17.63 19.21 -34.85
CA LEU B 668 16.93 18.31 -35.75
C LEU B 668 17.57 18.47 -37.12
N ASP B 669 18.05 19.69 -37.38
CA ASP B 669 18.70 20.01 -38.65
C ASP B 669 20.12 19.57 -38.60
N ASP B 670 20.69 19.54 -37.40
CA ASP B 670 22.05 19.07 -37.25
C ASP B 670 22.03 17.64 -37.76
N ALA B 671 20.87 17.00 -37.58
CA ALA B 671 20.65 15.63 -38.02
C ALA B 671 20.52 15.62 -39.55
N ARG B 672 19.55 16.38 -40.04
CA ARG B 672 19.30 16.50 -41.47
C ARG B 672 20.60 16.83 -42.22
N VAL B 673 21.43 17.67 -41.63
CA VAL B 673 22.70 18.06 -42.22
C VAL B 673 23.68 16.89 -42.20
N LEU B 674 23.59 16.09 -41.15
CA LEU B 674 24.47 14.94 -41.00
C LEU B 674 24.19 13.92 -42.09
N ILE B 675 22.92 13.63 -42.31
CA ILE B 675 22.54 12.66 -43.33
C ILE B 675 22.98 13.07 -44.73
N ASN B 676 22.83 14.35 -45.03
CA ASN B 676 23.23 14.86 -46.34
C ASN B 676 24.74 14.81 -46.49
N LYS B 677 25.44 15.34 -45.49
CA LYS B 677 26.90 15.37 -45.54
C LYS B 677 27.48 13.97 -45.76
N SER B 678 26.88 12.95 -45.14
CA SER B 678 27.39 11.58 -45.29
C SER B 678 27.37 11.15 -46.76
N VAL B 679 26.29 11.52 -47.46
CA VAL B 679 26.15 11.21 -48.87
C VAL B 679 27.10 12.08 -49.68
N GLN B 680 27.30 13.32 -49.24
CA GLN B 680 28.18 14.23 -49.94
C GLN B 680 29.63 13.81 -49.89
N ASP B 681 30.15 13.68 -48.68
CA ASP B 681 31.54 13.29 -48.49
C ASP B 681 31.95 12.02 -49.22
N ILE B 682 31.03 11.06 -49.28
CA ILE B 682 31.30 9.81 -49.94
C ILE B 682 31.38 10.00 -51.46
N LEU B 683 30.36 10.64 -52.03
CA LEU B 683 30.40 10.89 -53.46
C LEU B 683 31.64 11.71 -53.79
N ALA B 684 31.97 12.64 -52.91
CA ALA B 684 33.13 13.51 -53.11
C ALA B 684 34.46 12.74 -53.06
N THR B 685 34.56 11.78 -52.14
CA THR B 685 35.78 10.99 -51.99
C THR B 685 35.95 10.03 -53.16
N TYR B 686 34.86 9.37 -53.54
CA TYR B 686 34.91 8.45 -54.65
C TYR B 686 35.49 9.21 -55.85
N LYS B 687 34.73 10.22 -56.29
CA LYS B 687 35.12 11.06 -57.40
C LYS B 687 36.58 11.48 -57.36
N LYS B 688 37.03 11.97 -56.22
CA LYS B 688 38.40 12.43 -56.08
C LYS B 688 39.49 11.37 -55.90
N GLU B 689 39.20 10.32 -55.13
CA GLU B 689 40.17 9.27 -54.85
C GLU B 689 40.10 7.97 -55.63
N ILE B 690 38.96 7.70 -56.27
CA ILE B 690 38.82 6.46 -57.02
C ILE B 690 38.65 6.61 -58.52
N VAL B 691 37.77 7.52 -58.93
CA VAL B 691 37.54 7.76 -60.36
C VAL B 691 38.88 8.11 -61.03
N VAL B 692 39.11 7.55 -62.22
CA VAL B 692 40.36 7.75 -62.93
C VAL B 692 40.37 8.84 -63.99
N SER B 693 39.26 9.03 -64.70
CA SER B 693 39.21 10.07 -65.72
C SER B 693 37.84 10.71 -65.93
N ASN B 694 37.85 12.04 -66.05
CA ASN B 694 36.63 12.82 -66.27
C ASN B 694 36.07 12.50 -67.67
N THR B 695 36.91 11.87 -68.49
CA THR B 695 36.55 11.49 -69.86
C THR B 695 35.31 10.59 -69.91
N ALA B 696 34.98 9.96 -68.78
CA ALA B 696 33.84 9.07 -68.70
C ALA B 696 32.55 9.69 -69.24
N GLY B 697 31.71 8.83 -69.83
CA GLY B 697 30.42 9.22 -70.40
C GLY B 697 30.08 10.69 -70.48
N GLY B 698 28.93 11.06 -69.93
CA GLY B 698 28.49 12.44 -69.97
C GLY B 698 28.17 13.01 -68.60
N ALA B 699 29.15 13.69 -68.02
CA ALA B 699 29.00 14.29 -66.69
C ALA B 699 28.18 13.38 -65.76
N PRO B 700 28.76 12.22 -65.38
CA PRO B 700 28.08 11.28 -64.49
C PRO B 700 28.32 11.58 -63.02
N LEU B 701 27.62 10.83 -62.17
CA LEU B 701 27.76 10.94 -60.72
C LEU B 701 28.31 9.57 -60.33
N ARG B 702 29.64 9.52 -60.20
CA ARG B 702 30.35 8.29 -59.89
C ARG B 702 30.22 7.66 -58.52
N LEU B 703 30.15 6.34 -58.50
CA LEU B 703 30.09 5.55 -57.27
C LEU B 703 30.16 4.07 -57.66
N CYS B 704 30.18 3.18 -56.68
CA CYS B 704 30.23 1.74 -56.97
C CYS B 704 28.87 1.08 -56.83
N ALA B 705 28.73 -0.12 -57.38
CA ALA B 705 27.46 -0.84 -57.35
C ALA B 705 26.96 -1.23 -55.97
N ASN B 706 27.87 -1.58 -55.08
CA ASN B 706 27.49 -2.00 -53.73
C ASN B 706 27.05 -0.83 -52.83
N LEU B 707 27.15 0.39 -53.36
CA LEU B 707 26.73 1.60 -52.65
C LEU B 707 25.65 2.32 -53.48
N ARG B 708 25.20 1.65 -54.53
CA ARG B 708 24.21 2.19 -55.47
C ARG B 708 22.91 2.63 -54.79
N MET B 709 22.61 2.04 -53.63
CA MET B 709 21.39 2.36 -52.91
C MET B 709 21.61 3.40 -51.81
N PHE B 710 22.87 3.58 -51.39
CA PHE B 710 23.15 4.50 -50.30
C PHE B 710 22.65 5.93 -50.43
N PRO B 711 22.95 6.61 -51.56
CA PRO B 711 22.45 7.99 -51.67
C PRO B 711 20.92 8.04 -51.66
N LEU B 712 20.29 7.07 -52.31
CA LEU B 712 18.83 7.00 -52.35
C LEU B 712 18.25 6.82 -50.95
N LEU B 713 18.87 5.94 -50.16
CA LEU B 713 18.40 5.69 -48.80
C LEU B 713 18.56 6.90 -47.88
N MET B 714 19.73 7.51 -47.87
CA MET B 714 19.94 8.67 -47.02
C MET B 714 18.97 9.78 -47.34
N HIS B 715 18.73 10.03 -48.63
CA HIS B 715 17.80 11.06 -49.06
C HIS B 715 16.38 10.75 -48.55
N SER B 716 15.97 9.50 -48.68
CA SER B 716 14.65 9.11 -48.22
C SER B 716 14.57 9.41 -46.72
N LEU B 717 15.69 9.21 -46.04
CA LEU B 717 15.75 9.43 -44.60
C LEU B 717 15.33 10.86 -44.24
N THR B 718 15.89 11.83 -44.96
CA THR B 718 15.57 13.24 -44.74
C THR B 718 14.08 13.52 -44.98
N LYS B 719 13.39 12.60 -45.67
CA LYS B 719 11.96 12.74 -45.95
C LYS B 719 11.13 11.91 -44.99
N HIS B 720 11.80 11.20 -44.10
CA HIS B 720 11.11 10.37 -43.13
C HIS B 720 10.47 11.21 -42.03
N MET B 721 9.46 10.62 -41.39
CA MET B 721 8.73 11.29 -40.33
C MET B 721 9.63 11.79 -39.18
N ALA B 722 10.71 11.07 -38.92
CA ALA B 722 11.62 11.43 -37.84
C ALA B 722 12.54 12.61 -38.16
N PHE B 723 12.73 12.92 -39.44
CA PHE B 723 13.62 14.02 -39.78
C PHE B 723 13.02 15.11 -40.67
N ARG B 724 11.83 14.88 -41.21
CA ARG B 724 11.18 15.88 -42.05
C ARG B 724 11.41 17.31 -41.58
N SER B 725 11.42 18.22 -42.53
CA SER B 725 11.56 19.63 -42.23
C SER B 725 10.11 20.09 -42.34
N GLY B 726 9.54 20.57 -41.24
CA GLY B 726 8.17 21.01 -41.32
C GLY B 726 7.42 20.84 -40.02
N ILE B 727 6.14 20.51 -40.13
CA ILE B 727 5.30 20.34 -38.95
C ILE B 727 4.96 18.87 -38.72
N VAL B 728 5.34 18.36 -37.55
CA VAL B 728 5.07 16.97 -37.18
C VAL B 728 4.81 16.94 -35.67
N PRO B 729 3.72 16.29 -35.25
CA PRO B 729 3.35 16.19 -33.84
C PRO B 729 4.44 15.60 -32.93
N SER B 730 4.80 16.36 -31.91
CA SER B 730 5.82 15.97 -30.93
C SER B 730 5.88 14.46 -30.75
N ASP B 731 4.73 13.82 -30.52
CA ASP B 731 4.68 12.37 -30.32
C ASP B 731 5.07 11.54 -31.55
N HIS B 732 4.50 11.88 -32.71
CA HIS B 732 4.79 11.16 -33.96
C HIS B 732 6.28 11.19 -34.30
N ARG B 733 6.88 12.36 -34.15
CA ARG B 733 8.29 12.52 -34.42
C ARG B 733 9.11 11.70 -33.41
N ALA B 734 8.72 11.78 -32.14
CA ALA B 734 9.43 11.07 -31.10
C ALA B 734 9.29 9.57 -31.31
N SER B 735 8.09 9.12 -31.67
CA SER B 735 7.85 7.70 -31.90
C SER B 735 8.62 7.22 -33.12
N ALA B 736 8.72 8.07 -34.12
CA ALA B 736 9.45 7.74 -35.34
C ALA B 736 10.92 7.52 -34.99
N LEU B 737 11.55 8.51 -34.40
CA LEU B 737 12.93 8.43 -33.98
C LEU B 737 13.20 7.18 -33.12
N ASN B 738 12.26 6.83 -32.26
CA ASN B 738 12.42 5.67 -31.39
C ASN B 738 12.40 4.39 -32.21
N ASN B 739 11.52 4.39 -33.20
CA ASN B 739 11.34 3.28 -34.12
C ASN B 739 12.63 3.01 -34.87
N LEU B 740 13.03 4.00 -35.66
CA LEU B 740 14.23 3.92 -36.45
C LEU B 740 15.44 3.48 -35.64
N GLU B 741 15.58 4.03 -34.44
CA GLU B 741 16.73 3.73 -33.57
C GLU B 741 16.82 2.31 -33.05
N SER B 742 15.74 1.53 -33.14
CA SER B 742 15.76 0.18 -32.61
C SER B 742 15.23 -0.91 -33.53
N LEU B 743 14.76 -0.51 -34.69
CA LEU B 743 14.21 -1.45 -35.67
C LEU B 743 15.29 -2.43 -36.21
N PRO B 744 14.94 -3.71 -36.43
CA PRO B 744 15.97 -4.63 -36.96
C PRO B 744 16.27 -4.18 -38.40
N LEU B 745 17.49 -4.38 -38.88
CA LEU B 745 17.86 -3.91 -40.23
C LEU B 745 16.86 -4.17 -41.35
N LYS B 746 16.36 -5.40 -41.40
CA LYS B 746 15.39 -5.82 -42.41
C LYS B 746 14.24 -4.83 -42.51
N TYR B 747 13.74 -4.37 -41.36
CA TYR B 747 12.63 -3.41 -41.36
C TYR B 747 13.07 -1.97 -41.38
N LEU B 748 14.25 -1.68 -40.88
CA LEU B 748 14.70 -0.30 -40.89
C LEU B 748 14.64 0.22 -42.32
N ILE B 749 15.02 -0.62 -43.27
CA ILE B 749 15.04 -0.22 -44.67
C ILE B 749 13.64 -0.03 -45.26
N LYS B 750 12.74 -0.99 -45.04
CA LYS B 750 11.38 -0.87 -45.56
C LYS B 750 10.71 0.39 -45.05
N ASN B 751 11.17 0.86 -43.90
CA ASN B 751 10.64 2.04 -43.24
C ASN B 751 11.11 3.29 -43.99
N ILE B 752 12.40 3.31 -44.34
CA ILE B 752 12.99 4.45 -45.04
C ILE B 752 12.49 4.55 -46.48
N TYR B 753 12.51 3.42 -47.19
CA TYR B 753 12.05 3.36 -48.57
C TYR B 753 11.06 2.20 -48.63
N PRO B 754 9.76 2.52 -48.69
CA PRO B 754 8.66 1.56 -48.73
C PRO B 754 8.61 0.58 -49.91
N ASP B 755 7.95 -0.55 -49.68
CA ASP B 755 7.76 -1.58 -50.70
C ASP B 755 6.41 -1.32 -51.36
N VAL B 756 6.45 -0.82 -52.59
CA VAL B 756 5.22 -0.55 -53.33
C VAL B 756 4.93 -1.72 -54.26
N TYR B 757 3.68 -2.16 -54.31
CA TYR B 757 3.32 -3.28 -55.17
C TYR B 757 2.13 -2.89 -56.05
N SER B 758 2.31 -2.94 -57.38
CA SER B 758 1.21 -2.63 -58.29
C SER B 758 0.49 -3.98 -58.40
N LEU B 759 -0.77 -4.01 -57.97
CA LEU B 759 -1.52 -5.25 -57.99
C LEU B 759 -2.40 -5.53 -59.20
N HIS B 760 -2.56 -4.55 -60.09
CA HIS B 760 -3.36 -4.78 -61.28
C HIS B 760 -2.56 -5.54 -62.34
N ASP B 761 -1.26 -5.29 -62.44
CA ASP B 761 -0.41 -5.98 -63.40
C ASP B 761 -0.04 -7.32 -62.79
N MET B 762 0.21 -7.30 -61.49
CA MET B 762 0.58 -8.46 -60.69
C MET B 762 0.58 -9.83 -61.41
N ALA B 763 1.63 -10.60 -61.22
CA ALA B 763 1.74 -11.91 -61.85
C ALA B 763 0.54 -12.77 -61.49
N ASP B 764 0.50 -13.98 -62.02
CA ASP B 764 -0.61 -14.87 -61.72
C ASP B 764 -0.20 -15.95 -60.73
N GLU B 765 1.10 -16.19 -60.65
CA GLU B 765 1.61 -17.21 -59.76
C GLU B 765 1.77 -16.64 -58.33
N ALA B 766 1.25 -15.44 -58.08
CA ALA B 766 1.34 -14.80 -56.79
C ALA B 766 0.54 -15.57 -55.73
N GLY B 767 -0.54 -14.94 -55.26
CA GLY B 767 -1.47 -15.54 -54.30
C GLY B 767 -1.06 -16.63 -53.32
N LEU B 768 -0.33 -17.67 -53.75
CA LEU B 768 0.02 -18.76 -52.86
C LEU B 768 1.41 -19.31 -53.18
N PRO B 769 1.92 -20.25 -52.35
CA PRO B 769 3.25 -20.79 -52.65
C PRO B 769 3.37 -21.26 -54.11
N GLY B 779 3.74 -22.94 -46.46
CA GLY B 779 2.47 -22.30 -46.76
C GLY B 779 2.59 -20.79 -46.84
N THR B 780 3.67 -20.33 -47.45
CA THR B 780 3.97 -18.90 -47.61
C THR B 780 3.43 -18.27 -48.90
N ILE B 781 2.63 -17.22 -48.75
CA ILE B 781 2.05 -16.51 -49.88
C ILE B 781 3.14 -15.83 -50.72
N VAL B 782 3.05 -15.96 -52.04
CA VAL B 782 4.03 -15.36 -52.95
C VAL B 782 3.74 -13.87 -53.18
N LEU B 783 4.79 -13.05 -53.16
CA LEU B 783 4.62 -11.61 -53.33
C LEU B 783 5.17 -11.02 -54.62
N PRO B 784 4.57 -9.90 -55.08
CA PRO B 784 4.92 -9.16 -56.30
C PRO B 784 6.28 -8.45 -56.18
N GLN B 785 6.87 -8.09 -57.31
CA GLN B 785 8.14 -7.38 -57.28
C GLN B 785 7.82 -5.93 -56.96
N PRO B 786 8.47 -5.36 -55.93
CA PRO B 786 8.22 -3.96 -55.56
C PRO B 786 8.67 -2.99 -56.64
N ILE B 787 7.84 -1.97 -56.89
CA ILE B 787 8.14 -0.95 -57.89
C ILE B 787 8.77 0.25 -57.19
N ASN B 788 9.22 1.23 -57.97
CA ASN B 788 9.83 2.41 -57.37
C ASN B 788 8.79 3.23 -56.62
N ALA B 789 9.26 3.87 -55.54
CA ALA B 789 8.41 4.72 -54.70
C ALA B 789 8.35 6.09 -55.35
N THR B 790 7.65 6.15 -56.48
CA THR B 790 7.48 7.38 -57.23
C THR B 790 6.02 7.53 -57.63
N SER B 791 5.53 8.76 -57.58
CA SER B 791 4.14 9.04 -57.93
C SER B 791 3.88 8.64 -59.38
N SER B 792 4.93 8.78 -60.18
CA SER B 792 4.88 8.45 -61.60
C SER B 792 4.25 7.09 -61.90
N LEU B 793 4.95 6.02 -61.54
CA LEU B 793 4.49 4.67 -61.79
C LEU B 793 3.03 4.39 -61.49
N PHE B 794 2.39 5.24 -60.69
CA PHE B 794 0.97 5.05 -60.34
C PHE B 794 0.00 5.40 -61.49
N GLU B 795 -0.43 4.37 -62.21
CA GLU B 795 -1.36 4.54 -63.33
C GLU B 795 -2.74 4.96 -62.82
N ARG B 796 -3.25 6.03 -63.39
CA ARG B 796 -4.55 6.61 -63.04
C ARG B 796 -5.74 5.64 -63.07
N TYR B 797 -5.45 4.35 -63.21
CA TYR B 797 -6.49 3.33 -63.28
C TYR B 797 -6.08 2.02 -62.61
N GLY B 798 -4.94 2.04 -61.91
CA GLY B 798 -4.45 0.82 -61.27
C GLY B 798 -4.73 0.65 -59.78
N LEU B 799 -4.24 -0.46 -59.25
CA LEU B 799 -4.38 -0.79 -57.84
C LEU B 799 -3.00 -0.99 -57.24
N TYR B 800 -2.67 -0.22 -56.21
CA TYR B 800 -1.36 -0.32 -55.58
C TYR B 800 -1.43 -0.58 -54.08
N LEU B 801 -0.32 -1.08 -53.55
CA LEU B 801 -0.21 -1.40 -52.13
C LEU B 801 1.11 -0.93 -51.54
N ILE B 802 1.12 0.25 -50.93
CA ILE B 802 2.33 0.75 -50.31
C ILE B 802 2.50 0.09 -48.94
N ASP B 803 3.75 -0.17 -48.56
CA ASP B 803 4.06 -0.78 -47.27
C ASP B 803 5.32 -0.13 -46.71
N ASN B 804 5.15 0.77 -45.76
CA ASN B 804 6.27 1.48 -45.15
C ASN B 804 6.68 0.92 -43.80
N GLY B 805 6.28 -0.31 -43.52
CA GLY B 805 6.64 -0.93 -42.27
C GLY B 805 5.74 -0.61 -41.10
N ASN B 806 5.04 0.51 -41.16
CA ASN B 806 4.12 0.94 -40.08
C ASN B 806 2.65 0.79 -40.49
N GLU B 807 2.31 1.48 -41.59
CA GLU B 807 0.97 1.47 -42.13
C GLU B 807 0.92 0.60 -43.39
N LEU B 808 -0.24 0.57 -44.02
CA LEU B 808 -0.44 -0.17 -45.25
C LEU B 808 -1.47 0.57 -46.08
N PHE B 809 -1.03 1.13 -47.19
CA PHE B 809 -1.91 1.86 -48.09
C PHE B 809 -2.35 1.01 -49.28
N LEU B 810 -3.61 1.17 -49.67
CA LEU B 810 -4.18 0.47 -50.82
C LEU B 810 -4.76 1.60 -51.67
N TRP B 811 -4.00 2.03 -52.66
CA TRP B 811 -4.39 3.13 -53.53
C TRP B 811 -4.98 2.60 -54.84
N MET B 812 -6.26 2.94 -55.07
CA MET B 812 -6.94 2.52 -56.30
C MET B 812 -7.18 3.72 -57.20
N GLY B 813 -6.64 3.68 -58.41
CA GLY B 813 -6.80 4.77 -59.34
C GLY B 813 -8.25 5.21 -59.45
N GLY B 814 -8.47 6.51 -59.51
CA GLY B 814 -9.83 7.04 -59.59
C GLY B 814 -10.63 6.61 -60.82
N ASP B 815 -9.95 6.05 -61.81
CA ASP B 815 -10.63 5.62 -63.02
C ASP B 815 -10.23 4.22 -63.43
N ALA B 816 -10.63 3.25 -62.63
CA ALA B 816 -10.32 1.86 -62.89
C ALA B 816 -11.57 1.09 -63.30
N VAL B 817 -11.37 -0.03 -63.98
CA VAL B 817 -12.46 -0.88 -64.43
C VAL B 817 -13.33 -1.28 -63.25
N PRO B 818 -14.65 -1.39 -63.46
CA PRO B 818 -15.54 -1.78 -62.35
C PRO B 818 -15.12 -3.12 -61.76
N ALA B 819 -13.94 -3.61 -62.18
CA ALA B 819 -13.40 -4.85 -61.67
C ALA B 819 -12.97 -4.58 -60.24
N LEU B 820 -13.46 -3.47 -59.70
CA LEU B 820 -13.19 -3.06 -58.33
C LEU B 820 -13.88 -4.09 -57.45
N VAL B 821 -15.07 -4.51 -57.88
CA VAL B 821 -15.86 -5.50 -57.15
C VAL B 821 -14.97 -6.67 -56.74
N PHE B 822 -13.85 -6.83 -57.45
CA PHE B 822 -12.89 -7.89 -57.16
C PHE B 822 -12.05 -7.46 -55.97
N PHE B 848 -9.52 -13.79 -57.20
CA PHE B 848 -8.58 -12.67 -57.14
C PHE B 848 -8.62 -12.02 -55.78
N ASN B 849 -9.84 -11.73 -55.30
CA ASN B 849 -10.00 -11.10 -53.99
C ASN B 849 -9.19 -11.88 -52.96
N GLN B 850 -9.11 -13.20 -53.14
CA GLN B 850 -8.35 -14.05 -52.23
C GLN B 850 -6.89 -13.60 -52.24
N ARG B 851 -6.40 -13.25 -53.43
CA ARG B 851 -5.02 -12.80 -53.60
C ARG B 851 -4.71 -11.55 -52.76
N VAL B 852 -5.36 -10.44 -53.09
CA VAL B 852 -5.16 -9.19 -52.38
C VAL B 852 -5.29 -9.38 -50.87
N ARG B 853 -6.33 -10.08 -50.44
CA ARG B 853 -6.51 -10.33 -49.02
C ARG B 853 -5.35 -11.17 -48.50
N ASN B 854 -4.88 -12.10 -49.33
CA ASN B 854 -3.77 -12.99 -49.00
C ASN B 854 -2.47 -12.22 -48.78
N ILE B 855 -2.13 -11.38 -49.76
CA ILE B 855 -0.93 -10.56 -49.70
C ILE B 855 -0.91 -9.76 -48.40
N ILE B 856 -1.92 -8.91 -48.20
CA ILE B 856 -2.00 -8.10 -47.00
C ILE B 856 -1.79 -8.93 -45.74
N ASN B 857 -2.38 -10.12 -45.68
CA ASN B 857 -2.20 -10.96 -44.51
C ASN B 857 -0.71 -11.26 -44.35
N GLN B 858 -0.05 -11.47 -45.49
CA GLN B 858 1.38 -11.77 -45.52
C GLN B 858 2.20 -10.64 -44.89
N LEU B 859 2.13 -9.46 -45.51
CA LEU B 859 2.86 -8.28 -45.04
C LEU B 859 2.63 -7.93 -43.57
N ARG B 860 1.72 -8.65 -42.91
CA ARG B 860 1.40 -8.39 -41.52
C ARG B 860 1.97 -9.45 -40.60
N ASN B 861 1.66 -10.71 -40.90
CA ASN B 861 2.13 -11.81 -40.10
C ASN B 861 3.63 -12.05 -40.22
N HIS B 862 4.35 -11.60 -39.19
CA HIS B 862 5.80 -11.72 -39.09
C HIS B 862 6.12 -12.51 -37.83
N ASP B 863 7.29 -13.16 -37.80
CA ASP B 863 7.68 -13.96 -36.65
C ASP B 863 8.90 -13.36 -35.93
N ASP B 864 9.38 -12.23 -36.42
CA ASP B 864 10.55 -11.59 -35.83
C ASP B 864 10.28 -10.22 -35.19
N VAL B 865 9.04 -9.73 -35.30
CA VAL B 865 8.64 -8.47 -34.70
C VAL B 865 7.17 -8.58 -34.31
N ILE B 866 6.65 -7.62 -33.54
CA ILE B 866 5.24 -7.68 -33.12
C ILE B 866 4.30 -6.88 -34.00
N THR B 867 4.85 -5.87 -34.68
CA THR B 867 4.09 -4.99 -35.56
C THR B 867 2.83 -5.55 -36.23
N TYR B 868 1.80 -4.71 -36.29
CA TYR B 868 0.55 -5.06 -36.96
C TYR B 868 0.17 -3.89 -37.86
N GLN B 869 0.28 -4.12 -39.15
CA GLN B 869 0.00 -3.12 -40.18
C GLN B 869 -1.46 -2.67 -40.28
N SER B 870 -1.71 -1.40 -40.01
CA SER B 870 -3.06 -0.88 -40.14
C SER B 870 -3.26 -0.39 -41.57
N LEU B 871 -4.18 -1.02 -42.30
CA LEU B 871 -4.47 -0.69 -43.70
C LEU B 871 -5.23 0.62 -43.91
N TYR B 872 -4.92 1.31 -45.01
CA TYR B 872 -5.54 2.59 -45.37
C TYR B 872 -5.92 2.64 -46.84
N ILE B 873 -7.22 2.52 -47.12
CA ILE B 873 -7.69 2.55 -48.51
C ILE B 873 -7.91 3.95 -49.06
N VAL B 874 -7.44 4.18 -50.30
CA VAL B 874 -7.59 5.49 -50.93
C VAL B 874 -8.06 5.37 -52.38
N ARG B 875 -8.55 6.48 -52.93
CA ARG B 875 -9.03 6.51 -54.31
C ARG B 875 -7.99 7.14 -55.26
N ALA B 888 -13.99 15.22 -49.99
CA ALA B 888 -13.17 16.17 -50.74
C ALA B 888 -11.99 16.64 -49.90
N ARG B 889 -12.10 16.43 -48.58
CA ARG B 889 -11.03 16.81 -47.66
C ARG B 889 -10.39 15.55 -47.11
N GLU B 890 -11.22 14.63 -46.62
CA GLU B 890 -10.72 13.38 -46.07
C GLU B 890 -9.87 12.65 -47.10
N VAL B 891 -10.44 12.41 -48.28
CA VAL B 891 -9.71 11.72 -49.34
C VAL B 891 -8.45 12.50 -49.70
N ALA B 892 -8.53 13.82 -49.59
CA ALA B 892 -7.40 14.69 -49.89
C ALA B 892 -6.24 14.42 -48.94
N THR B 893 -6.56 14.23 -47.66
CA THR B 893 -5.54 13.96 -46.64
C THR B 893 -4.92 12.58 -46.83
N LEU B 894 -5.76 11.55 -46.99
CA LEU B 894 -5.27 10.20 -47.20
C LEU B 894 -4.33 10.25 -48.41
N ARG B 895 -4.70 11.06 -49.38
CA ARG B 895 -3.91 11.22 -50.58
C ARG B 895 -2.58 11.88 -50.28
N LEU B 896 -2.60 13.10 -49.75
CA LEU B 896 -1.35 13.79 -49.41
C LEU B 896 -0.47 12.90 -48.56
N TRP B 897 -1.08 12.15 -47.64
CA TRP B 897 -0.32 11.27 -46.77
C TRP B 897 0.31 10.10 -47.53
N ALA B 898 -0.51 9.27 -48.17
CA ALA B 898 0.01 8.15 -48.97
C ALA B 898 1.00 8.67 -50.00
N SER B 899 0.72 9.88 -50.46
CA SER B 899 1.55 10.56 -51.44
C SER B 899 2.95 10.80 -50.90
N SER B 900 3.05 11.06 -49.60
CA SER B 900 4.33 11.33 -48.96
C SER B 900 5.17 10.09 -48.68
N THR B 901 4.60 8.90 -48.86
CA THR B 901 5.36 7.68 -48.60
C THR B 901 6.26 7.33 -49.79
N LEU B 902 6.04 7.99 -50.92
CA LEU B 902 6.82 7.74 -52.13
C LEU B 902 7.98 8.73 -52.23
N VAL B 903 8.95 8.57 -51.32
CA VAL B 903 10.12 9.44 -51.19
C VAL B 903 11.01 9.73 -52.39
N GLU B 904 10.63 9.25 -53.57
CA GLU B 904 11.45 9.53 -54.75
C GLU B 904 11.04 10.85 -55.41
N ASP B 905 9.77 11.22 -55.26
CA ASP B 905 9.23 12.45 -55.87
C ASP B 905 9.59 13.69 -55.07
N LYS B 906 9.12 14.84 -55.56
CA LYS B 906 9.37 16.09 -54.87
C LYS B 906 8.22 16.17 -53.89
N ILE B 907 8.52 15.92 -52.61
CA ILE B 907 7.47 15.93 -51.62
C ILE B 907 7.86 16.71 -50.38
N LEU B 908 6.85 17.14 -49.66
CA LEU B 908 7.06 17.89 -48.43
C LEU B 908 8.05 19.02 -48.70
N ASN B 909 7.85 19.67 -49.84
CA ASN B 909 8.69 20.78 -50.27
C ASN B 909 10.16 20.39 -50.36
N ASN B 910 10.43 19.11 -50.11
CA ASN B 910 11.78 18.58 -50.17
C ASN B 910 12.02 18.19 -51.64
N GLU B 911 13.28 18.28 -52.07
CA GLU B 911 13.65 17.94 -53.44
C GLU B 911 13.23 16.52 -53.84
N SER B 912 13.37 16.21 -55.12
CA SER B 912 13.05 14.88 -55.64
C SER B 912 14.39 14.14 -55.64
N TYR B 913 14.38 12.83 -55.82
CA TYR B 913 15.63 12.09 -55.82
C TYR B 913 16.55 12.54 -56.98
N ARG B 914 15.97 12.73 -58.16
CA ARG B 914 16.77 13.17 -59.31
C ARG B 914 17.45 14.49 -59.01
N GLU B 915 16.70 15.41 -58.43
CA GLU B 915 17.26 16.71 -58.10
C GLU B 915 18.35 16.59 -57.02
N PHE B 916 18.15 15.63 -56.13
CA PHE B 916 19.10 15.37 -55.05
C PHE B 916 20.47 15.14 -55.69
N LEU B 917 20.56 14.12 -56.53
CA LEU B 917 21.79 13.78 -57.25
C LEU B 917 22.30 14.99 -58.01
N GLN B 918 21.36 15.71 -58.64
CA GLN B 918 21.70 16.91 -59.40
C GLN B 918 22.37 17.92 -58.47
N ILE B 919 21.82 18.06 -57.27
CA ILE B 919 22.36 18.98 -56.28
C ILE B 919 23.72 18.53 -55.79
N MET B 920 23.80 17.28 -55.34
CA MET B 920 25.04 16.69 -54.86
C MET B 920 26.15 16.83 -55.88
N LYS B 921 25.86 16.44 -57.12
CA LYS B 921 26.87 16.54 -58.16
C LYS B 921 27.47 17.93 -58.16
N ALA B 922 26.60 18.94 -58.27
CA ALA B 922 27.04 20.32 -58.28
C ALA B 922 27.92 20.63 -57.07
N ARG B 923 27.46 20.23 -55.89
CA ARG B 923 28.18 20.47 -54.67
C ARG B 923 29.60 19.90 -54.66
N ILE B 924 29.74 18.65 -55.07
CA ILE B 924 31.07 18.02 -55.06
C ILE B 924 31.94 18.50 -56.22
N SER B 925 31.31 18.92 -57.31
CA SER B 925 32.06 19.39 -58.46
C SER B 925 32.75 20.70 -58.08
N LYS B 926 33.98 20.89 -58.59
CA LYS B 926 34.75 22.09 -58.33
C LYS B 926 34.15 23.30 -59.04
ZN ZN C . -35.39 29.04 37.83
ZN ZN D . 43.63 -13.65 -26.53
#